data_3VFK
# 
_entry.id   3VFK 
# 
_audit_conform.dict_name       mmcif_pdbx.dic 
_audit_conform.dict_version    5.382 
_audit_conform.dict_location   http://mmcif.pdb.org/dictionaries/ascii/mmcif_pdbx.dic 
# 
loop_
_database_2.database_id 
_database_2.database_code 
_database_2.pdbx_database_accession 
_database_2.pdbx_DOI 
PDB   3VFK         pdb_00003vfk 10.2210/pdb3vfk/pdb 
RCSB  RCSB069982   ?            ?                   
WWPDB D_1000069982 ?            ?                   
# 
loop_
_pdbx_database_related.db_name 
_pdbx_database_related.db_id 
_pdbx_database_related.details 
_pdbx_database_related.content_type 
PDB 1JW4 'Native MBP structure used for molecular replacement'                                         unspecified 
PDB 3RUN 'same crystallographic strategy: vancomycin bound to a T4 lysozyme-substrate fusion'          unspecified 
PDB 3RUL 'same crystallographic strategy: dalbavancin bound to the same ubiquitin fusion'              unspecified 
PDB 3RUM 'same crystallographic strategy: ristocetin bound to a MBP-substrate fusion'                  unspecified 
PDB 3VFJ 'The structure of monodechloro-teicoplanin in complex with its ligand, using MBP as a ligand' unspecified 
# 
_pdbx_database_status.status_code                     REL 
_pdbx_database_status.entry_id                        3VFK 
_pdbx_database_status.recvd_initial_deposition_date   2012-01-09 
_pdbx_database_status.deposit_site                    RCSB 
_pdbx_database_status.process_site                    RCSB 
_pdbx_database_status.status_code_sf                  REL 
_pdbx_database_status.status_code_mr                  ? 
_pdbx_database_status.SG_entry                        ? 
_pdbx_database_status.status_code_cs                  ? 
_pdbx_database_status.methods_development_category    ? 
_pdbx_database_status.pdb_format_compatible           Y 
_pdbx_database_status.status_code_nmr_data            ? 
# 
loop_
_audit_author.name 
_audit_author.pdbx_ordinal 
'Economou, N.J.' 1 
'Weeks, S.D.'    2 
'Grasty, K.C.'   3 
'Loll, P.J.'     4 
# 
_citation.id                        primary 
_citation.title                     
'Structure of the complex between teicoplanin and a bacterial cell-wall peptide: use of a carrier-protein approach.' 
_citation.journal_abbrev            'Acta Crystallogr.,Sect.D' 
_citation.journal_volume            69 
_citation.page_first                520 
_citation.page_last                 533 
_citation.year                      2013 
_citation.journal_id_ASTM           ABCRE6 
_citation.country                   DK 
_citation.journal_id_ISSN           0907-4449 
_citation.journal_id_CSD            0766 
_citation.book_publisher            ? 
_citation.pdbx_database_id_PubMed   23519660 
_citation.pdbx_database_id_DOI      10.1107/S0907444912050469 
# 
loop_
_citation_author.citation_id 
_citation_author.name 
_citation_author.ordinal 
_citation_author.identifier_ORCID 
primary 'Economou, N.J.' 1 ? 
primary 'Zentner, I.J.'  2 ? 
primary 'Lazo, E.'       3 ? 
primary 'Jakoncic, J.'   4 ? 
primary 'Stojanoff, V.'  5 ? 
primary 'Weeks, S.D.'    6 ? 
primary 'Grasty, K.C.'   7 ? 
primary 'Cocklin, S.'    8 ? 
primary 'Loll, P.J.'     9 ? 
# 
_cell.entry_id           3VFK 
_cell.length_a           88.010 
_cell.length_b           25.180 
_cell.length_c           38.710 
_cell.angle_alpha        90.00 
_cell.angle_beta         109.18 
_cell.angle_gamma        90.00 
_cell.Z_PDB              4 
_cell.pdbx_unique_axis   ? 
_cell.length_a_esd       ? 
_cell.length_b_esd       ? 
_cell.length_c_esd       ? 
_cell.angle_alpha_esd    ? 
_cell.angle_beta_esd     ? 
_cell.angle_gamma_esd    ? 
# 
_symmetry.entry_id                         3VFK 
_symmetry.space_group_name_H-M             'C 1 2 1' 
_symmetry.pdbx_full_space_group_name_H-M   ? 
_symmetry.cell_setting                     ? 
_symmetry.Int_Tables_number                5 
_symmetry.space_group_name_Hall            ? 
# 
loop_
_entity.id 
_entity.type 
_entity.src_method 
_entity.pdbx_description 
_entity.formula_weight 
_entity.pdbx_number_of_molecules 
_entity.pdbx_ec 
_entity.pdbx_mutation 
_entity.pdbx_fragment 
_entity.details 
1 polymer     man 'ubiquitin, C-terminal fused by Cys-Lys-D-Ala-D-Ala' 8952.293 1  ? ? ? ? 
2 polymer     nat 'MonodeChloro- Teicoplanin A2-2'                     1172.539 1  ? ? ? ? 
3 non-polymer man 2-amino-2-deoxy-beta-D-glucopyranose                 179.171  1  ? ? ? ? 
4 non-polymer syn '8-METHYLNONANOIC ACID'                              172.265  1  ? ? ? ? 
5 non-polymer man 2-acetamido-2-deoxy-beta-D-glucopyranose             221.208  1  ? ? ? ? 
6 non-polymer man alpha-D-mannopyranose                                180.156  1  ? ? ? ? 
7 water       nat water                                                18.015   10 ? ? ? ? 
# 
_entity_name_com.entity_id   1 
_entity_name_com.name        Ubiquitin 
# 
loop_
_entity_poly.entity_id 
_entity_poly.type 
_entity_poly.nstd_linkage 
_entity_poly.nstd_monomer 
_entity_poly.pdbx_seq_one_letter_code 
_entity_poly.pdbx_seq_one_letter_code_can 
_entity_poly.pdbx_strand_id 
_entity_poly.pdbx_target_identifier 
1 'polypeptide(L)' no yes 
;MQIFVKTLTGKTITLEVEPSDTIENVKAKIQDKEGIPPDQQRLIFAGKQLEDGRTLSDYNIQKESTLHLVLRLRG(CCS)
K(DAL)(DAL)
;
MQIFVKTLTGKTITLEVEPSDTIENVKAKIQDKEGIPPDQQRLIFAGKQLEDGRTLSDYNIQKESTLHLVLRLRGCKAA A ? 
2 'polypeptide(L)' no yes '(GHP)(3MY)(3FG)(GHP)(GHP)(OMX)(3FG)'                                                          GYXGGYX G 
? 
# 
loop_
_entity_poly_seq.entity_id 
_entity_poly_seq.num 
_entity_poly_seq.mon_id 
_entity_poly_seq.hetero 
1 1  MET n 
1 2  GLN n 
1 3  ILE n 
1 4  PHE n 
1 5  VAL n 
1 6  LYS n 
1 7  THR n 
1 8  LEU n 
1 9  THR n 
1 10 GLY n 
1 11 LYS n 
1 12 THR n 
1 13 ILE n 
1 14 THR n 
1 15 LEU n 
1 16 GLU n 
1 17 VAL n 
1 18 GLU n 
1 19 PRO n 
1 20 SER n 
1 21 ASP n 
1 22 THR n 
1 23 ILE n 
1 24 GLU n 
1 25 ASN n 
1 26 VAL n 
1 27 LYS n 
1 28 ALA n 
1 29 LYS n 
1 30 ILE n 
1 31 GLN n 
1 32 ASP n 
1 33 LYS n 
1 34 GLU n 
1 35 GLY n 
1 36 ILE n 
1 37 PRO n 
1 38 PRO n 
1 39 ASP n 
1 40 GLN n 
1 41 GLN n 
1 42 ARG n 
1 43 LEU n 
1 44 ILE n 
1 45 PHE n 
1 46 ALA n 
1 47 GLY n 
1 48 LYS n 
1 49 GLN n 
1 50 LEU n 
1 51 GLU n 
1 52 ASP n 
1 53 GLY n 
1 54 ARG n 
1 55 THR n 
1 56 LEU n 
1 57 SER n 
1 58 ASP n 
1 59 TYR n 
1 60 ASN n 
1 61 ILE n 
1 62 GLN n 
1 63 LYS n 
1 64 GLU n 
1 65 SER n 
1 66 THR n 
1 67 LEU n 
1 68 HIS n 
1 69 LEU n 
1 70 VAL n 
1 71 LEU n 
1 72 ARG n 
1 73 LEU n 
1 74 ARG n 
1 75 GLY n 
1 76 CCS n 
1 77 LYS n 
1 78 DAL n 
1 79 DAL n 
2 1  GHP n 
2 2  3MY n 
2 3  3FG n 
2 4  GHP n 
2 5  GHP n 
2 6  OMX n 
2 7  3FG n 
# 
_entity_src_gen.entity_id                          1 
_entity_src_gen.pdbx_src_id                        1 
_entity_src_gen.pdbx_alt_source_flag               sample 
_entity_src_gen.pdbx_seq_type                      ? 
_entity_src_gen.pdbx_beg_seq_num                   ? 
_entity_src_gen.pdbx_end_seq_num                   ? 
_entity_src_gen.gene_src_common_name               human 
_entity_src_gen.gene_src_genus                     ? 
_entity_src_gen.pdbx_gene_src_gene                 UBC 
_entity_src_gen.gene_src_species                   ? 
_entity_src_gen.gene_src_strain                    ? 
_entity_src_gen.gene_src_tissue                    ? 
_entity_src_gen.gene_src_tissue_fraction           ? 
_entity_src_gen.gene_src_details                   
'four C-terminal amino acids added non-recombinantly with native chemical ligation' 
_entity_src_gen.pdbx_gene_src_fragment             ? 
_entity_src_gen.pdbx_gene_src_scientific_name      'Homo sapiens' 
_entity_src_gen.pdbx_gene_src_ncbi_taxonomy_id     9606 
_entity_src_gen.pdbx_gene_src_variant              ? 
_entity_src_gen.pdbx_gene_src_cell_line            ? 
_entity_src_gen.pdbx_gene_src_atcc                 ? 
_entity_src_gen.pdbx_gene_src_organ                ? 
_entity_src_gen.pdbx_gene_src_organelle            ? 
_entity_src_gen.pdbx_gene_src_cell                 ? 
_entity_src_gen.pdbx_gene_src_cellular_location    ? 
_entity_src_gen.host_org_common_name               ? 
_entity_src_gen.pdbx_host_org_scientific_name      'Escherichia coli' 
_entity_src_gen.pdbx_host_org_ncbi_taxonomy_id     562 
_entity_src_gen.host_org_genus                     ? 
_entity_src_gen.pdbx_host_org_gene                 ? 
_entity_src_gen.pdbx_host_org_organ                ? 
_entity_src_gen.host_org_species                   ? 
_entity_src_gen.pdbx_host_org_tissue               ? 
_entity_src_gen.pdbx_host_org_tissue_fraction      ? 
_entity_src_gen.pdbx_host_org_strain               ? 
_entity_src_gen.pdbx_host_org_variant              ? 
_entity_src_gen.pdbx_host_org_cell_line            ? 
_entity_src_gen.pdbx_host_org_atcc                 ? 
_entity_src_gen.pdbx_host_org_culture_collection   ? 
_entity_src_gen.pdbx_host_org_cell                 ? 
_entity_src_gen.pdbx_host_org_organelle            ? 
_entity_src_gen.pdbx_host_org_cellular_location    ? 
_entity_src_gen.pdbx_host_org_vector_type          ? 
_entity_src_gen.pdbx_host_org_vector               ? 
_entity_src_gen.host_org_details                   ? 
_entity_src_gen.expression_system_id               ? 
_entity_src_gen.plasmid_name                       ? 
_entity_src_gen.plasmid_details                    ? 
_entity_src_gen.pdbx_description                   ? 
# 
_entity_src_nat.entity_id                  2 
_entity_src_nat.pdbx_src_id                1 
_entity_src_nat.pdbx_alt_source_flag       sample 
_entity_src_nat.pdbx_beg_seq_num           ? 
_entity_src_nat.pdbx_end_seq_num           ? 
_entity_src_nat.common_name                ? 
_entity_src_nat.pdbx_organism_scientific   'Actinoplanes teichomyceticus' 
_entity_src_nat.pdbx_ncbi_taxonomy_id      1867 
_entity_src_nat.genus                      ? 
_entity_src_nat.species                    ? 
_entity_src_nat.strain                     ? 
_entity_src_nat.tissue                     ? 
_entity_src_nat.tissue_fraction            ? 
_entity_src_nat.pdbx_secretion             ? 
_entity_src_nat.pdbx_fragment              ? 
_entity_src_nat.pdbx_variant               ? 
_entity_src_nat.pdbx_cell_line             ? 
_entity_src_nat.pdbx_atcc                  ? 
_entity_src_nat.pdbx_cellular_location     ? 
_entity_src_nat.pdbx_organ                 ? 
_entity_src_nat.pdbx_organelle             ? 
_entity_src_nat.pdbx_cell                  ? 
_entity_src_nat.pdbx_plasmid_name          ? 
_entity_src_nat.pdbx_plasmid_details       ? 
_entity_src_nat.details                    ? 
# 
loop_
_struct_ref.id 
_struct_ref.db_name 
_struct_ref.db_code 
_struct_ref.pdbx_db_accession 
_struct_ref.entity_id 
_struct_ref.pdbx_seq_one_letter_code 
_struct_ref.pdbx_align_begin 
_struct_ref.pdbx_db_isoform 
1 UNP UBC_HUMAN P0CG48 1 MQIFVKTLTGKTITLEVEPSDTIENVKAKIQDKEGIPPDQQRLIFAGKQLEDGRTLSDYNIQKESTLHLVLRLRG 1 ? 
2 PDB 3VFK      3VFK   2 ?                                                                           ? ? 
# 
loop_
_struct_ref_seq.align_id 
_struct_ref_seq.ref_id 
_struct_ref_seq.pdbx_PDB_id_code 
_struct_ref_seq.pdbx_strand_id 
_struct_ref_seq.seq_align_beg 
_struct_ref_seq.pdbx_seq_align_beg_ins_code 
_struct_ref_seq.seq_align_end 
_struct_ref_seq.pdbx_seq_align_end_ins_code 
_struct_ref_seq.pdbx_db_accession 
_struct_ref_seq.db_align_beg 
_struct_ref_seq.pdbx_db_align_beg_ins_code 
_struct_ref_seq.db_align_end 
_struct_ref_seq.pdbx_db_align_end_ins_code 
_struct_ref_seq.pdbx_auth_seq_align_beg 
_struct_ref_seq.pdbx_auth_seq_align_end 
1 1 3VFK A 1 ? 75 ? P0CG48 1 ? 75 ? 1 75 
2 2 3VFK G 1 ? 7  ? 3VFK   1 ? 7  ? 1 7  
# 
loop_
_struct_ref_seq_dif.align_id 
_struct_ref_seq_dif.pdbx_pdb_id_code 
_struct_ref_seq_dif.mon_id 
_struct_ref_seq_dif.pdbx_pdb_strand_id 
_struct_ref_seq_dif.seq_num 
_struct_ref_seq_dif.pdbx_pdb_ins_code 
_struct_ref_seq_dif.pdbx_seq_db_name 
_struct_ref_seq_dif.pdbx_seq_db_accession_code 
_struct_ref_seq_dif.db_mon_id 
_struct_ref_seq_dif.pdbx_seq_db_seq_num 
_struct_ref_seq_dif.details 
_struct_ref_seq_dif.pdbx_auth_seq_num 
_struct_ref_seq_dif.pdbx_ordinal 
1 3VFK CCS A 76 ? UNP P0CG48 ? ? 'SEE REMARK 999' 76 1 
1 3VFK LYS A 77 ? UNP P0CG48 ? ? 'SEE REMARK 999' 77 2 
1 3VFK DAL A 78 ? UNP P0CG48 ? ? 'SEE REMARK 999' 78 3 
1 3VFK DAL A 79 ? UNP P0CG48 ? ? 'SEE REMARK 999' 79 4 
# 
loop_
_chem_comp.id 
_chem_comp.type 
_chem_comp.mon_nstd_flag 
_chem_comp.name 
_chem_comp.pdbx_synonyms 
_chem_comp.formula 
_chem_comp.formula_weight 
3FG 'L-peptide linking'           . '(2S)-amino(3,5-dihydroxyphenyl)ethanoic acid' ? 'C8 H9 N O4'     183.161 
3MY 'D-peptide linking'           n 3-chloro-D-tyrosine                            ? 'C9 H10 Cl N O3' 215.634 
ALA 'L-peptide linking'           y ALANINE                                        ? 'C3 H7 N O2'     89.093  
ARG 'L-peptide linking'           y ARGININE                                       ? 'C6 H15 N4 O2 1' 175.209 
ASN 'L-peptide linking'           y ASPARAGINE                                     ? 'C4 H8 N2 O3'    132.118 
ASP 'L-peptide linking'           y 'ASPARTIC ACID'                                ? 'C4 H7 N O4'     133.103 
CCS 'L-peptide linking'           n 'CARBOXYMETHYLATED CYSTEINE'                   ? 'C5 H9 N O4 S'   179.194 
DAL 'D-peptide linking'           . D-ALANINE                                      ? 'C3 H7 N O2'     89.093  
GCS 'D-saccharide, beta linking'  . 2-amino-2-deoxy-beta-D-glucopyranose           
'beta-D-glucosamine; 2-amino-2-deoxy-beta-D-glucose; 2-amino-2-deoxy-D-glucose; 2-amino-2-deoxy-glucose; D-GLUCOSAMINE' 
'C6 H13 N O5'    179.171 
GHP 'D-peptide linking'           . '(2R)-amino(4-hydroxyphenyl)ethanoic acid'     ? 'C8 H9 N O3'     167.162 
GLN 'L-peptide linking'           y GLUTAMINE                                      ? 'C5 H10 N2 O3'   146.144 
GLU 'L-peptide linking'           y 'GLUTAMIC ACID'                                ? 'C5 H9 N O4'     147.129 
GLY 'peptide linking'             y GLYCINE                                        ? 'C2 H5 N O2'     75.067  
HIS 'L-peptide linking'           y HISTIDINE                                      ? 'C6 H10 N3 O2 1' 156.162 
HOH non-polymer                   . WATER                                          ? 'H2 O'           18.015  
ILE 'L-peptide linking'           y ISOLEUCINE                                     ? 'C6 H13 N O2'    131.173 
LEU 'L-peptide linking'           y LEUCINE                                        ? 'C6 H13 N O2'    131.173 
LYS 'L-peptide linking'           y LYSINE                                         ? 'C6 H15 N2 O2 1' 147.195 
MAN 'D-saccharide, alpha linking' . alpha-D-mannopyranose                          'alpha-D-mannose; D-mannose; mannose' 
'C6 H12 O6'      180.156 
MET 'L-peptide linking'           y METHIONINE                                     ? 'C5 H11 N O2 S'  149.211 
NAG 'D-saccharide, beta linking'  . 2-acetamido-2-deoxy-beta-D-glucopyranose       
;N-acetyl-beta-D-glucosamine; 2-acetamido-2-deoxy-beta-D-glucose; 2-acetamido-2-deoxy-D-glucose; 2-acetamido-2-deoxy-glucose; N-ACETYL-D-GLUCOSAMINE
;
'C8 H15 N O6'    221.208 
OMX 'L-peptide linking'           n '(betaR)-beta-hydroxy-L-Tyrosine'              ? 'C9 H11 N O4'    197.188 
PHE 'L-peptide linking'           y PHENYLALANINE                                  ? 'C9 H11 N O2'    165.189 
PRO 'L-peptide linking'           y PROLINE                                        ? 'C5 H9 N O2'     115.130 
SER 'L-peptide linking'           y SERINE                                         ? 'C3 H7 N O3'     105.093 
T55 non-polymer                   . '8-METHYLNONANOIC ACID'                        ? 'C10 H20 O2'     172.265 
THR 'L-peptide linking'           y THREONINE                                      ? 'C4 H9 N O3'     119.119 
TYR 'L-peptide linking'           y TYROSINE                                       ? 'C9 H11 N O3'    181.189 
VAL 'L-peptide linking'           y VALINE                                         ? 'C5 H11 N O2'    117.146 
# 
_exptl.entry_id          3VFK 
_exptl.method            'X-RAY DIFFRACTION' 
_exptl.crystals_number   2 
# 
_exptl_crystal.id                    1 
_exptl_crystal.density_meas          ? 
_exptl_crystal.density_Matthews      2.00 
_exptl_crystal.density_percent_sol   38.42 
_exptl_crystal.description           ? 
_exptl_crystal.F_000                 ? 
_exptl_crystal.preparation           ? 
# 
_exptl_crystal_grow.crystal_id      1 
_exptl_crystal_grow.method          'VAPOR DIFFUSION, HANGING DROP' 
_exptl_crystal_grow.temp            291 
_exptl_crystal_grow.temp_details    ? 
_exptl_crystal_grow.pH              4.6 
_exptl_crystal_grow.pdbx_pH_range   ? 
_exptl_crystal_grow.pdbx_details    
'0.1 M magnesium chloride, 0.1 M sodium acetate 4.6, 18% PEG 1500, VAPOR DIFFUSION, HANGING DROP, temperature 291K' 
# 
_diffrn.id                     1 
_diffrn.ambient_temp           93 
_diffrn.ambient_temp_details   ? 
_diffrn.crystal_id             1 
# 
_diffrn_detector.diffrn_id              1 
_diffrn_detector.detector               CCD 
_diffrn_detector.type                   'ADSC QUANTUM 315' 
_diffrn_detector.pdbx_collection_date   2009-04-10 
_diffrn_detector.details                ? 
# 
_diffrn_radiation.diffrn_id                        1 
_diffrn_radiation.wavelength_id                    1 
_diffrn_radiation.pdbx_monochromatic_or_laue_m_l   M 
_diffrn_radiation.monochromator                    'Cryogenically-cooled single crystal Si(111)side bounce monochromator' 
_diffrn_radiation.pdbx_diffrn_protocol             'SINGLE WAVELENGTH' 
_diffrn_radiation.pdbx_scattering_type             x-ray 
# 
_diffrn_radiation_wavelength.id           1 
_diffrn_radiation_wavelength.wavelength   0.9792 
_diffrn_radiation_wavelength.wt           1.0 
# 
_diffrn_source.diffrn_id                   1 
_diffrn_source.source                      SYNCHROTRON 
_diffrn_source.type                        'APS BEAMLINE 24-ID-E' 
_diffrn_source.pdbx_synchrotron_site       APS 
_diffrn_source.pdbx_synchrotron_beamline   24-ID-E 
_diffrn_source.pdbx_wavelength             ? 
_diffrn_source.pdbx_wavelength_list        0.9792 
# 
_reflns.pdbx_diffrn_id               1 
_reflns.pdbx_ordinal                 1 
_reflns.entry_id                     3VFK 
_reflns.observed_criterion_sigma_I   -3 
_reflns.observed_criterion_sigma_F   ? 
_reflns.d_resolution_low             19.294 
_reflns.d_resolution_high            2.8 
_reflns.number_obs                   2084 
_reflns.number_all                   ? 
_reflns.percent_possible_obs         99.2 
_reflns.pdbx_Rmerge_I_obs            ? 
_reflns.pdbx_Rsym_value              ? 
_reflns.pdbx_netI_over_sigmaI        ? 
_reflns.B_iso_Wilson_estimate        ? 
_reflns.pdbx_redundancy              ? 
_reflns.R_free_details               ? 
_reflns.limit_h_max                  ? 
_reflns.limit_h_min                  ? 
_reflns.limit_k_max                  ? 
_reflns.limit_k_min                  ? 
_reflns.limit_l_max                  ? 
_reflns.limit_l_min                  ? 
_reflns.observed_criterion_F_max     ? 
_reflns.observed_criterion_F_min     ? 
_reflns.pdbx_chi_squared             ? 
_reflns.pdbx_scaling_rejects         ? 
# 
_refine.pdbx_refine_id                           'X-RAY DIFFRACTION' 
_refine.entry_id                                 3VFK 
_refine.pdbx_diffrn_id                           1 
_refine.pdbx_TLS_residual_ADP_flag               ? 
_refine.ls_number_reflns_obs                     2084 
_refine.ls_number_reflns_all                     ? 
_refine.pdbx_ls_sigma_I                          ? 
_refine.pdbx_ls_sigma_F                          2.04 
_refine.pdbx_data_cutoff_high_absF               ? 
_refine.pdbx_data_cutoff_low_absF                ? 
_refine.pdbx_data_cutoff_high_rms_absF           ? 
_refine.ls_d_res_low                             19.294 
_refine.ls_d_res_high                            2.800 
_refine.ls_percent_reflns_obs                    99.95 
_refine.ls_R_factor_obs                          0.2789 
_refine.ls_R_factor_all                          ? 
_refine.ls_R_factor_R_work                       0.2776 
_refine.ls_R_factor_R_free                       0.3057 
_refine.ls_R_factor_R_free_error                 ? 
_refine.ls_R_factor_R_free_error_details         ? 
_refine.ls_percent_reflns_R_free                 4.46 
_refine.ls_number_reflns_R_free                  93 
_refine.ls_number_parameters                     ? 
_refine.ls_number_restraints                     ? 
_refine.occupancy_min                            ? 
_refine.occupancy_max                            ? 
_refine.correlation_coeff_Fo_to_Fc               ? 
_refine.correlation_coeff_Fo_to_Fc_free          ? 
_refine.B_iso_mean                               ? 
_refine.aniso_B[1][1]                            8.4159 
_refine.aniso_B[2][2]                            -20.2601 
_refine.aniso_B[3][3]                            11.8442 
_refine.aniso_B[1][2]                            0.0000 
_refine.aniso_B[1][3]                            -18.7315 
_refine.aniso_B[2][3]                            -0.0000 
_refine.solvent_model_details                    'FLAT BULK SOLVENT MODEL' 
_refine.solvent_model_param_ksol                 0.424 
_refine.solvent_model_param_bsol                 77.331 
_refine.pdbx_solvent_vdw_probe_radii             0.30 
_refine.pdbx_solvent_ion_probe_radii             ? 
_refine.pdbx_solvent_shrinkage_radii             0.00 
_refine.pdbx_ls_cross_valid_method               ? 
_refine.details                                  ? 
_refine.pdbx_starting_model                      'PDB entry 1UBQ' 
_refine.pdbx_method_to_determine_struct          'MOLECULAR REPLACEMENT' 
_refine.pdbx_isotropic_thermal_model             ? 
_refine.pdbx_stereochemistry_target_values       ML 
_refine.pdbx_stereochem_target_val_spec_case     ? 
_refine.pdbx_R_Free_selection_details            ? 
_refine.pdbx_overall_ESU_R                       ? 
_refine.pdbx_overall_ESU_R_Free                  ? 
_refine.overall_SU_ML                            0.45 
_refine.pdbx_overall_phase_error                 34.93 
_refine.overall_SU_B                             ? 
_refine.overall_SU_R_Cruickshank_DPI             ? 
_refine.pdbx_overall_SU_R_free_Cruickshank_DPI   ? 
_refine.pdbx_overall_SU_R_Blow_DPI               ? 
_refine.pdbx_overall_SU_R_free_Blow_DPI          ? 
_refine.ls_redundancy_reflns_obs                 ? 
_refine.B_iso_min                                ? 
_refine.B_iso_max                                ? 
_refine.overall_SU_R_free                        ? 
_refine.ls_wR_factor_R_free                      ? 
_refine.ls_wR_factor_R_work                      ? 
_refine.overall_FOM_free_R_set                   ? 
_refine.overall_FOM_work_R_set                   ? 
# 
_refine_hist.pdbx_refine_id                   'X-RAY DIFFRACTION' 
_refine_hist.cycle_id                         LAST 
_refine_hist.pdbx_number_atoms_protein        711 
_refine_hist.pdbx_number_atoms_nucleic_acid   0 
_refine_hist.pdbx_number_atoms_ligand         47 
_refine_hist.number_atoms_solvent             10 
_refine_hist.number_atoms_total               768 
_refine_hist.d_res_high                       2.800 
_refine_hist.d_res_low                        19.294 
# 
loop_
_refine_ls_restr.type 
_refine_ls_restr.dev_ideal 
_refine_ls_restr.dev_ideal_target 
_refine_ls_restr.weight 
_refine_ls_restr.number 
_refine_ls_restr.pdbx_refine_id 
_refine_ls_restr.pdbx_restraint_function 
f_bond_d           0.005  ? ? 777  'X-RAY DIFFRACTION' ? 
f_angle_d          0.847  ? ? 1061 'X-RAY DIFFRACTION' ? 
f_dihedral_angle_d 12.765 ? ? 318  'X-RAY DIFFRACTION' ? 
f_chiral_restr     0.037  ? ? 122  'X-RAY DIFFRACTION' ? 
f_plane_restr      0.004  ? ? 132  'X-RAY DIFFRACTION' ? 
# 
_struct.entry_id                  3VFK 
_struct.title                     
'The structure of monodechloro-teicoplanin in complex with its ligand, using ubiquitin as a ligand carrier' 
_struct.pdbx_model_details        ? 
_struct.pdbx_CASP_flag            ? 
_struct.pdbx_model_type_details   ? 
# 
_struct_keywords.entry_id        3VFK 
_struct_keywords.pdbx_keywords   'SUGAR BINDING PROTEIN/ANTIBIOTIC' 
_struct_keywords.text            
'teicoplanin, acetylation of cyteine with iodoacetate modification, SUGAR BINDING PROTEIN-ANTIBIOTIC complex' 
# 
loop_
_struct_asym.id 
_struct_asym.pdbx_blank_PDB_chainid_flag 
_struct_asym.pdbx_modified 
_struct_asym.entity_id 
_struct_asym.details 
A N N 1 ? 
B N N 2 ? 
C N N 3 ? 
D N N 4 ? 
E N N 5 ? 
F N N 6 ? 
G N N 7 ? 
# 
_struct_biol.id        1 
_struct_biol.details   ? 
# 
loop_
_struct_conf.conf_type_id 
_struct_conf.id 
_struct_conf.pdbx_PDB_helix_id 
_struct_conf.beg_label_comp_id 
_struct_conf.beg_label_asym_id 
_struct_conf.beg_label_seq_id 
_struct_conf.pdbx_beg_PDB_ins_code 
_struct_conf.end_label_comp_id 
_struct_conf.end_label_asym_id 
_struct_conf.end_label_seq_id 
_struct_conf.pdbx_end_PDB_ins_code 
_struct_conf.beg_auth_comp_id 
_struct_conf.beg_auth_asym_id 
_struct_conf.beg_auth_seq_id 
_struct_conf.end_auth_comp_id 
_struct_conf.end_auth_asym_id 
_struct_conf.end_auth_seq_id 
_struct_conf.pdbx_PDB_helix_class 
_struct_conf.details 
_struct_conf.pdbx_PDB_helix_length 
HELX_P HELX_P1 1 THR A 22 ? GLU A 34 ? THR A 22 GLU A 34 1 ? 13 
HELX_P HELX_P2 2 PRO A 37 ? ASP A 39 ? PRO A 37 ASP A 39 5 ? 3  
HELX_P HELX_P3 3 LEU A 56 ? ASN A 60 ? LEU A 56 ASN A 60 5 ? 5  
# 
_struct_conf_type.id          HELX_P 
_struct_conf_type.criteria    ? 
_struct_conf_type.reference   ? 
# 
loop_
_struct_conn.id 
_struct_conn.conn_type_id 
_struct_conn.pdbx_leaving_atom_flag 
_struct_conn.pdbx_PDB_id 
_struct_conn.ptnr1_label_asym_id 
_struct_conn.ptnr1_label_comp_id 
_struct_conn.ptnr1_label_seq_id 
_struct_conn.ptnr1_label_atom_id 
_struct_conn.pdbx_ptnr1_label_alt_id 
_struct_conn.pdbx_ptnr1_PDB_ins_code 
_struct_conn.pdbx_ptnr1_standard_comp_id 
_struct_conn.ptnr1_symmetry 
_struct_conn.ptnr2_label_asym_id 
_struct_conn.ptnr2_label_comp_id 
_struct_conn.ptnr2_label_seq_id 
_struct_conn.ptnr2_label_atom_id 
_struct_conn.pdbx_ptnr2_label_alt_id 
_struct_conn.pdbx_ptnr2_PDB_ins_code 
_struct_conn.ptnr1_auth_asym_id 
_struct_conn.ptnr1_auth_comp_id 
_struct_conn.ptnr1_auth_seq_id 
_struct_conn.ptnr2_auth_asym_id 
_struct_conn.ptnr2_auth_comp_id 
_struct_conn.ptnr2_auth_seq_id 
_struct_conn.ptnr2_symmetry 
_struct_conn.pdbx_ptnr3_label_atom_id 
_struct_conn.pdbx_ptnr3_label_seq_id 
_struct_conn.pdbx_ptnr3_label_comp_id 
_struct_conn.pdbx_ptnr3_label_asym_id 
_struct_conn.pdbx_ptnr3_label_alt_id 
_struct_conn.pdbx_ptnr3_PDB_ins_code 
_struct_conn.details 
_struct_conn.pdbx_dist_value 
_struct_conn.pdbx_value_order 
_struct_conn.pdbx_role 
covale1  covale both ? A GLY 75 C   ? ? ? 1_555 A CCS 76 N   ? ? A GLY 75 A CCS 76 1_555 ? ? ? ? ? ? ? 1.323 ? ? 
covale2  covale both ? A CCS 76 C   ? ? ? 1_555 A LYS 77 N   ? ? A CCS 76 A LYS 77 1_555 ? ? ? ? ? ? ? 1.332 ? ? 
covale3  covale both ? A LYS 77 C   ? ? ? 1_555 A DAL 78 N   ? ? A LYS 77 A DAL 78 1_555 ? ? ? ? ? ? ? 1.326 ? ? 
covale4  covale both ? A DAL 78 C   ? ? ? 1_555 A DAL 79 N   ? ? A DAL 78 A DAL 79 1_555 ? ? ? ? ? ? ? 1.326 ? ? 
covale5  covale both ? B GHP 1  C   ? ? ? 1_555 B 3MY 2  N   ? ? G GHP 1  G 3MY 2  1_555 ? ? ? ? ? ? ? 1.330 ? ? 
covale6  covale none ? B GHP 1  C5  ? ? ? 1_555 B 3FG 3  OD1 ? ? G GHP 1  G 3FG 3  1_555 ? ? ? ? ? ? ? 1.362 ? ? 
covale7  covale both ? B 3MY 2  C   ? ? ? 1_555 B 3FG 3  N   ? ? G 3MY 2  G 3FG 3  1_555 ? ? ? ? ? ? ? 1.331 ? ? 
covale8  covale one  ? B 3MY 2  OBD ? ? ? 1_555 B GHP 4  C3  ? ? G 3MY 2  G GHP 4  1_555 ? ? ? ? ? ? ? 1.383 ? ? 
covale9  covale one  ? B 3FG 3  C   ? ? ? 1_555 B GHP 4  N   ? ? G 3FG 3  G GHP 4  1_555 ? ? ? ? ? ? ? 1.330 ? ? 
covale10 covale both ? B GHP 4  C   ? ? ? 1_555 B GHP 5  N   ? ? G GHP 4  G GHP 5  1_555 ? ? ? ? ? ? ? 1.331 ? ? 
covale11 covale none ? B GHP 4  C5  ? ? ? 1_555 B OMX 6  OH  ? ? G GHP 4  G OMX 6  1_555 ? ? ? ? ? ? ? 1.384 ? ? 
covale12 covale one  ? B GHP 4  O4  ? ? ? 1_555 C GCS .  C1  ? ? G GHP 4  G GCS 8  1_555 ? ? ? ? ? ? ? 1.383 ? ? 
covale13 covale both ? B GHP 5  C   ? ? ? 1_555 B OMX 6  N   ? ? G GHP 5  G OMX 6  1_555 ? ? ? ? ? ? ? 1.328 ? ? 
covale14 covale one  ? B GHP 5  C3  ? ? ? 1_555 B 3FG 7  CG1 ? ? G GHP 5  G 3FG 7  1_555 ? ? ? ? ? ? ? 1.399 ? ? 
covale15 covale both ? B OMX 6  C   ? ? ? 1_555 B 3FG 7  N   ? ? G OMX 6  G 3FG 7  1_555 ? ? ? ? ? ? ? 1.328 ? ? 
covale16 covale one  ? B OMX 6  OC  ? ? ? 1_555 E NAG .  C1  ? ? G OMX 6  G NAG 10 1_555 ? ? ? ? ? ? ? 1.384 ? ? 
covale17 covale one  ? B 3FG 7  OD1 ? ? ? 1_555 F MAN .  C1  ? ? G 3FG 7  G MAN 11 1_555 ? ? ? ? ? ? ? 1.422 ? ? 
covale18 covale both ? C GCS .  N2  ? ? ? 1_555 D T55 .  C   ? ? G GCS 8  G T55 9  1_555 ? ? ? ? ? ? ? 1.462 ? ? 
# 
_struct_conn_type.id          covale 
_struct_conn_type.criteria    ? 
_struct_conn_type.reference   ? 
# 
_struct_mon_prot_cis.pdbx_id                1 
_struct_mon_prot_cis.label_comp_id          GHP 
_struct_mon_prot_cis.label_seq_id           5 
_struct_mon_prot_cis.label_asym_id          B 
_struct_mon_prot_cis.label_alt_id           . 
_struct_mon_prot_cis.pdbx_PDB_ins_code      ? 
_struct_mon_prot_cis.auth_comp_id           GHP 
_struct_mon_prot_cis.auth_seq_id            5 
_struct_mon_prot_cis.auth_asym_id           G 
_struct_mon_prot_cis.pdbx_label_comp_id_2   OMX 
_struct_mon_prot_cis.pdbx_label_seq_id_2    6 
_struct_mon_prot_cis.pdbx_label_asym_id_2   B 
_struct_mon_prot_cis.pdbx_PDB_ins_code_2    ? 
_struct_mon_prot_cis.pdbx_auth_comp_id_2    OMX 
_struct_mon_prot_cis.pdbx_auth_seq_id_2     6 
_struct_mon_prot_cis.pdbx_auth_asym_id_2    G 
_struct_mon_prot_cis.pdbx_PDB_model_num     1 
_struct_mon_prot_cis.pdbx_omega_angle       1.18 
# 
_struct_sheet.id               A 
_struct_sheet.type             ? 
_struct_sheet.number_strands   5 
_struct_sheet.details          ? 
# 
loop_
_struct_sheet_order.sheet_id 
_struct_sheet_order.range_id_1 
_struct_sheet_order.range_id_2 
_struct_sheet_order.offset 
_struct_sheet_order.sense 
A 1 2 ? anti-parallel 
A 2 3 ? parallel      
A 3 4 ? anti-parallel 
A 4 5 ? anti-parallel 
# 
loop_
_struct_sheet_range.sheet_id 
_struct_sheet_range.id 
_struct_sheet_range.beg_label_comp_id 
_struct_sheet_range.beg_label_asym_id 
_struct_sheet_range.beg_label_seq_id 
_struct_sheet_range.pdbx_beg_PDB_ins_code 
_struct_sheet_range.end_label_comp_id 
_struct_sheet_range.end_label_asym_id 
_struct_sheet_range.end_label_seq_id 
_struct_sheet_range.pdbx_end_PDB_ins_code 
_struct_sheet_range.beg_auth_comp_id 
_struct_sheet_range.beg_auth_asym_id 
_struct_sheet_range.beg_auth_seq_id 
_struct_sheet_range.end_auth_comp_id 
_struct_sheet_range.end_auth_asym_id 
_struct_sheet_range.end_auth_seq_id 
A 1 ILE A 13 ? GLU A 16 ? ILE A 13 GLU A 16 
A 2 GLN A 2  ? THR A 7  ? GLN A 2  THR A 7  
A 3 SER A 65 ? LEU A 71 ? SER A 65 LEU A 71 
A 4 GLN A 41 ? PHE A 45 ? GLN A 41 PHE A 45 
A 5 LYS A 48 ? GLN A 49 ? LYS A 48 GLN A 49 
# 
loop_
_pdbx_struct_sheet_hbond.sheet_id 
_pdbx_struct_sheet_hbond.range_id_1 
_pdbx_struct_sheet_hbond.range_id_2 
_pdbx_struct_sheet_hbond.range_1_label_atom_id 
_pdbx_struct_sheet_hbond.range_1_label_comp_id 
_pdbx_struct_sheet_hbond.range_1_label_asym_id 
_pdbx_struct_sheet_hbond.range_1_label_seq_id 
_pdbx_struct_sheet_hbond.range_1_PDB_ins_code 
_pdbx_struct_sheet_hbond.range_1_auth_atom_id 
_pdbx_struct_sheet_hbond.range_1_auth_comp_id 
_pdbx_struct_sheet_hbond.range_1_auth_asym_id 
_pdbx_struct_sheet_hbond.range_1_auth_seq_id 
_pdbx_struct_sheet_hbond.range_2_label_atom_id 
_pdbx_struct_sheet_hbond.range_2_label_comp_id 
_pdbx_struct_sheet_hbond.range_2_label_asym_id 
_pdbx_struct_sheet_hbond.range_2_label_seq_id 
_pdbx_struct_sheet_hbond.range_2_PDB_ins_code 
_pdbx_struct_sheet_hbond.range_2_auth_atom_id 
_pdbx_struct_sheet_hbond.range_2_auth_comp_id 
_pdbx_struct_sheet_hbond.range_2_auth_asym_id 
_pdbx_struct_sheet_hbond.range_2_auth_seq_id 
A 1 2 O LEU A 15 ? O LEU A 15 N ILE A 3  ? N ILE A 3  
A 2 3 N PHE A 4  ? N PHE A 4  O LEU A 67 ? O LEU A 67 
A 3 4 O HIS A 68 ? O HIS A 68 N ILE A 44 ? N ILE A 44 
A 4 5 N PHE A 45 ? N PHE A 45 O LYS A 48 ? O LYS A 48 
# 
_atom_sites.entry_id                    3VFK 
_atom_sites.fract_transf_matrix[1][1]   0.00339855 
_atom_sites.fract_transf_matrix[1][2]   0.00861068 
_atom_sites.fract_transf_matrix[1][3]   0.00768241 
_atom_sites.fract_transf_matrix[2][1]   -0.00525513 
_atom_sites.fract_transf_matrix[2][2]   -0.02503163 
_atom_sites.fract_transf_matrix[2][3]   0.03038096 
_atom_sites.fract_transf_matrix[3][1]   0.02708217 
_atom_sites.fract_transf_matrix[3][2]   -0.00133445 
_atom_sites.fract_transf_matrix[3][3]   0.00358503 
_atom_sites.fract_transf_vector[1]      0.159961 
_atom_sites.fract_transf_vector[2]      -0.028651 
_atom_sites.fract_transf_vector[3]      0.194053 
# 
loop_
_atom_type.symbol 
C  
CL 
N  
O  
S  
# 
loop_
_atom_site.group_PDB 
_atom_site.id 
_atom_site.type_symbol 
_atom_site.label_atom_id 
_atom_site.label_alt_id 
_atom_site.label_comp_id 
_atom_site.label_asym_id 
_atom_site.label_entity_id 
_atom_site.label_seq_id 
_atom_site.pdbx_PDB_ins_code 
_atom_site.Cartn_x 
_atom_site.Cartn_y 
_atom_site.Cartn_z 
_atom_site.occupancy 
_atom_site.B_iso_or_equiv 
_atom_site.pdbx_formal_charge 
_atom_site.auth_seq_id 
_atom_site.auth_comp_id 
_atom_site.auth_asym_id 
_atom_site.auth_atom_id 
_atom_site.pdbx_PDB_model_num 
ATOM   1   N  N   . MET A 1 1  ? 0.171   16.440  3.713   1.00 81.25  ? 1   MET A N   1 
ATOM   2   C  CA  . MET A 1 1  ? 0.885   16.239  2.456   1.00 82.28  ? 1   MET A CA  1 
ATOM   3   C  C   . MET A 1 1  ? 0.075   15.391  1.482   1.00 76.51  ? 1   MET A C   1 
ATOM   4   O  O   . MET A 1 1  ? -0.867  14.703  1.877   1.00 74.69  ? 1   MET A O   1 
ATOM   5   C  CB  . MET A 1 1  ? 2.251   15.596  2.712   1.00 78.75  ? 1   MET A CB  1 
ATOM   6   C  CG  . MET A 1 1  ? 2.197   14.355  3.587   1.00 70.77  ? 1   MET A CG  1 
ATOM   7   S  SD  . MET A 1 1  ? 3.795   13.540  3.758   1.00 71.54  ? 1   MET A SD  1 
ATOM   8   C  CE  . MET A 1 1  ? 4.026   12.884  2.112   1.00 71.24  ? 1   MET A CE  1 
ATOM   9   N  N   . GLN A 1 2  ? 0.453   15.440  0.209   1.00 72.04  ? 2   GLN A N   1 
ATOM   10  C  CA  . GLN A 1 2  ? -0.257  14.706  -0.831  1.00 73.10  ? 2   GLN A CA  1 
ATOM   11  C  C   . GLN A 1 2  ? 0.651   13.680  -1.499  1.00 69.55  ? 2   GLN A C   1 
ATOM   12  O  O   . GLN A 1 2  ? 1.821   13.953  -1.765  1.00 70.34  ? 2   GLN A O   1 
ATOM   13  C  CB  . GLN A 1 2  ? -0.816  15.672  -1.875  1.00 74.67  ? 2   GLN A CB  1 
ATOM   14  C  CG  . GLN A 1 2  ? -1.591  14.999  -2.992  1.00 69.04  ? 2   GLN A CG  1 
ATOM   15  C  CD  . GLN A 1 2  ? -2.115  15.992  -4.007  1.00 70.64  ? 2   GLN A CD  1 
ATOM   16  O  OE1 . GLN A 1 2  ? -2.780  15.618  -4.972  1.00 73.81  ? 2   GLN A OE1 1 
ATOM   17  N  NE2 . GLN A 1 2  ? -1.818  17.268  -3.794  1.00 71.70  ? 2   GLN A NE2 1 
ATOM   18  N  N   . ILE A 1 3  ? 0.108   12.498  -1.762  1.00 66.77  ? 3   ILE A N   1 
ATOM   19  C  CA  . ILE A 1 3  ? 0.857   11.444  -2.436  1.00 65.12  ? 3   ILE A CA  1 
ATOM   20  C  C   . ILE A 1 3  ? 0.071   10.915  -3.632  1.00 66.07  ? 3   ILE A C   1 
ATOM   21  O  O   . ILE A 1 3  ? -1.124  11.181  -3.766  1.00 66.80  ? 3   ILE A O   1 
ATOM   22  C  CB  . ILE A 1 3  ? 1.181   10.279  -1.483  1.00 62.48  ? 3   ILE A CB  1 
ATOM   23  C  CG1 . ILE A 1 3  ? -0.107  9.608   -1.007  1.00 60.63  ? 3   ILE A CG1 1 
ATOM   24  C  CG2 . ILE A 1 3  ? 1.995   10.767  -0.300  1.00 59.29  ? 3   ILE A CG2 1 
ATOM   25  C  CD1 . ILE A 1 3  ? 0.124   8.481   -0.034  1.00 55.56  ? 3   ILE A CD1 1 
ATOM   26  N  N   . PHE A 1 4  ? 0.749   10.173  -4.500  1.00 61.77  ? 4   PHE A N   1 
ATOM   27  C  CA  . PHE A 1 4  ? 0.111   9.627   -5.692  1.00 57.44  ? 4   PHE A CA  1 
ATOM   28  C  C   . PHE A 1 4  ? 0.251   8.114   -5.752  1.00 54.52  ? 4   PHE A C   1 
ATOM   29  O  O   . PHE A 1 4  ? 1.298   7.564   -5.421  1.00 57.98  ? 4   PHE A O   1 
ATOM   30  C  CB  . PHE A 1 4  ? 0.706   10.257  -6.950  1.00 63.16  ? 4   PHE A CB  1 
ATOM   31  C  CG  . PHE A 1 4  ? 0.630   11.756  -6.970  1.00 72.65  ? 4   PHE A CG  1 
ATOM   32  C  CD1 . PHE A 1 4  ? -0.519  12.400  -7.392  1.00 72.04  ? 4   PHE A CD1 1 
ATOM   33  C  CD2 . PHE A 1 4  ? 1.711   12.519  -6.563  1.00 76.04  ? 4   PHE A CD2 1 
ATOM   34  C  CE1 . PHE A 1 4  ? -0.591  13.778  -7.407  1.00 68.64  ? 4   PHE A CE1 1 
ATOM   35  C  CE2 . PHE A 1 4  ? 1.645   13.896  -6.577  1.00 73.61  ? 4   PHE A CE2 1 
ATOM   36  C  CZ  . PHE A 1 4  ? 0.493   14.526  -6.999  1.00 72.42  ? 4   PHE A CZ  1 
ATOM   37  N  N   . VAL A 1 5  ? -0.813  7.444   -6.177  1.00 51.58  ? 5   VAL A N   1 
ATOM   38  C  CA  . VAL A 1 5  ? -0.801  5.993   -6.283  1.00 52.56  ? 5   VAL A CA  1 
ATOM   39  C  C   . VAL A 1 5  ? -0.963  5.562   -7.733  1.00 54.22  ? 5   VAL A C   1 
ATOM   40  O  O   . VAL A 1 5  ? -2.080  5.471   -8.240  1.00 58.49  ? 5   VAL A O   1 
ATOM   41  C  CB  . VAL A 1 5  ? -1.923  5.359   -5.443  1.00 56.33  ? 5   VAL A CB  1 
ATOM   42  C  CG1 . VAL A 1 5  ? -1.844  3.842   -5.511  1.00 49.53  ? 5   VAL A CG1 1 
ATOM   43  C  CG2 . VAL A 1 5  ? -1.837  5.832   -4.002  1.00 56.76  ? 5   VAL A CG2 1 
ATOM   44  N  N   . LYS A 1 6  ? 0.155   5.304   -8.400  1.00 54.21  ? 6   LYS A N   1 
ATOM   45  C  CA  . LYS A 1 6  ? 0.122   4.836   -9.778  1.00 59.01  ? 6   LYS A CA  1 
ATOM   46  C  C   . LYS A 1 6  ? -0.115  3.335   -9.789  1.00 54.15  ? 6   LYS A C   1 
ATOM   47  O  O   . LYS A 1 6  ? 0.469   2.601   -8.995  1.00 55.41  ? 6   LYS A O   1 
ATOM   48  C  CB  . LYS A 1 6  ? 1.423   5.186   -10.504 1.00 67.16  ? 6   LYS A CB  1 
ATOM   49  C  CG  . LYS A 1 6  ? 1.332   5.087   -12.024 1.00 71.83  ? 6   LYS A CG  1 
ATOM   50  C  CD  . LYS A 1 6  ? 2.615   5.559   -12.691 1.00 68.53  ? 6   LYS A CD  1 
ATOM   51  C  CE  . LYS A 1 6  ? 2.492   5.548   -14.206 1.00 72.60  ? 6   LYS A CE  1 
ATOM   52  N  NZ  . LYS A 1 6  ? 3.758   5.957   -14.874 1.00 71.52  ? 6   LYS A NZ  1 
ATOM   53  N  N   . THR A 1 7  ? -0.974  2.879   -10.694 1.00 56.96  ? 7   THR A N   1 
ATOM   54  C  CA  . THR A 1 7  ? -1.369  1.479   -10.721 1.00 63.23  ? 7   THR A CA  1 
ATOM   55  C  C   . THR A 1 7  ? -0.950  0.778   -12.009 1.00 73.39  ? 7   THR A C   1 
ATOM   56  O  O   . THR A 1 7  ? -0.353  1.385   -12.897 1.00 75.62  ? 7   THR A O   1 
ATOM   57  C  CB  . THR A 1 7  ? -2.887  1.336   -10.544 1.00 67.64  ? 7   THR A CB  1 
ATOM   58  O  OG1 . THR A 1 7  ? -3.231  -0.054  -10.468 1.00 70.92  ? 7   THR A OG1 1 
ATOM   59  C  CG2 . THR A 1 7  ? -3.621  1.979   -11.710 1.00 67.90  ? 7   THR A CG2 1 
ATOM   60  N  N   . LEU A 1 8  ? -1.270  -0.510  -12.097 1.00 75.57  ? 8   LEU A N   1 
ATOM   61  C  CA  . LEU A 1 8  ? -0.967  -1.306  -13.281 1.00 75.29  ? 8   LEU A CA  1 
ATOM   62  C  C   . LEU A 1 8  ? -1.748  -0.784  -14.480 1.00 83.13  ? 8   LEU A C   1 
ATOM   63  O  O   . LEU A 1 8  ? -1.244  -0.765  -15.604 1.00 81.77  ? 8   LEU A O   1 
ATOM   64  C  CB  . LEU A 1 8  ? -1.319  -2.774  -13.036 1.00 65.76  ? 8   LEU A CB  1 
ATOM   65  C  CG  . LEU A 1 8  ? -0.910  -3.351  -11.680 1.00 66.46  ? 8   LEU A CG  1 
ATOM   66  C  CD1 . LEU A 1 8  ? -1.273  -4.825  -11.593 1.00 62.61  ? 8   LEU A CD1 1 
ATOM   67  C  CD2 . LEU A 1 8  ? 0.573   -3.146  -11.433 1.00 64.63  ? 8   LEU A CD2 1 
ATOM   68  N  N   . THR A 1 9  ? -2.985  -0.364  -14.230 1.00 85.14  ? 9   THR A N   1 
ATOM   69  C  CA  . THR A 1 9  ? -3.838  0.195   -15.272 1.00 82.54  ? 9   THR A CA  1 
ATOM   70  C  C   . THR A 1 9  ? -3.205  1.455   -15.855 1.00 79.11  ? 9   THR A C   1 
ATOM   71  O  O   . THR A 1 9  ? -3.509  1.852   -16.978 1.00 78.83  ? 9   THR A O   1 
ATOM   72  C  CB  . THR A 1 9  ? -5.242  0.531   -14.728 1.00 81.73  ? 9   THR A CB  1 
ATOM   73  O  OG1 . THR A 1 9  ? -5.794  -0.615  -14.071 1.00 74.83  ? 9   THR A OG1 1 
ATOM   74  C  CG2 . THR A 1 9  ? -6.167  0.951   -15.857 1.00 80.58  ? 9   THR A CG2 1 
ATOM   75  N  N   . GLY A 1 10 ? -2.321  2.077   -15.081 1.00 77.25  ? 10  GLY A N   1 
ATOM   76  C  CA  . GLY A 1 10 ? -1.637  3.282   -15.510 1.00 75.91  ? 10  GLY A CA  1 
ATOM   77  C  C   . GLY A 1 10 ? -2.377  4.543   -15.112 1.00 79.66  ? 10  GLY A C   1 
ATOM   78  O  O   . GLY A 1 10 ? -2.078  5.632   -15.602 1.00 79.54  ? 10  GLY A O   1 
ATOM   79  N  N   . LYS A 1 11 ? -3.345  4.396   -14.212 1.00 77.00  ? 11  LYS A N   1 
ATOM   80  C  CA  . LYS A 1 11 ? -4.156  5.526   -13.780 1.00 71.48  ? 11  LYS A CA  1 
ATOM   81  C  C   . LYS A 1 11 ? -3.672  6.067   -12.443 1.00 66.77  ? 11  LYS A C   1 
ATOM   82  O  O   . LYS A 1 11 ? -3.760  5.390   -11.421 1.00 69.46  ? 11  LYS A O   1 
ATOM   83  C  CB  . LYS A 1 11 ? -5.628  5.126   -13.684 1.00 68.64  ? 11  LYS A CB  1 
ATOM   84  C  CG  . LYS A 1 11 ? -6.122  4.335   -14.882 1.00 76.17  ? 11  LYS A CG  1 
ATOM   85  C  CD  . LYS A 1 11 ? -5.684  4.981   -16.186 1.00 78.04  ? 11  LYS A CD  1 
ATOM   86  C  CE  . LYS A 1 11 ? -6.053  4.118   -17.383 1.00 81.91  ? 11  LYS A CE  1 
ATOM   87  N  NZ  . LYS A 1 11 ? -5.565  4.696   -18.667 1.00 73.47  ? 11  LYS A NZ  1 
ATOM   88  N  N   . THR A 1 12 ? -3.160  7.292   -12.461 1.00 68.15  ? 12  THR A N   1 
ATOM   89  C  CA  . THR A 1 12 ? -2.641  7.928   -11.257 1.00 66.68  ? 12  THR A CA  1 
ATOM   90  C  C   . THR A 1 12 ? -3.761  8.527   -10.414 1.00 71.44  ? 12  THR A C   1 
ATOM   91  O  O   . THR A 1 12 ? -4.559  9.324   -10.903 1.00 78.39  ? 12  THR A O   1 
ATOM   92  C  CB  . THR A 1 12 ? -1.628  9.033   -11.601 1.00 62.34  ? 12  THR A CB  1 
ATOM   93  O  OG1 . THR A 1 12 ? -0.504  8.457   -12.278 1.00 68.34  ? 12  THR A OG1 1 
ATOM   94  C  CG2 . THR A 1 12 ? -1.153  9.733   -10.336 1.00 61.90  ? 12  THR A CG2 1 
ATOM   95  N  N   . ILE A 1 13 ? -3.813  8.140   -9.144  1.00 62.36  ? 13  ILE A N   1 
ATOM   96  C  CA  . ILE A 1 13 ? -4.837  8.644   -8.241  1.00 56.84  ? 13  ILE A CA  1 
ATOM   97  C  C   . ILE A 1 13 ? -4.230  9.525   -7.158  1.00 61.82  ? 13  ILE A C   1 
ATOM   98  O  O   . ILE A 1 13 ? -3.255  9.146   -6.509  1.00 62.33  ? 13  ILE A O   1 
ATOM   99  C  CB  . ILE A 1 13 ? -5.611  7.498   -7.583  1.00 59.23  ? 13  ILE A CB  1 
ATOM   100 C  CG1 . ILE A 1 13 ? -6.125  6.535   -8.652  1.00 66.09  ? 13  ILE A CG1 1 
ATOM   101 C  CG2 . ILE A 1 13 ? -6.754  8.045   -6.745  1.00 65.50  ? 13  ILE A CG2 1 
ATOM   102 C  CD1 . ILE A 1 13 ? -6.875  7.226   -9.768  1.00 62.84  ? 13  ILE A CD1 1 
ATOM   103 N  N   . THR A 1 14 ? -4.815  10.704  -6.969  1.00 69.77  ? 14  THR A N   1 
ATOM   104 C  CA  . THR A 1 14 ? -4.310  11.666  -5.997  1.00 69.75  ? 14  THR A CA  1 
ATOM   105 C  C   . THR A 1 14 ? -4.895  11.427  -4.611  1.00 66.15  ? 14  THR A C   1 
ATOM   106 O  O   . THR A 1 14 ? -6.082  11.656  -4.378  1.00 73.19  ? 14  THR A O   1 
ATOM   107 C  CB  . THR A 1 14 ? -4.617  13.116  -6.428  1.00 68.05  ? 14  THR A CB  1 
ATOM   108 O  OG1 . THR A 1 14 ? -6.031  13.284  -6.588  1.00 70.98  ? 14  THR A OG1 1 
ATOM   109 C  CG2 . THR A 1 14 ? -3.923  13.440  -7.741  1.00 69.13  ? 14  THR A CG2 1 
ATOM   110 N  N   . LEU A 1 15 ? -4.056  10.966  -3.691  1.00 56.09  ? 15  LEU A N   1 
ATOM   111 C  CA  . LEU A 1 15 ? -4.493  10.739  -2.321  1.00 58.74  ? 15  LEU A CA  1 
ATOM   112 C  C   . LEU A 1 15 ? -4.016  11.850  -1.392  1.00 62.18  ? 15  LEU A C   1 
ATOM   113 O  O   . LEU A 1 15 ? -2.933  12.402  -1.572  1.00 62.45  ? 15  LEU A O   1 
ATOM   114 C  CB  . LEU A 1 15 ? -4.012  9.380   -1.811  1.00 62.45  ? 15  LEU A CB  1 
ATOM   115 C  CG  . LEU A 1 15 ? -4.808  8.156   -2.268  1.00 65.45  ? 15  LEU A CG  1 
ATOM   116 C  CD1 . LEU A 1 15 ? -4.737  7.987   -3.779  1.00 66.49  ? 15  LEU A CD1 1 
ATOM   117 C  CD2 . LEU A 1 15 ? -4.303  6.908   -1.563  1.00 66.35  ? 15  LEU A CD2 1 
ATOM   118 N  N   . GLU A 1 16 ? -4.837  12.172  -0.400  1.00 65.20  ? 16  GLU A N   1 
ATOM   119 C  CA  . GLU A 1 16 ? -4.499  13.210  0.564   1.00 66.53  ? 16  GLU A CA  1 
ATOM   120 C  C   . GLU A 1 16 ? -4.338  12.613  1.956   1.00 65.52  ? 16  GLU A C   1 
ATOM   121 O  O   . GLU A 1 16 ? -5.320  12.283  2.620   1.00 65.51  ? 16  GLU A O   1 
ATOM   122 C  CB  . GLU A 1 16 ? -5.574  14.293  0.578   1.00 71.24  ? 16  GLU A CB  1 
ATOM   123 C  CG  . GLU A 1 16 ? -5.070  15.655  1.010   1.00 74.29  ? 16  GLU A CG  1 
ATOM   124 C  CD  . GLU A 1 16 ? -4.127  16.275  -0.003  1.00 73.69  ? 16  GLU A CD  1 
ATOM   125 O  OE1 . GLU A 1 16 ? -3.964  15.697  -1.100  1.00 72.82  ? 16  GLU A OE1 1 
ATOM   126 O  OE2 . GLU A 1 16 ? -3.548  17.341  0.295   1.00 74.44  ? 16  GLU A OE2 1 
ATOM   127 N  N   . VAL A 1 17 ? -3.091  12.483  2.394   1.00 63.12  ? 17  VAL A N   1 
ATOM   128 C  CA  . VAL A 1 17 ? -2.792  11.814  3.650   1.00 64.64  ? 17  VAL A CA  1 
ATOM   129 C  C   . VAL A 1 17 ? -2.036  12.710  4.618   1.00 70.96  ? 17  VAL A C   1 
ATOM   130 O  O   . VAL A 1 17 ? -1.811  13.891  4.352   1.00 72.48  ? 17  VAL A O   1 
ATOM   131 C  CB  . VAL A 1 17 ? -1.962  10.544  3.411   1.00 63.51  ? 17  VAL A CB  1 
ATOM   132 C  CG1 . VAL A 1 17 ? -2.797  9.494   2.697   1.00 66.05  ? 17  VAL A CG1 1 
ATOM   133 C  CG2 . VAL A 1 17 ? -0.713  10.877  2.609   1.00 58.30  ? 17  VAL A CG2 1 
ATOM   134 N  N   . GLU A 1 18 ? -1.650  12.129  5.749   1.00 65.71  ? 18  GLU A N   1 
ATOM   135 C  CA  . GLU A 1 18 ? -0.870  12.830  6.758   1.00 62.93  ? 18  GLU A CA  1 
ATOM   136 C  C   . GLU A 1 18 ? 0.301   11.954  7.182   1.00 61.65  ? 18  GLU A C   1 
ATOM   137 O  O   . GLU A 1 18 ? 0.263   10.738  7.006   1.00 61.84  ? 18  GLU A O   1 
ATOM   138 C  CB  . GLU A 1 18 ? -1.745  13.166  7.967   1.00 70.60  ? 18  GLU A CB  1 
ATOM   139 C  CG  . GLU A 1 18 ? -2.815  14.216  7.701   1.00 76.43  ? 18  GLU A CG  1 
ATOM   140 C  CD  . GLU A 1 18 ? -2.251  15.625  7.631   1.00 88.35  ? 18  GLU A CD  1 
ATOM   141 O  OE1 . GLU A 1 18 ? -2.941  16.517  7.094   1.00 96.38  ? 18  GLU A OE1 1 
ATOM   142 O  OE2 . GLU A 1 18 ? -1.121  15.842  8.118   1.00 86.41  ? 18  GLU A OE2 1 
ATOM   143 N  N   . PRO A 1 19 ? 1.352   12.573  7.739   1.00 62.55  ? 19  PRO A N   1 
ATOM   144 C  CA  . PRO A 1 19 ? 2.541   11.841  8.190   1.00 62.84  ? 19  PRO A CA  1 
ATOM   145 C  C   . PRO A 1 19 ? 2.212   10.779  9.236   1.00 60.43  ? 19  PRO A C   1 
ATOM   146 O  O   . PRO A 1 19 ? 2.999   9.855   9.444   1.00 57.47  ? 19  PRO A O   1 
ATOM   147 C  CB  . PRO A 1 19 ? 3.406   12.939  8.818   1.00 62.60  ? 19  PRO A CB  1 
ATOM   148 C  CG  . PRO A 1 19 ? 2.975   14.191  8.142   1.00 65.12  ? 19  PRO A CG  1 
ATOM   149 C  CD  . PRO A 1 19 ? 1.504   14.028  7.909   1.00 65.51  ? 19  PRO A CD  1 
ATOM   150 N  N   . SER A 1 20 ? 1.059   10.912  9.881   1.00 58.56  ? 20  SER A N   1 
ATOM   151 C  CA  . SER A 1 20 ? 0.682   10.006  10.959  1.00 58.87  ? 20  SER A CA  1 
ATOM   152 C  C   . SER A 1 20 ? -0.129  8.808   10.468  1.00 67.27  ? 20  SER A C   1 
ATOM   153 O  O   . SER A 1 20 ? -0.110  7.745   11.089  1.00 70.58  ? 20  SER A O   1 
ATOM   154 C  CB  . SER A 1 20 ? -0.086  10.759  12.049  1.00 58.85  ? 20  SER A CB  1 
ATOM   155 O  OG  . SER A 1 20 ? -1.203  11.445  11.514  1.00 58.52  ? 20  SER A OG  1 
ATOM   156 N  N   . ASP A 1 21 ? -0.838  8.979   9.357   1.00 66.69  ? 21  ASP A N   1 
ATOM   157 C  CA  . ASP A 1 21 ? -1.647  7.900   8.799   1.00 65.28  ? 21  ASP A CA  1 
ATOM   158 C  C   . ASP A 1 21 ? -0.798  6.666   8.512   1.00 55.69  ? 21  ASP A C   1 
ATOM   159 O  O   . ASP A 1 21 ? 0.252   6.758   7.881   1.00 58.26  ? 21  ASP A O   1 
ATOM   160 C  CB  . ASP A 1 21 ? -2.358  8.357   7.520   1.00 66.56  ? 21  ASP A CB  1 
ATOM   161 C  CG  . ASP A 1 21 ? -3.494  9.328   7.795   1.00 74.99  ? 21  ASP A CG  1 
ATOM   162 O  OD1 . ASP A 1 21 ? -4.144  9.201   8.854   1.00 82.07  ? 21  ASP A OD1 1 
ATOM   163 O  OD2 . ASP A 1 21 ? -3.739  10.214  6.950   1.00 73.24  ? 21  ASP A OD2 1 
ATOM   164 N  N   . THR A 1 22 ? -1.254  5.513   8.982   1.00 52.14  ? 22  THR A N   1 
ATOM   165 C  CA  . THR A 1 22 ? -0.548  4.265   8.730   1.00 58.95  ? 22  THR A CA  1 
ATOM   166 C  C   . THR A 1 22 ? -0.745  3.834   7.283   1.00 55.84  ? 22  THR A C   1 
ATOM   167 O  O   . THR A 1 22 ? -1.668  4.295   6.616   1.00 58.41  ? 22  THR A O   1 
ATOM   168 C  CB  . THR A 1 22 ? -1.031  3.143   9.668   1.00 65.24  ? 22  THR A CB  1 
ATOM   169 O  OG1 . THR A 1 22 ? -2.435  2.926   9.480   1.00 66.39  ? 22  THR A OG1 1 
ATOM   170 C  CG2 . THR A 1 22 ? -0.767  3.515   11.122  1.00 62.23  ? 22  THR A CG2 1 
ATOM   171 N  N   . ILE A 1 23 ? 0.127   2.955   6.802   1.00 53.58  ? 23  ILE A N   1 
ATOM   172 C  CA  . ILE A 1 23 ? 0.029   2.453   5.437   1.00 54.77  ? 23  ILE A CA  1 
ATOM   173 C  C   . ILE A 1 23 ? -1.351  1.871   5.158   1.00 56.29  ? 23  ILE A C   1 
ATOM   174 O  O   . ILE A 1 23 ? -1.903  2.055   4.074   1.00 60.59  ? 23  ILE A O   1 
ATOM   175 C  CB  . ILE A 1 23 ? 1.100   1.383   5.146   1.00 57.89  ? 23  ILE A CB  1 
ATOM   176 C  CG1 . ILE A 1 23 ? 2.492   2.016   5.104   1.00 60.59  ? 23  ILE A CG1 1 
ATOM   177 C  CG2 . ILE A 1 23 ? 0.809   0.681   3.831   1.00 60.56  ? 23  ILE A CG2 1 
ATOM   178 C  CD1 . ILE A 1 23 ? 2.642   3.082   4.045   1.00 54.08  ? 23  ILE A CD1 1 
ATOM   179 N  N   . GLU A 1 24 ? -1.910  1.173   6.140   1.00 57.37  ? 24  GLU A N   1 
ATOM   180 C  CA  . GLU A 1 24 ? -3.208  0.535   5.964   1.00 65.02  ? 24  GLU A CA  1 
ATOM   181 C  C   . GLU A 1 24 ? -4.317  1.567   5.780   1.00 63.55  ? 24  GLU A C   1 
ATOM   182 O  O   . GLU A 1 24 ? -5.270  1.338   5.036   1.00 64.59  ? 24  GLU A O   1 
ATOM   183 C  CB  . GLU A 1 24 ? -3.523  -0.390  7.138   1.00 63.02  ? 24  GLU A CB  1 
ATOM   184 C  CG  . GLU A 1 24 ? -4.768  -1.229  6.936   1.00 61.55  ? 24  GLU A CG  1 
ATOM   185 C  CD  . GLU A 1 24 ? -4.974  -2.227  8.052   1.00 79.75  ? 24  GLU A CD  1 
ATOM   186 O  OE1 . GLU A 1 24 ? -4.084  -2.331  8.920   1.00 79.22  ? 24  GLU A OE1 1 
ATOM   187 O  OE2 . GLU A 1 24 ? -6.022  -2.907  8.061   1.00 88.81  ? 24  GLU A OE2 1 
ATOM   188 N  N   . ASN A 1 25 ? -4.185  2.702   6.459   1.00 55.20  ? 25  ASN A N   1 
ATOM   189 C  CA  . ASN A 1 25 ? -5.138  3.792   6.300   1.00 56.66  ? 25  ASN A CA  1 
ATOM   190 C  C   . ASN A 1 25 ? -5.120  4.318   4.871   1.00 63.73  ? 25  ASN A C   1 
ATOM   191 O  O   . ASN A 1 25 ? -6.163  4.626   4.298   1.00 70.28  ? 25  ASN A O   1 
ATOM   192 C  CB  . ASN A 1 25 ? -4.842  4.924   7.283   1.00 62.16  ? 25  ASN A CB  1 
ATOM   193 C  CG  . ASN A 1 25 ? -5.174  4.555   8.714   1.00 70.26  ? 25  ASN A CG  1 
ATOM   194 O  OD1 . ASN A 1 25 ? -5.329  3.379   9.044   1.00 73.01  ? 25  ASN A OD1 1 
ATOM   195 N  ND2 . ASN A 1 25 ? -5.287  5.561   9.572   1.00 71.78  ? 25  ASN A ND2 1 
ATOM   196 N  N   . VAL A 1 26 ? -3.923  4.417   4.303   1.00 60.59  ? 26  VAL A N   1 
ATOM   197 C  CA  . VAL A 1 26 ? -3.769  4.825   2.913   1.00 55.14  ? 26  VAL A CA  1 
ATOM   198 C  C   . VAL A 1 26 ? -4.489  3.844   1.999   1.00 55.90  ? 26  VAL A C   1 
ATOM   199 O  O   . VAL A 1 26 ? -5.287  4.243   1.153   1.00 58.83  ? 26  VAL A O   1 
ATOM   200 C  CB  . VAL A 1 26 ? -2.290  4.891   2.506   1.00 53.26  ? 26  VAL A CB  1 
ATOM   201 C  CG1 . VAL A 1 26 ? -2.166  5.141   1.015   1.00 57.84  ? 26  VAL A CG1 1 
ATOM   202 C  CG2 . VAL A 1 26 ? -1.569  5.968   3.302   1.00 54.09  ? 26  VAL A CG2 1 
ATOM   203 N  N   . LYS A 1 27 ? -4.199  2.559   2.180   1.00 54.54  ? 27  LYS A N   1 
ATOM   204 C  CA  . LYS A 1 27 ? -4.830  1.509   1.389   1.00 55.52  ? 27  LYS A CA  1 
ATOM   205 C  C   . LYS A 1 27 ? -6.345  1.590   1.484   1.00 59.62  ? 27  LYS A C   1 
ATOM   206 O  O   . LYS A 1 27 ? -7.055  1.354   0.507   1.00 61.80  ? 27  LYS A O   1 
ATOM   207 C  CB  . LYS A 1 27 ? -4.360  0.130   1.853   1.00 55.08  ? 27  LYS A CB  1 
ATOM   208 C  CG  . LYS A 1 27 ? -2.888  -0.141  1.616   1.00 57.11  ? 27  LYS A CG  1 
ATOM   209 C  CD  . LYS A 1 27 ? -2.534  -1.572  1.988   1.00 56.00  ? 27  LYS A CD  1 
ATOM   210 C  CE  . LYS A 1 27 ? -1.079  -1.877  1.684   1.00 60.07  ? 27  LYS A CE  1 
ATOM   211 N  NZ  . LYS A 1 27 ? -0.738  -3.294  1.976   1.00 55.55  ? 27  LYS A NZ  1 
ATOM   212 N  N   . ALA A 1 28 ? -6.837  1.925   2.669   1.00 57.72  ? 28  ALA A N   1 
ATOM   213 C  CA  . ALA A 1 28 ? -8.270  2.018   2.896   1.00 56.22  ? 28  ALA A CA  1 
ATOM   214 C  C   . ALA A 1 28 ? -8.847  3.281   2.265   1.00 56.93  ? 28  ALA A C   1 
ATOM   215 O  O   . ALA A 1 28 ? -10.006 3.303   1.855   1.00 63.94  ? 28  ALA A O   1 
ATOM   216 C  CB  . ALA A 1 28 ? -8.573  1.972   4.378   1.00 61.03  ? 28  ALA A CB  1 
ATOM   217 N  N   . LYS A 1 29 ? -8.033  4.329   2.188   1.00 58.19  ? 29  LYS A N   1 
ATOM   218 C  CA  . LYS A 1 29 ? -8.449  5.570   1.540   1.00 62.57  ? 29  LYS A CA  1 
ATOM   219 C  C   . LYS A 1 29 ? -8.749  5.331   0.065   1.00 65.14  ? 29  LYS A C   1 
ATOM   220 O  O   . LYS A 1 29 ? -9.520  6.068   -0.551  1.00 67.24  ? 29  LYS A O   1 
ATOM   221 C  CB  . LYS A 1 29 ? -7.380  6.655   1.691   1.00 64.23  ? 29  LYS A CB  1 
ATOM   222 C  CG  . LYS A 1 29 ? -7.293  7.261   3.083   1.00 68.37  ? 29  LYS A CG  1 
ATOM   223 C  CD  . LYS A 1 29 ? -6.288  8.401   3.124   1.00 68.43  ? 29  LYS A CD  1 
ATOM   224 C  CE  . LYS A 1 29 ? -6.269  9.072   4.486   1.00 72.60  ? 29  LYS A CE  1 
ATOM   225 N  NZ  . LYS A 1 29 ? -7.575  9.709   4.814   1.00 75.19  ? 29  LYS A NZ  1 
ATOM   226 N  N   . ILE A 1 30 ? -8.133  4.295   -0.493  1.00 63.24  ? 30  ILE A N   1 
ATOM   227 C  CA  . ILE A 1 30 ? -8.370  3.912   -1.878  1.00 62.13  ? 30  ILE A CA  1 
ATOM   228 C  C   . ILE A 1 30 ? -9.707  3.195   -2.000  1.00 62.42  ? 30  ILE A C   1 
ATOM   229 O  O   . ILE A 1 30 ? -10.372 3.266   -3.034  1.00 63.87  ? 30  ILE A O   1 
ATOM   230 C  CB  . ILE A 1 30 ? -7.255  2.996   -2.400  1.00 57.41  ? 30  ILE A CB  1 
ATOM   231 C  CG1 . ILE A 1 30 ? -5.901  3.695   -2.275  1.00 59.05  ? 30  ILE A CG1 1 
ATOM   232 C  CG2 . ILE A 1 30 ? -7.528  2.594   -3.842  1.00 57.31  ? 30  ILE A CG2 1 
ATOM   233 C  CD1 . ILE A 1 30 ? -4.737  2.870   -2.771  1.00 63.06  ? 30  ILE A CD1 1 
ATOM   234 N  N   . GLN A 1 31 ? -10.096 2.504   -0.935  1.00 59.12  ? 31  GLN A N   1 
ATOM   235 C  CA  . GLN A 1 31 ? -11.379 1.818   -0.909  1.00 61.99  ? 31  GLN A CA  1 
ATOM   236 C  C   . GLN A 1 31 ? -12.522 2.830   -0.905  1.00 67.85  ? 31  GLN A C   1 
ATOM   237 O  O   . GLN A 1 31 ? -13.662 2.497   -1.232  1.00 77.03  ? 31  GLN A O   1 
ATOM   238 C  CB  . GLN A 1 31 ? -11.478 0.895   0.307   1.00 55.98  ? 31  GLN A CB  1 
ATOM   239 C  CG  . GLN A 1 31 ? -12.760 0.083   0.352   1.00 60.81  ? 31  GLN A CG  1 
ATOM   240 C  CD  . GLN A 1 31 ? -12.876 -0.761  1.601   1.00 68.28  ? 31  GLN A CD  1 
ATOM   241 O  OE1 . GLN A 1 31 ? -12.067 -0.644  2.521   1.00 73.91  ? 31  GLN A OE1 1 
ATOM   242 N  NE2 . GLN A 1 31 ? -13.888 -1.620  1.642   1.00 67.68  ? 31  GLN A NE2 1 
ATOM   243 N  N   . ASP A 1 32 ? -12.210 4.067   -0.539  1.00 64.51  ? 32  ASP A N   1 
ATOM   244 C  CA  . ASP A 1 32 ? -13.214 5.121   -0.496  1.00 70.31  ? 32  ASP A CA  1 
ATOM   245 C  C   . ASP A 1 32 ? -13.298 5.853   -1.829  1.00 72.16  ? 32  ASP A C   1 
ATOM   246 O  O   . ASP A 1 32 ? -14.338 6.408   -2.174  1.00 75.21  ? 32  ASP A O   1 
ATOM   247 C  CB  . ASP A 1 32 ? -12.908 6.113   0.629   1.00 75.25  ? 32  ASP A CB  1 
ATOM   248 C  CG  . ASP A 1 32 ? -12.988 5.479   2.001   1.00 76.14  ? 32  ASP A CG  1 
ATOM   249 O  OD1 . ASP A 1 32 ? -13.763 4.513   2.166   1.00 74.05  ? 32  ASP A OD1 1 
ATOM   250 O  OD2 . ASP A 1 32 ? -12.277 5.943   2.916   1.00 77.63  ? 32  ASP A OD2 1 
ATOM   251 N  N   . LYS A 1 33 ? -12.201 5.849   -2.577  1.00 68.21  ? 33  LYS A N   1 
ATOM   252 C  CA  . LYS A 1 33 ? -12.155 6.549   -3.854  1.00 66.39  ? 33  LYS A CA  1 
ATOM   253 C  C   . LYS A 1 33 ? -12.526 5.630   -5.014  1.00 72.47  ? 33  LYS A C   1 
ATOM   254 O  O   . LYS A 1 33 ? -13.145 6.062   -5.987  1.00 84.02  ? 33  LYS A O   1 
ATOM   255 C  CB  . LYS A 1 33 ? -10.768 7.154   -4.084  1.00 70.87  ? 33  LYS A CB  1 
ATOM   256 C  CG  . LYS A 1 33 ? -10.339 8.144   -3.014  1.00 79.22  ? 33  LYS A CG  1 
ATOM   257 C  CD  . LYS A 1 33 ? -11.335 9.282   -2.884  1.00 80.19  ? 33  LYS A CD  1 
ATOM   258 C  CE  . LYS A 1 33 ? -10.880 10.293  -1.845  1.00 88.11  ? 33  LYS A CE  1 
ATOM   259 N  NZ  . LYS A 1 33 ? -9.577  10.918  -2.209  1.00 94.69  ? 33  LYS A NZ  1 
ATOM   260 N  N   . GLU A 1 34 ? -12.155 4.360   -4.903  1.00 71.95  ? 34  GLU A N   1 
ATOM   261 C  CA  . GLU A 1 34 ? -12.380 3.414   -5.989  1.00 73.95  ? 34  GLU A CA  1 
ATOM   262 C  C   . GLU A 1 34 ? -13.273 2.246   -5.589  1.00 75.02  ? 34  GLU A C   1 
ATOM   263 O  O   . GLU A 1 34 ? -14.137 1.827   -6.358  1.00 79.99  ? 34  GLU A O   1 
ATOM   264 C  CB  . GLU A 1 34 ? -11.045 2.901   -6.534  1.00 69.02  ? 34  GLU A CB  1 
ATOM   265 C  CG  . GLU A 1 34 ? -10.146 4.002   -7.066  1.00 65.96  ? 34  GLU A CG  1 
ATOM   266 C  CD  . GLU A 1 34 ? -10.855 4.892   -8.069  1.00 74.94  ? 34  GLU A CD  1 
ATOM   267 O  OE1 . GLU A 1 34 ? -11.761 4.392   -8.771  1.00 75.44  ? 34  GLU A OE1 1 
ATOM   268 O  OE2 . GLU A 1 34 ? -10.514 6.091   -8.149  1.00 76.40  ? 34  GLU A OE2 1 
ATOM   269 N  N   . GLY A 1 35 ? -13.060 1.720   -4.388  1.00 73.12  ? 35  GLY A N   1 
ATOM   270 C  CA  . GLY A 1 35 ? -13.845 0.599   -3.901  1.00 71.38  ? 35  GLY A CA  1 
ATOM   271 C  C   . GLY A 1 35 ? -13.019 -0.666  -3.804  1.00 63.95  ? 35  GLY A C   1 
ATOM   272 O  O   . GLY A 1 35 ? -13.527 -1.733  -3.460  1.00 57.83  ? 35  GLY A O   1 
ATOM   273 N  N   . ILE A 1 36 ? -11.733 -0.543  -4.110  1.00 66.78  ? 36  ILE A N   1 
ATOM   274 C  CA  . ILE A 1 36 ? -10.821 -1.675  -4.042  1.00 61.98  ? 36  ILE A CA  1 
ATOM   275 C  C   . ILE A 1 36 ? -10.612 -2.102  -2.599  1.00 61.56  ? 36  ILE A C   1 
ATOM   276 O  O   . ILE A 1 36 ? -10.230 -1.289  -1.754  1.00 66.49  ? 36  ILE A O   1 
ATOM   277 C  CB  . ILE A 1 36 ? -9.453  -1.326  -4.647  1.00 63.27  ? 36  ILE A CB  1 
ATOM   278 C  CG1 . ILE A 1 36 ? -9.626  -0.551  -5.952  1.00 61.66  ? 36  ILE A CG1 1 
ATOM   279 C  CG2 . ILE A 1 36 ? -8.630  -2.584  -4.857  1.00 58.31  ? 36  ILE A CG2 1 
ATOM   280 C  CD1 . ILE A 1 36 ? -8.329  -0.063  -6.539  1.00 67.78  ? 36  ILE A CD1 1 
ATOM   281 N  N   . PRO A 1 37 ? -10.867 -3.383  -2.304  1.00 62.04  ? 37  PRO A N   1 
ATOM   282 C  CA  . PRO A 1 37 ? -10.639 -3.928  -0.963  1.00 60.84  ? 37  PRO A CA  1 
ATOM   283 C  C   . PRO A 1 37 ? -9.182  -3.767  -0.550  1.00 64.21  ? 37  PRO A C   1 
ATOM   284 O  O   . PRO A 1 37 ? -8.286  -4.143  -1.305  1.00 67.57  ? 37  PRO A O   1 
ATOM   285 C  CB  . PRO A 1 37 ? -10.979 -5.412  -1.130  1.00 62.48  ? 37  PRO A CB  1 
ATOM   286 C  CG  . PRO A 1 37 ? -11.932 -5.454  -2.270  1.00 63.37  ? 37  PRO A CG  1 
ATOM   287 C  CD  . PRO A 1 37 ? -11.470 -4.376  -3.210  1.00 66.12  ? 37  PRO A CD  1 
ATOM   288 N  N   . PRO A 1 38 ? -8.945  -3.205  0.643   1.00 63.40  ? 38  PRO A N   1 
ATOM   289 C  CA  . PRO A 1 38 ? -7.591  -2.999  1.166   1.00 61.59  ? 38  PRO A CA  1 
ATOM   290 C  C   . PRO A 1 38 ? -6.834  -4.316  1.282   1.00 64.75  ? 38  PRO A C   1 
ATOM   291 O  O   . PRO A 1 38 ? -5.615  -4.352  1.118   1.00 68.23  ? 38  PRO A O   1 
ATOM   292 C  CB  . PRO A 1 38 ? -7.840  -2.418  2.561   1.00 61.17  ? 38  PRO A CB  1 
ATOM   293 C  CG  . PRO A 1 38 ? -9.202  -1.824  2.491   1.00 64.32  ? 38  PRO A CG  1 
ATOM   294 C  CD  . PRO A 1 38 ? -9.977  -2.711  1.570   1.00 64.23  ? 38  PRO A CD  1 
ATOM   295 N  N   . ASP A 1 39 ? -7.560  -5.390  1.563   1.00 70.22  ? 39  ASP A N   1 
ATOM   296 C  CA  . ASP A 1 39 ? -6.955  -6.706  1.724   1.00 73.78  ? 39  ASP A CA  1 
ATOM   297 C  C   . ASP A 1 39 ? -6.479  -7.284  0.395   1.00 71.46  ? 39  ASP A C   1 
ATOM   298 O  O   . ASP A 1 39 ? -6.022  -8.425  0.334   1.00 73.93  ? 39  ASP A O   1 
ATOM   299 C  CB  . ASP A 1 39 ? -7.941  -7.666  2.393   1.00 76.27  ? 39  ASP A CB  1 
ATOM   300 C  CG  . ASP A 1 39 ? -9.346  -7.549  1.831   1.00 80.31  ? 39  ASP A CG  1 
ATOM   301 O  OD1 . ASP A 1 39 ? -9.875  -8.560  1.326   1.00 81.21  ? 39  ASP A OD1 1 
ATOM   302 O  OD2 . ASP A 1 39 ? -9.930  -6.447  1.903   1.00 76.77  ? 39  ASP A OD2 1 
ATOM   303 N  N   . GLN A 1 40 ? -6.584  -6.492  -0.666  1.00 67.61  ? 40  GLN A N   1 
ATOM   304 C  CA  . GLN A 1 40 ? -6.158  -6.937  -1.987  1.00 69.35  ? 40  GLN A CA  1 
ATOM   305 C  C   . GLN A 1 40 ? -5.140  -5.980  -2.593  1.00 69.98  ? 40  GLN A C   1 
ATOM   306 O  O   . GLN A 1 40 ? -4.826  -6.064  -3.781  1.00 71.87  ? 40  GLN A O   1 
ATOM   307 C  CB  . GLN A 1 40 ? -7.362  -7.076  -2.921  1.00 66.97  ? 40  GLN A CB  1 
ATOM   308 C  CG  . GLN A 1 40 ? -8.465  -7.969  -2.384  1.00 70.92  ? 40  GLN A CG  1 
ATOM   309 C  CD  . GLN A 1 40 ? -9.604  -8.143  -3.374  1.00 68.30  ? 40  GLN A CD  1 
ATOM   310 O  OE1 . GLN A 1 40 ? -9.474  -7.815  -4.549  1.00 67.09  ? 40  GLN A OE1 1 
ATOM   311 N  NE2 . GLN A 1 40 ? -10.729 -8.662  -2.898  1.00 71.94  ? 40  GLN A NE2 1 
ATOM   312 N  N   . GLN A 1 41 ? -4.621  -5.076  -1.772  1.00 67.08  ? 41  GLN A N   1 
ATOM   313 C  CA  . GLN A 1 41 ? -3.692  -4.062  -2.254  1.00 57.50  ? 41  GLN A CA  1 
ATOM   314 C  C   . GLN A 1 41 ? -2.281  -4.293  -1.733  1.00 63.44  ? 41  GLN A C   1 
ATOM   315 O  O   . GLN A 1 41 ? -2.089  -4.683  -0.581  1.00 66.29  ? 41  GLN A O   1 
ATOM   316 C  CB  . GLN A 1 41 ? -4.166  -2.670  -1.840  1.00 52.93  ? 41  GLN A CB  1 
ATOM   317 C  CG  . GLN A 1 41 ? -5.611  -2.372  -2.192  1.00 58.02  ? 41  GLN A CG  1 
ATOM   318 C  CD  . GLN A 1 41 ? -6.062  -1.021  -1.680  1.00 58.44  ? 41  GLN A CD  1 
ATOM   319 O  OE1 . GLN A 1 41 ? -5.249  -0.213  -1.236  1.00 57.52  ? 41  GLN A OE1 1 
ATOM   320 N  NE2 . GLN A 1 41 ? -7.363  -0.768  -1.737  1.00 63.84  ? 41  GLN A NE2 1 
ATOM   321 N  N   . ARG A 1 42 ? -1.294  -4.050  -2.589  1.00 63.54  ? 42  ARG A N   1 
ATOM   322 C  CA  . ARG A 1 42 ? 0.104   -4.077  -2.173  1.00 66.26  ? 42  ARG A CA  1 
ATOM   323 C  C   . ARG A 1 42 ? 0.852   -2.854  -2.691  1.00 61.19  ? 42  ARG A C   1 
ATOM   324 O  O   . ARG A 1 42 ? 1.252   -2.798  -3.853  1.00 63.81  ? 42  ARG A O   1 
ATOM   325 C  CB  . ARG A 1 42 ? 0.792   -5.370  -2.617  1.00 65.56  ? 42  ARG A CB  1 
ATOM   326 C  CG  . ARG A 1 42 ? 0.782   -6.460  -1.558  1.00 72.07  ? 42  ARG A CG  1 
ATOM   327 C  CD  . ARG A 1 42 ? 1.462   -5.978  -0.281  1.00 80.65  ? 42  ARG A CD  1 
ATOM   328 N  NE  . ARG A 1 42 ? 1.434   -6.977  0.783   1.00 82.93  ? 42  ARG A NE  1 
ATOM   329 C  CZ  . ARG A 1 42 ? 1.985   -6.806  1.980   1.00 79.06  ? 42  ARG A CZ  1 
ATOM   330 N  NH1 . ARG A 1 42 ? 2.613   -5.676  2.273   1.00 75.72  ? 42  ARG A NH1 1 
ATOM   331 N  NH2 . ARG A 1 42 ? 1.909   -7.770  2.887   1.00 83.43  ? 42  ARG A NH2 1 
ATOM   332 N  N   . LEU A 1 43 ? 1.025   -1.869  -1.817  1.00 54.10  ? 43  LEU A N   1 
ATOM   333 C  CA  . LEU A 1 43 ? 1.699   -0.635  -2.179  1.00 50.72  ? 43  LEU A CA  1 
ATOM   334 C  C   . LEU A 1 43 ? 3.208   -0.818  -2.215  1.00 60.75  ? 43  LEU A C   1 
ATOM   335 O  O   . LEU A 1 43 ? 3.831   -1.143  -1.205  1.00 65.82  ? 43  LEU A O   1 
ATOM   336 C  CB  . LEU A 1 43 ? 1.341   0.478   -1.198  1.00 47.88  ? 43  LEU A CB  1 
ATOM   337 C  CG  . LEU A 1 43 ? -0.129  0.883   -1.141  1.00 52.07  ? 43  LEU A CG  1 
ATOM   338 C  CD1 . LEU A 1 43 ? -0.322  2.008   -0.139  1.00 54.36  ? 43  LEU A CD1 1 
ATOM   339 C  CD2 . LEU A 1 43 ? -0.620  1.295   -2.519  1.00 55.25  ? 43  LEU A CD2 1 
ATOM   340 N  N   . ILE A 1 44 ? 3.790   -0.605  -3.388  1.00 63.24  ? 44  ILE A N   1 
ATOM   341 C  CA  . ILE A 1 44 ? 5.235   -0.661  -3.542  1.00 62.05  ? 44  ILE A CA  1 
ATOM   342 C  C   . ILE A 1 44 ? 5.790   0.749   -3.671  1.00 58.36  ? 44  ILE A C   1 
ATOM   343 O  O   . ILE A 1 44 ? 5.186   1.608   -4.311  1.00 57.69  ? 44  ILE A O   1 
ATOM   344 C  CB  . ILE A 1 44 ? 5.641   -1.480  -4.779  1.00 64.66  ? 44  ILE A CB  1 
ATOM   345 C  CG1 . ILE A 1 44 ? 5.000   -2.869  -4.736  1.00 68.27  ? 44  ILE A CG1 1 
ATOM   346 C  CG2 . ILE A 1 44 ? 7.154   -1.590  -4.871  1.00 65.98  ? 44  ILE A CG2 1 
ATOM   347 C  CD1 . ILE A 1 44 ? 5.353   -3.740  -5.924  1.00 71.38  ? 44  ILE A CD1 1 
ATOM   348 N  N   . PHE A 1 45 ? 6.937   0.985   -3.047  1.00 61.15  ? 45  PHE A N   1 
ATOM   349 C  CA  . PHE A 1 45 ? 7.588   2.282   -3.123  1.00 63.82  ? 45  PHE A CA  1 
ATOM   350 C  C   . PHE A 1 45 ? 9.079   2.143   -2.864  1.00 68.84  ? 45  PHE A C   1 
ATOM   351 O  O   . PHE A 1 45 ? 9.494   1.499   -1.901  1.00 70.16  ? 45  PHE A O   1 
ATOM   352 C  CB  . PHE A 1 45 ? 6.969   3.255   -2.122  1.00 63.60  ? 45  PHE A CB  1 
ATOM   353 C  CG  . PHE A 1 45 ? 7.584   4.623   -2.151  1.00 60.77  ? 45  PHE A CG  1 
ATOM   354 C  CD1 . PHE A 1 45 ? 7.261   5.520   -3.154  1.00 62.20  ? 45  PHE A CD1 1 
ATOM   355 C  CD2 . PHE A 1 45 ? 8.482   5.015   -1.173  1.00 56.60  ? 45  PHE A CD2 1 
ATOM   356 C  CE1 . PHE A 1 45 ? 7.822   6.782   -3.184  1.00 66.43  ? 45  PHE A CE1 1 
ATOM   357 C  CE2 . PHE A 1 45 ? 9.046   6.275   -1.196  1.00 61.62  ? 45  PHE A CE2 1 
ATOM   358 C  CZ  . PHE A 1 45 ? 8.717   7.159   -2.203  1.00 63.11  ? 45  PHE A CZ  1 
ATOM   359 N  N   . ALA A 1 46 ? 9.882   2.749   -3.731  1.00 64.59  ? 46  ALA A N   1 
ATOM   360 C  CA  . ALA A 1 46 ? 11.329  2.656   -3.612  1.00 68.95  ? 46  ALA A CA  1 
ATOM   361 C  C   . ALA A 1 46 ? 11.749  1.195   -3.546  1.00 72.94  ? 46  ALA A C   1 
ATOM   362 O  O   . ALA A 1 46 ? 12.523  0.800   -2.676  1.00 76.04  ? 46  ALA A O   1 
ATOM   363 C  CB  . ALA A 1 46 ? 11.803  3.400   -2.381  1.00 74.71  ? 46  ALA A CB  1 
ATOM   364 N  N   . GLY A 1 47 ? 11.214  0.395   -4.462  1.00 70.58  ? 47  GLY A N   1 
ATOM   365 C  CA  . GLY A 1 47 ? 11.537  -1.017  -4.532  1.00 71.71  ? 47  GLY A CA  1 
ATOM   366 C  C   . GLY A 1 47 ? 11.306  -1.754  -3.228  1.00 79.54  ? 47  GLY A C   1 
ATOM   367 O  O   . GLY A 1 47 ? 11.939  -2.776  -2.966  1.00 91.96  ? 47  GLY A O   1 
ATOM   368 N  N   . LYS A 1 48 ? 10.398  -1.239  -2.405  1.00 75.66  ? 48  LYS A N   1 
ATOM   369 C  CA  . LYS A 1 48 ? 10.081  -1.885  -1.135  1.00 77.22  ? 48  LYS A CA  1 
ATOM   370 C  C   . LYS A 1 48 ? 8.592   -2.189  -0.998  1.00 72.15  ? 48  LYS A C   1 
ATOM   371 O  O   . LYS A 1 48 ? 7.743   -1.376  -1.359  1.00 69.31  ? 48  LYS A O   1 
ATOM   372 C  CB  . LYS A 1 48 ? 10.560  -1.037  0.046   1.00 79.64  ? 48  LYS A CB  1 
ATOM   373 C  CG  . LYS A 1 48 ? 12.070  -1.043  0.251   1.00 84.86  ? 48  LYS A CG  1 
ATOM   374 C  CD  . LYS A 1 48 ? 12.449  -0.387  1.573   1.00 90.70  ? 48  LYS A CD  1 
ATOM   375 C  CE  . LYS A 1 48 ? 13.940  -0.508  1.852   1.00 87.58  ? 48  LYS A CE  1 
ATOM   376 N  NZ  . LYS A 1 48 ? 14.312  0.072   3.174   1.00 81.08  ? 48  LYS A NZ  1 
ATOM   377 N  N   . GLN A 1 49 ? 8.288   -3.373  -0.477  1.00 74.01  ? 49  GLN A N   1 
ATOM   378 C  CA  . GLN A 1 49 ? 6.909   -3.777  -0.240  1.00 70.85  ? 49  GLN A CA  1 
ATOM   379 C  C   . GLN A 1 49 ? 6.436   -3.232  1.103   1.00 75.82  ? 49  GLN A C   1 
ATOM   380 O  O   . GLN A 1 49 ? 6.618   -3.873  2.139   1.00 80.23  ? 49  GLN A O   1 
ATOM   381 C  CB  . GLN A 1 49 ? 6.789   -5.302  -0.257  1.00 71.34  ? 49  GLN A CB  1 
ATOM   382 C  CG  . GLN A 1 49 ? 5.357   -5.806  -0.223  1.00 77.23  ? 49  GLN A CG  1 
ATOM   383 C  CD  . GLN A 1 49 ? 4.581   -5.418  -1.468  1.00 89.95  ? 49  GLN A CD  1 
ATOM   384 O  OE1 . GLN A 1 49 ? 3.758   -4.503  -1.442  1.00 86.44  ? 49  GLN A OE1 1 
ATOM   385 N  NE2 . GLN A 1 49 ? 4.845   -6.113  -2.569  1.00 95.44  ? 49  GLN A NE2 1 
ATOM   386 N  N   . LEU A 1 50 ? 5.827   -2.051  1.081   1.00 68.89  ? 50  LEU A N   1 
ATOM   387 C  CA  . LEU A 1 50 ? 5.421   -1.365  2.307   1.00 68.53  ? 50  LEU A CA  1 
ATOM   388 C  C   . LEU A 1 50 ? 4.547   -2.229  3.215   1.00 73.43  ? 50  LEU A C   1 
ATOM   389 O  O   . LEU A 1 50 ? 3.564   -2.819  2.767   1.00 71.50  ? 50  LEU A O   1 
ATOM   390 C  CB  . LEU A 1 50 ? 4.710   -0.050  1.977   1.00 58.20  ? 50  LEU A CB  1 
ATOM   391 C  CG  . LEU A 1 50 ? 5.599   1.105   1.506   1.00 61.43  ? 50  LEU A CG  1 
ATOM   392 C  CD1 . LEU A 1 50 ? 6.454   0.710   0.314   1.00 61.51  ? 50  LEU A CD1 1 
ATOM   393 C  CD2 . LEU A 1 50 ? 4.758   2.325   1.174   1.00 63.74  ? 50  LEU A CD2 1 
ATOM   394 N  N   . GLU A 1 51 ? 4.916   -2.298  4.494   1.00 76.69  ? 51  GLU A N   1 
ATOM   395 C  CA  . GLU A 1 51 ? 4.157   -3.063  5.480   1.00 73.78  ? 51  GLU A CA  1 
ATOM   396 C  C   . GLU A 1 51 ? 2.863   -2.342  5.840   1.00 73.46  ? 51  GLU A C   1 
ATOM   397 O  O   . GLU A 1 51 ? 2.756   -1.126  5.685   1.00 72.72  ? 51  GLU A O   1 
ATOM   398 C  CB  . GLU A 1 51 ? 4.991   -3.311  6.744   1.00 73.08  ? 51  GLU A CB  1 
ATOM   399 C  CG  . GLU A 1 51 ? 4.297   -4.194  7.781   1.00 77.28  ? 51  GLU A CG  1 
ATOM   400 C  CD  . GLU A 1 51 ? 5.084   -4.336  9.073   1.00 79.56  ? 51  GLU A CD  1 
ATOM   401 O  OE1 . GLU A 1 51 ? 4.892   -3.502  9.985   1.00 79.13  ? 51  GLU A OE1 1 
ATOM   402 O  OE2 . GLU A 1 51 ? 5.890   -5.284  9.181   1.00 75.17  ? 51  GLU A OE2 1 
ATOM   403 N  N   . ASP A 1 52 ? 1.883   -3.099  6.322   1.00 77.03  ? 52  ASP A N   1 
ATOM   404 C  CA  . ASP A 1 52 ? 0.580   -2.546  6.677   1.00 76.24  ? 52  ASP A CA  1 
ATOM   405 C  C   . ASP A 1 52 ? 0.647   -1.675  7.931   1.00 72.16  ? 52  ASP A C   1 
ATOM   406 O  O   . ASP A 1 52 ? 0.270   -0.504  7.907   1.00 69.68  ? 52  ASP A O   1 
ATOM   407 C  CB  . ASP A 1 52 ? -0.435  -3.675  6.874   1.00 78.40  ? 52  ASP A CB  1 
ATOM   408 C  CG  . ASP A 1 52 ? -0.497  -4.616  5.688   1.00 77.98  ? 52  ASP A CG  1 
ATOM   409 O  OD1 . ASP A 1 52 ? -0.351  -4.141  4.542   1.00 74.48  ? 52  ASP A OD1 1 
ATOM   410 O  OD2 . ASP A 1 52 ? -0.683  -5.833  5.900   1.00 68.77  ? 52  ASP A OD2 1 
ATOM   411 N  N   . GLY A 1 53 ? 1.126   -2.254  9.026   1.00 72.94  ? 53  GLY A N   1 
ATOM   412 C  CA  . GLY A 1 53 ? 1.216   -1.539  10.286  1.00 71.03  ? 53  GLY A CA  1 
ATOM   413 C  C   . GLY A 1 53 ? 2.484   -0.719  10.399  1.00 75.57  ? 53  GLY A C   1 
ATOM   414 O  O   . GLY A 1 53 ? 3.444   -1.131  11.051  1.00 79.27  ? 53  GLY A O   1 
ATOM   415 N  N   . ARG A 1 54 ? 2.485   0.448   9.760   1.00 73.64  ? 54  ARG A N   1 
ATOM   416 C  CA  . ARG A 1 54 ? 3.643   1.334   9.773   1.00 66.72  ? 54  ARG A CA  1 
ATOM   417 C  C   . ARG A 1 54 ? 3.309   2.640   9.063   1.00 63.61  ? 54  ARG A C   1 
ATOM   418 O  O   . ARG A 1 54 ? 2.831   2.629   7.932   1.00 65.85  ? 54  ARG A O   1 
ATOM   419 C  CB  . ARG A 1 54 ? 4.830   0.657   9.091   1.00 67.88  ? 54  ARG A CB  1 
ATOM   420 C  CG  . ARG A 1 54 ? 6.176   1.072   9.645   1.00 72.00  ? 54  ARG A CG  1 
ATOM   421 C  CD  . ARG A 1 54 ? 7.003   -0.150  10.005  1.00 79.00  ? 54  ARG A CD  1 
ATOM   422 N  NE  . ARG A 1 54 ? 7.341   -0.952  8.832   1.00 81.89  ? 54  ARG A NE  1 
ATOM   423 C  CZ  . ARG A 1 54 ? 8.021   -2.094  8.879   1.00 82.47  ? 54  ARG A CZ  1 
ATOM   424 N  NH1 . ARG A 1 54 ? 8.284   -2.756  7.761   1.00 83.97  ? 54  ARG A NH1 1 
ATOM   425 N  NH2 . ARG A 1 54 ? 8.436   -2.574  10.044  1.00 69.47  ? 54  ARG A NH2 1 
ATOM   426 N  N   . THR A 1 55 ? 3.562   3.764   9.725   1.00 59.26  ? 55  THR A N   1 
ATOM   427 C  CA  . THR A 1 55 ? 3.224   5.067   9.159   1.00 58.74  ? 55  THR A CA  1 
ATOM   428 C  C   . THR A 1 55 ? 4.105   5.415   7.965   1.00 60.00  ? 55  THR A C   1 
ATOM   429 O  O   . THR A 1 55 ? 5.021   4.671   7.617   1.00 63.01  ? 55  THR A O   1 
ATOM   430 C  CB  . THR A 1 55 ? 3.338   6.193   10.206  1.00 61.62  ? 55  THR A CB  1 
ATOM   431 O  OG1 . THR A 1 55 ? 4.700   6.320   10.630  1.00 65.04  ? 55  THR A OG1 1 
ATOM   432 C  CG2 . THR A 1 55 ? 2.457   5.896   11.406  1.00 64.57  ? 55  THR A CG2 1 
ATOM   433 N  N   . LEU A 1 56 ? 3.817   6.553   7.342   1.00 56.82  ? 56  LEU A N   1 
ATOM   434 C  CA  . LEU A 1 56 ? 4.587   7.021   6.198   1.00 55.20  ? 56  LEU A CA  1 
ATOM   435 C  C   . LEU A 1 56 ? 5.945   7.536   6.652   1.00 60.34  ? 56  LEU A C   1 
ATOM   436 O  O   . LEU A 1 56 ? 6.964   7.293   6.002   1.00 62.70  ? 56  LEU A O   1 
ATOM   437 C  CB  . LEU A 1 56 ? 3.833   8.131   5.464   1.00 55.94  ? 56  LEU A CB  1 
ATOM   438 C  CG  . LEU A 1 56 ? 2.474   7.773   4.858   1.00 52.59  ? 56  LEU A CG  1 
ATOM   439 C  CD1 . LEU A 1 56 ? 1.751   9.021   4.382   1.00 48.53  ? 56  LEU A CD1 1 
ATOM   440 C  CD2 . LEU A 1 56 ? 2.637   6.780   3.721   1.00 51.71  ? 56  LEU A CD2 1 
ATOM   441 N  N   . SER A 1 57 ? 5.948   8.249   7.774   1.00 60.02  ? 57  SER A N   1 
ATOM   442 C  CA  . SER A 1 57 ? 7.167   8.838   8.313   1.00 56.79  ? 57  SER A CA  1 
ATOM   443 C  C   . SER A 1 57 ? 8.242   7.783   8.545   1.00 55.93  ? 57  SER A C   1 
ATOM   444 O  O   . SER A 1 57 ? 9.432   8.059   8.409   1.00 60.63  ? 57  SER A O   1 
ATOM   445 C  CB  . SER A 1 57 ? 6.871   9.583   9.614   1.00 52.10  ? 57  SER A CB  1 
ATOM   446 O  OG  . SER A 1 57 ? 6.287   8.719   10.571  1.00 59.12  ? 57  SER A OG  1 
ATOM   447 N  N   . ASP A 1 58 ? 7.817   6.575   8.895   1.00 54.16  ? 58  ASP A N   1 
ATOM   448 C  CA  . ASP A 1 58 ? 8.748   5.473   9.107   1.00 56.39  ? 58  ASP A CA  1 
ATOM   449 C  C   . ASP A 1 58 ? 9.502   5.149   7.824   1.00 60.16  ? 58  ASP A C   1 
ATOM   450 O  O   . ASP A 1 58 ? 10.631  4.662   7.862   1.00 66.05  ? 58  ASP A O   1 
ATOM   451 C  CB  . ASP A 1 58 ? 8.012   4.229   9.609   1.00 64.69  ? 58  ASP A CB  1 
ATOM   452 C  CG  . ASP A 1 58 ? 7.467   4.400   11.017  1.00 73.98  ? 58  ASP A CG  1 
ATOM   453 O  OD1 . ASP A 1 58 ? 7.244   5.555   11.437  1.00 75.26  ? 58  ASP A OD1 1 
ATOM   454 O  OD2 . ASP A 1 58 ? 7.260   3.376   11.702  1.00 72.55  ? 58  ASP A OD2 1 
ATOM   455 N  N   . TYR A 1 59 ? 8.869   5.427   6.689   1.00 63.33  ? 59  TYR A N   1 
ATOM   456 C  CA  . TYR A 1 59 ? 9.470   5.162   5.385   1.00 65.74  ? 59  TYR A CA  1 
ATOM   457 C  C   . TYR A 1 59 ? 10.075  6.428   4.787   1.00 63.56  ? 59  TYR A C   1 
ATOM   458 O  O   . TYR A 1 59 ? 10.594  6.413   3.671   1.00 66.82  ? 59  TYR A O   1 
ATOM   459 C  CB  . TYR A 1 59 ? 8.433   4.570   4.428   1.00 63.32  ? 59  TYR A CB  1 
ATOM   460 C  CG  . TYR A 1 59 ? 7.865   3.243   4.880   1.00 63.71  ? 59  TYR A CG  1 
ATOM   461 C  CD1 . TYR A 1 59 ? 8.512   2.051   4.581   1.00 64.01  ? 59  TYR A CD1 1 
ATOM   462 C  CD2 . TYR A 1 59 ? 6.679   3.180   5.599   1.00 62.64  ? 59  TYR A CD2 1 
ATOM   463 C  CE1 . TYR A 1 59 ? 7.998   0.835   4.990   1.00 66.03  ? 59  TYR A CE1 1 
ATOM   464 C  CE2 . TYR A 1 59 ? 6.158   1.968   6.013   1.00 65.67  ? 59  TYR A CE2 1 
ATOM   465 C  CZ  . TYR A 1 59 ? 6.821   0.799   5.705   1.00 70.14  ? 59  TYR A CZ  1 
ATOM   466 O  OH  . TYR A 1 59 ? 6.305   -0.410  6.114   1.00 70.48  ? 59  TYR A OH  1 
ATOM   467 N  N   . ASN A 1 60 ? 10.002  7.521   5.538   1.00 61.77  ? 60  ASN A N   1 
ATOM   468 C  CA  . ASN A 1 60 ? 10.540  8.799   5.090   1.00 67.98  ? 60  ASN A CA  1 
ATOM   469 C  C   . ASN A 1 60 ? 9.898   9.267   3.785   1.00 71.42  ? 60  ASN A C   1 
ATOM   470 O  O   . ASN A 1 60 ? 10.486  10.048  3.035   1.00 76.29  ? 60  ASN A O   1 
ATOM   471 C  CB  . ASN A 1 60 ? 12.060  8.718   4.941   1.00 72.12  ? 60  ASN A CB  1 
ATOM   472 C  CG  . ASN A 1 60 ? 12.698  10.076  4.723   1.00 85.70  ? 60  ASN A CG  1 
ATOM   473 O  OD1 . ASN A 1 60 ? 12.203  11.094  5.208   1.00 83.33  ? 60  ASN A OD1 1 
ATOM   474 N  ND2 . ASN A 1 60 ? 13.804  10.100  3.985   1.00 90.06  ? 60  ASN A ND2 1 
ATOM   475 N  N   . ILE A 1 61 ? 8.691   8.779   3.517   1.00 68.10  ? 61  ILE A N   1 
ATOM   476 C  CA  . ILE A 1 61 ? 7.948   9.184   2.330   1.00 63.63  ? 61  ILE A CA  1 
ATOM   477 C  C   . ILE A 1 61 ? 7.609   10.666  2.405   1.00 67.30  ? 61  ILE A C   1 
ATOM   478 O  O   . ILE A 1 61 ? 6.844   11.093  3.269   1.00 69.70  ? 61  ILE A O   1 
ATOM   479 C  CB  . ILE A 1 61 ? 6.648   8.378   2.182   1.00 61.02  ? 61  ILE A CB  1 
ATOM   480 C  CG1 . ILE A 1 61 ? 6.954   6.881   2.147   1.00 64.38  ? 61  ILE A CG1 1 
ATOM   481 C  CG2 . ILE A 1 61 ? 5.901   8.798   0.930   1.00 59.06  ? 61  ILE A CG2 1 
ATOM   482 C  CD1 . ILE A 1 61 ? 5.726   6.010   2.088   1.00 60.99  ? 61  ILE A CD1 1 
ATOM   483 N  N   . GLN A 1 62 ? 8.182   11.449  1.497   1.00 66.82  ? 62  GLN A N   1 
ATOM   484 C  CA  . GLN A 1 62 ? 8.032   12.898  1.546   1.00 69.83  ? 62  GLN A CA  1 
ATOM   485 C  C   . GLN A 1 62 ? 6.905   13.393  0.648   1.00 71.30  ? 62  GLN A C   1 
ATOM   486 O  O   . GLN A 1 62 ? 6.383   12.647  -0.179  1.00 70.34  ? 62  GLN A O   1 
ATOM   487 C  CB  . GLN A 1 62 ? 9.348   13.584  1.173   1.00 75.58  ? 62  GLN A CB  1 
ATOM   488 C  CG  . GLN A 1 62 ? 9.369   15.082  1.438   1.00 83.64  ? 62  GLN A CG  1 
ATOM   489 C  CD  . GLN A 1 62 ? 9.168   15.417  2.903   1.00 85.25  ? 62  GLN A CD  1 
ATOM   490 O  OE1 . GLN A 1 62 ? 9.377   14.579  3.779   1.00 81.57  ? 62  GLN A OE1 1 
ATOM   491 N  NE2 . GLN A 1 62 ? 8.757   16.650  3.176   1.00 89.99  ? 62  GLN A NE2 1 
ATOM   492 N  N   . LYS A 1 63 ? 6.536   14.657  0.829   1.00 75.32  ? 63  LYS A N   1 
ATOM   493 C  CA  . LYS A 1 63 ? 5.486   15.295  0.041   1.00 76.23  ? 63  LYS A CA  1 
ATOM   494 C  C   . LYS A 1 63 ? 5.644   15.017  -1.453  1.00 81.12  ? 63  LYS A C   1 
ATOM   495 O  O   . LYS A 1 63 ? 6.760   14.922  -1.964  1.00 82.04  ? 63  LYS A O   1 
ATOM   496 C  CB  . LYS A 1 63 ? 5.487   16.805  0.298   1.00 79.63  ? 63  LYS A CB  1 
ATOM   497 C  CG  . LYS A 1 63 ? 4.480   17.592  -0.529  1.00 85.62  ? 63  LYS A CG  1 
ATOM   498 C  CD  . LYS A 1 63 ? 4.731   19.092  -0.427  1.00 86.07  ? 63  LYS A CD  1 
ATOM   499 C  CE  . LYS A 1 63 ? 3.834   19.874  -1.376  1.00 81.92  ? 63  LYS A CE  1 
ATOM   500 N  NZ  . LYS A 1 63 ? 4.152   21.329  -1.380  1.00 77.88  ? 63  LYS A NZ  1 
ATOM   501 N  N   . GLU A 1 64 ? 4.514   14.883  -2.143  1.00 80.54  ? 64  GLU A N   1 
ATOM   502 C  CA  . GLU A 1 64 ? 4.500   14.654  -3.585  1.00 74.26  ? 64  GLU A CA  1 
ATOM   503 C  C   . GLU A 1 64 ? 5.289   13.410  -3.974  1.00 72.83  ? 64  GLU A C   1 
ATOM   504 O  O   . GLU A 1 64 ? 6.182   13.466  -4.818  1.00 76.62  ? 64  GLU A O   1 
ATOM   505 C  CB  . GLU A 1 64 ? 5.041   15.876  -4.332  1.00 78.51  ? 64  GLU A CB  1 
ATOM   506 C  CG  . GLU A 1 64 ? 4.387   17.193  -3.940  1.00 82.92  ? 64  GLU A CG  1 
ATOM   507 C  CD  . GLU A 1 64 ? 2.895   17.217  -4.212  1.00 80.15  ? 64  GLU A CD  1 
ATOM   508 O  OE1 . GLU A 1 64 ? 2.390   16.283  -4.871  1.00 77.62  ? 64  GLU A OE1 1 
ATOM   509 O  OE2 . GLU A 1 64 ? 2.226   18.173  -3.765  1.00 76.74  ? 64  GLU A OE2 1 
ATOM   510 N  N   . SER A 1 65 ? 4.952   12.288  -3.352  1.00 69.78  ? 65  SER A N   1 
ATOM   511 C  CA  . SER A 1 65 ? 5.607   11.024  -3.648  1.00 68.31  ? 65  SER A CA  1 
ATOM   512 C  C   . SER A 1 65 ? 4.684   10.136  -4.473  1.00 68.92  ? 65  SER A C   1 
ATOM   513 O  O   . SER A 1 65 ? 3.471   10.347  -4.504  1.00 68.39  ? 65  SER A O   1 
ATOM   514 C  CB  . SER A 1 65 ? 5.994   10.313  -2.354  1.00 72.10  ? 65  SER A CB  1 
ATOM   515 O  OG  . SER A 1 65 ? 4.855   10.106  -1.537  1.00 77.80  ? 65  SER A OG  1 
ATOM   516 N  N   . THR A 1 66 ? 5.259   9.140   -5.138  1.00 63.45  ? 66  THR A N   1 
ATOM   517 C  CA  . THR A 1 66 ? 4.479   8.245   -5.981  1.00 56.26  ? 66  THR A CA  1 
ATOM   518 C  C   . THR A 1 66 ? 4.671   6.784   -5.588  1.00 57.12  ? 66  THR A C   1 
ATOM   519 O  O   . THR A 1 66 ? 5.769   6.241   -5.699  1.00 58.54  ? 66  THR A O   1 
ATOM   520 C  CB  . THR A 1 66 ? 4.835   8.421   -7.468  1.00 58.47  ? 66  THR A CB  1 
ATOM   521 O  OG1 . THR A 1 66 ? 4.576   9.771   -7.868  1.00 69.75  ? 66  THR A OG1 1 
ATOM   522 C  CG2 . THR A 1 66 ? 4.012   7.474   -8.326  1.00 58.70  ? 66  THR A CG2 1 
ATOM   523 N  N   . LEU A 1 67 ? 3.592   6.160   -5.126  1.00 55.70  ? 67  LEU A N   1 
ATOM   524 C  CA  . LEU A 1 67 ? 3.606   4.750   -4.759  1.00 51.94  ? 67  LEU A CA  1 
ATOM   525 C  C   . LEU A 1 67 ? 3.059   3.911   -5.903  1.00 55.88  ? 67  LEU A C   1 
ATOM   526 O  O   . LEU A 1 67 ? 2.525   4.441   -6.876  1.00 60.24  ? 67  LEU A O   1 
ATOM   527 C  CB  . LEU A 1 67 ? 2.774   4.509   -3.498  1.00 45.65  ? 67  LEU A CB  1 
ATOM   528 C  CG  . LEU A 1 67 ? 3.296   5.058   -2.170  1.00 49.16  ? 67  LEU A CG  1 
ATOM   529 C  CD1 . LEU A 1 67 ? 3.378   6.575   -2.189  1.00 57.45  ? 67  LEU A CD1 1 
ATOM   530 C  CD2 . LEU A 1 67 ? 2.408   4.584   -1.036  1.00 51.72  ? 67  LEU A CD2 1 
ATOM   531 N  N   . HIS A 1 68 ? 3.195   2.597   -5.781  1.00 52.72  ? 68  HIS A N   1 
ATOM   532 C  CA  . HIS A 1 68 ? 2.705   1.691   -6.806  1.00 53.14  ? 68  HIS A CA  1 
ATOM   533 C  C   . HIS A 1 68 ? 1.685   0.729   -6.229  1.00 55.06  ? 68  HIS A C   1 
ATOM   534 O  O   . HIS A 1 68 ? 1.957   0.029   -5.258  1.00 58.33  ? 68  HIS A O   1 
ATOM   535 C  CB  . HIS A 1 68 ? 3.865   0.923   -7.432  1.00 56.42  ? 68  HIS A CB  1 
ATOM   536 C  CG  . HIS A 1 68 ? 4.824   1.794   -8.179  1.00 60.31  ? 68  HIS A CG  1 
ATOM   537 N  ND1 . HIS A 1 68 ? 4.695   2.054   -9.525  1.00 67.02  ? 68  HIS A ND1 1 
ATOM   538 C  CD2 . HIS A 1 68 ? 5.920   2.474   -7.766  1.00 64.06  ? 68  HIS A CD2 1 
ATOM   539 C  CE1 . HIS A 1 68 ? 5.674   2.853   -9.912  1.00 73.56  ? 68  HIS A CE1 1 
ATOM   540 N  NE2 . HIS A 1 68 ? 6.431   3.122   -8.863  1.00 72.56  ? 68  HIS A NE2 1 
ATOM   541 N  N   . LEU A 1 69 ? 0.502   0.701   -6.826  1.00 50.69  ? 69  LEU A N   1 
ATOM   542 C  CA  . LEU A 1 69 ? -0.526  -0.218  -6.380  1.00 49.16  ? 69  LEU A CA  1 
ATOM   543 C  C   . LEU A 1 69 ? -0.517  -1.469  -7.244  1.00 54.03  ? 69  LEU A C   1 
ATOM   544 O  O   . LEU A 1 69 ? -0.972  -1.447  -8.386  1.00 58.39  ? 69  LEU A O   1 
ATOM   545 C  CB  . LEU A 1 69 ? -1.900  0.449   -6.421  1.00 52.66  ? 69  LEU A CB  1 
ATOM   546 C  CG  . LEU A 1 69 ? -3.078  -0.461  -6.077  1.00 51.43  ? 69  LEU A CG  1 
ATOM   547 C  CD1 . LEU A 1 69 ? -2.925  -1.030  -4.679  1.00 49.47  ? 69  LEU A CD1 1 
ATOM   548 C  CD2 . LEU A 1 69 ? -4.393  0.284   -6.214  1.00 60.23  ? 69  LEU A CD2 1 
ATOM   549 N  N   . VAL A 1 70 ? 0.023   -2.554  -6.701  1.00 54.99  ? 70  VAL A N   1 
ATOM   550 C  CA  . VAL A 1 70 ? -0.012  -3.844  -7.377  1.00 57.95  ? 70  VAL A CA  1 
ATOM   551 C  C   . VAL A 1 70 ? -0.955  -4.770  -6.619  1.00 62.12  ? 70  VAL A C   1 
ATOM   552 O  O   . VAL A 1 70 ? -1.593  -4.356  -5.651  1.00 62.68  ? 70  VAL A O   1 
ATOM   553 C  CB  . VAL A 1 70 ? 1.386   -4.484  -7.462  1.00 58.32  ? 70  VAL A CB  1 
ATOM   554 C  CG1 . VAL A 1 70 ? 2.338   -3.574  -8.219  1.00 56.03  ? 70  VAL A CG1 1 
ATOM   555 C  CG2 . VAL A 1 70 ? 1.920   -4.789  -6.073  1.00 57.30  ? 70  VAL A CG2 1 
ATOM   556 N  N   . LEU A 1 71 ? -1.053  -6.019  -7.057  1.00 60.47  ? 71  LEU A N   1 
ATOM   557 C  CA  . LEU A 1 71 ? -1.896  -6.978  -6.355  1.00 64.87  ? 71  LEU A CA  1 
ATOM   558 C  C   . LEU A 1 71 ? -1.070  -7.860  -5.420  1.00 69.58  ? 71  LEU A C   1 
ATOM   559 O  O   . LEU A 1 71 ? 0.024   -8.298  -5.770  1.00 69.95  ? 71  LEU A O   1 
ATOM   560 C  CB  . LEU A 1 71 ? -2.714  -7.817  -7.343  1.00 69.09  ? 71  LEU A CB  1 
ATOM   561 C  CG  . LEU A 1 71 ? -1.975  -8.622  -8.411  1.00 69.55  ? 71  LEU A CG  1 
ATOM   562 C  CD1 . LEU A 1 71 ? -1.423  -9.909  -7.821  1.00 75.70  ? 71  LEU A CD1 1 
ATOM   563 C  CD2 . LEU A 1 71 ? -2.901  -8.933  -9.571  1.00 72.86  ? 71  LEU A CD2 1 
ATOM   564 N  N   . ARG A 1 72 ? -1.595  -8.101  -4.222  1.00 70.17  ? 72  ARG A N   1 
ATOM   565 C  CA  . ARG A 1 72 ? -0.903  -8.920  -3.234  1.00 69.06  ? 72  ARG A CA  1 
ATOM   566 C  C   . ARG A 1 72 ? -0.449  -10.249 -3.826  1.00 66.11  ? 72  ARG A C   1 
ATOM   567 O  O   . ARG A 1 72 ? -1.252  -11.020 -4.344  1.00 69.86  ? 72  ARG A O   1 
ATOM   568 C  CB  . ARG A 1 72 ? -1.795  -9.172  -2.020  1.00 71.24  ? 72  ARG A CB  1 
ATOM   569 C  CG  . ARG A 1 72 ? -1.149  -10.029 -0.944  1.00 76.12  ? 72  ARG A CG  1 
ATOM   570 C  CD  . ARG A 1 72 ? -0.718  -9.185  0.242   1.00 72.73  ? 72  ARG A CD  1 
ATOM   571 N  NE  . ARG A 1 72 ? -1.849  -8.466  0.817   1.00 77.44  ? 72  ARG A NE  1 
ATOM   572 C  CZ  . ARG A 1 72 ? -2.705  -8.995  1.684   1.00 81.61  ? 72  ARG A CZ  1 
ATOM   573 N  NH1 . ARG A 1 72 ? -2.557  -10.251 2.084   1.00 81.76  ? 72  ARG A NH1 1 
ATOM   574 N  NH2 . ARG A 1 72 ? -3.709  -8.266  2.152   1.00 82.80  ? 72  ARG A NH2 1 
ATOM   575 N  N   . LEU A 1 73 ? 0.851   -10.503 -3.750  1.00 67.82  ? 73  LEU A N   1 
ATOM   576 C  CA  . LEU A 1 73 ? 1.415   -11.771 -4.188  1.00 63.78  ? 73  LEU A CA  1 
ATOM   577 C  C   . LEU A 1 73 ? 1.205   -12.854 -3.135  1.00 67.89  ? 73  LEU A C   1 
ATOM   578 O  O   . LEU A 1 73 ? 1.682   -12.723 -2.010  1.00 72.37  ? 73  LEU A O   1 
ATOM   579 C  CB  . LEU A 1 73 ? 2.911   -11.607 -4.465  1.00 56.95  ? 73  LEU A CB  1 
ATOM   580 C  CG  . LEU A 1 73 ? 3.344   -11.586 -5.934  1.00 62.45  ? 73  LEU A CG  1 
ATOM   581 C  CD1 . LEU A 1 73 ? 4.817   -11.236 -6.091  1.00 68.32  ? 73  LEU A CD1 1 
ATOM   582 C  CD2 . LEU A 1 73 ? 3.049   -12.914 -6.609  1.00 66.17  ? 73  LEU A CD2 1 
ATOM   583 N  N   . ARG A 1 74 ? 0.490   -13.915 -3.500  1.00 66.51  ? 74  ARG A N   1 
ATOM   584 C  CA  . ARG A 1 74 ? 0.292   -15.043 -2.604  1.00 69.20  ? 74  ARG A CA  1 
ATOM   585 C  C   . ARG A 1 74 ? 1.642   -15.687 -2.334  1.00 72.21  ? 74  ARG A C   1 
ATOM   586 O  O   . ARG A 1 74 ? 2.300   -16.212 -3.236  1.00 77.73  ? 74  ARG A O   1 
ATOM   587 C  CB  . ARG A 1 74 ? -0.693  -16.053 -3.190  1.00 75.96  ? 74  ARG A CB  1 
ATOM   588 C  CG  . ARG A 1 74 ? -0.447  -17.464 -2.724  1.00 84.01  ? 74  ARG A CG  1 
ATOM   589 C  CD  . ARG A 1 74 ? -1.725  -18.257 -2.621  1.00 84.15  ? 74  ARG A CD  1 
ATOM   590 N  NE  . ARG A 1 74 ? -2.535  -17.803 -1.500  1.00 88.17  ? 74  ARG A NE  1 
ATOM   591 C  CZ  . ARG A 1 74 ? -3.432  -18.554 -0.871  1.00 86.43  ? 74  ARG A CZ  1 
ATOM   592 N  NH1 . ARG A 1 74 ? -3.634  -19.810 -1.248  1.00 80.67  ? 74  ARG A NH1 1 
ATOM   593 N  NH2 . ARG A 1 74 ? -4.122  -18.048 0.140   1.00 86.56  ? 74  ARG A NH2 1 
ATOM   594 N  N   . GLY A 1 75 ? 2.066   -15.591 -1.083  1.00 68.73  ? 75  GLY A N   1 
ATOM   595 C  CA  . GLY A 1 75 ? 3.362   -16.077 -0.675  1.00 72.23  ? 75  GLY A CA  1 
ATOM   596 C  C   . GLY A 1 75 ? 3.446   -17.573 -0.832  1.00 71.27  ? 75  GLY A C   1 
ATOM   597 O  O   . GLY A 1 75 ? 2.436   -18.277 -0.813  1.00 71.18  ? 75  GLY A O   1 
HETATM 598 N  N   . CCS A 1 76 ? 4.665   -18.059 -0.996  1.00 77.58  ? 76  CCS A N   1 
HETATM 599 C  CA  . CCS A 1 76 ? 4.892   -19.477 -1.095  1.00 84.60  ? 76  CCS A CA  1 
HETATM 600 C  CB  . CCS A 1 76 ? 5.721   -19.747 -2.344  1.00 93.60  ? 76  CCS A CB  1 
HETATM 601 S  SG  . CCS A 1 76 ? 4.985   -21.096 -3.220  1.00 122.73 ? 76  CCS A SG  1 
HETATM 602 C  CD  . CCS A 1 76 ? 4.584   -20.600 -4.873  1.00 104.13 ? 76  CCS A CD  1 
HETATM 603 C  CE  . CCS A 1 76 ? 4.000   -21.740 -5.690  1.00 109.99 ? 76  CCS A CE  1 
HETATM 604 O  OZ1 . CCS A 1 76 ? 2.897   -21.560 -6.266  1.00 103.25 ? 76  CCS A OZ1 1 
HETATM 605 O  OZ2 . CCS A 1 76 ? 4.631   -22.824 -5.761  1.00 115.24 ? 76  CCS A OZ2 1 
HETATM 606 C  C   . CCS A 1 76 ? 5.590   -19.934 0.182   1.00 86.45  ? 76  CCS A C   1 
HETATM 607 O  O   . CCS A 1 76 ? 5.827   -21.345 0.266   1.00 94.22  ? 76  CCS A O   1 
ATOM   608 N  N   . LYS A 1 77 ? 5.922   -19.048 1.118   1.00 81.82  ? 77  LYS A N   1 
ATOM   609 C  CA  . LYS A 1 77 ? 6.525   -19.470 2.380   1.00 77.52  ? 77  LYS A CA  1 
ATOM   610 C  C   . LYS A 1 77 ? 5.465   -19.779 3.427   1.00 72.40  ? 77  LYS A C   1 
ATOM   611 O  O   . LYS A 1 77 ? 4.738   -18.894 3.873   1.00 69.05  ? 77  LYS A O   1 
ATOM   612 C  CB  . LYS A 1 77 ? 7.490   -18.405 2.910   1.00 85.65  ? 77  LYS A CB  1 
ATOM   613 C  CG  . LYS A 1 77 ? 8.757   -18.240 2.085   1.00 95.98  ? 77  LYS A CG  1 
ATOM   614 C  CD  . LYS A 1 77 ? 9.729   -17.267 2.737   1.00 102.40 ? 77  LYS A CD  1 
ATOM   615 C  CE  . LYS A 1 77 ? 11.044  -17.200 1.972   1.00 114.84 ? 77  LYS A CE  1 
ATOM   616 N  NZ  . LYS A 1 77 ? 10.870  -16.719 0.574   1.00 121.12 ? 77  LYS A NZ  1 
HETATM 617 N  N   . DAL A 1 78 ? 5.389   -21.042 3.826   1.00 72.89  ? 78  DAL A N   1 
HETATM 618 C  CA  . DAL A 1 78 ? 4.385   -21.466 4.792   1.00 70.74  ? 78  DAL A CA  1 
HETATM 619 C  CB  . DAL A 1 78 ? 5.018   -21.721 6.143   1.00 66.13  ? 78  DAL A CB  1 
HETATM 620 C  C   . DAL A 1 78 ? 3.672   -22.707 4.290   1.00 70.62  ? 78  DAL A C   1 
HETATM 621 O  O   . DAL A 1 78 ? 4.025   -23.255 3.250   1.00 76.70  ? 78  DAL A O   1 
HETATM 622 N  N   . DAL A 1 79 ? 2.661   -23.145 5.028   1.00 68.19  ? 79  DAL A N   1 
HETATM 623 C  CA  . DAL A 1 79 ? 1.941   -24.353 4.662   1.00 71.68  ? 79  DAL A CA  1 
HETATM 624 C  CB  . DAL A 1 79 ? 0.736   -24.013 3.791   1.00 68.59  ? 79  DAL A CB  1 
HETATM 625 C  C   . DAL A 1 79 ? 1.513   -25.142 5.897   1.00 75.07  ? 79  DAL A C   1 
HETATM 626 O  O   . DAL A 1 79 ? 0.942   -26.225 5.773   1.00 76.09  ? 79  DAL A O   1 
HETATM 627 O  OXT . DAL A 1 79 ? 1.744   -24.723 7.033   1.00 74.04  ? 79  DAL A OXT 1 
HETATM 628 N  N   . GHP B 2 1  ? 3.681   -29.826 6.858   1.00 72.56  ? 1   GHP G N   1 
HETATM 629 C  CA  . GHP B 2 1  ? 2.765   -28.674 6.880   1.00 72.57  ? 1   GHP G CA  1 
HETATM 630 C  C   . GHP B 2 1  ? 1.578   -28.982 7.794   1.00 67.28  ? 1   GHP G C   1 
HETATM 631 O  O   . GHP B 2 1  ? 1.620   -29.918 8.593   1.00 63.34  ? 1   GHP G O   1 
HETATM 632 C  C1  . GHP B 2 1  ? 3.521   -27.443 7.386   1.00 68.49  ? 1   GHP G C1  1 
HETATM 633 C  C2  . GHP B 2 1  ? 4.368   -26.760 6.523   1.00 70.79  ? 1   GHP G C2  1 
HETATM 634 C  C3  . GHP B 2 1  ? 5.063   -25.642 6.965   1.00 69.95  ? 1   GHP G C3  1 
HETATM 635 C  C4  . GHP B 2 1  ? 4.910   -25.209 8.276   1.00 63.96  ? 1   GHP G C4  1 
HETATM 636 O  O4  . GHP B 2 1  ? 5.588   -24.116 8.712   1.00 64.10  ? 1   GHP G O4  1 
HETATM 637 C  C5  . GHP B 2 1  ? 4.064   -25.888 9.141   1.00 62.63  ? 1   GHP G C5  1 
HETATM 638 C  C6  . GHP B 2 1  ? 3.369   -27.011 8.697   1.00 67.59  ? 1   GHP G C6  1 
HETATM 639 O  OBD . 3MY B 2 2  ? -3.267  -24.632 4.267   1.00 61.76  ? 2   3MY G OBD 1 
HETATM 640 C  CZ  . 3MY B 2 2  ? -2.877  -25.677 5.032   1.00 62.67  ? 2   3MY G CZ  1 
HETATM 641 C  CE2 . 3MY B 2 2  ? -3.568  -25.835 6.218   1.00 67.33  ? 2   3MY G CE2 1 
HETATM 642 C  CD2 . 3MY B 2 2  ? -3.243  -26.879 7.071   1.00 65.10  ? 2   3MY G CD2 1 
HETATM 643 CL CL  . 3MY B 2 2  ? -4.811  -24.721 6.607   1.00 93.28  ? 2   3MY G CL  1 
HETATM 644 C  CE1 . 3MY B 2 2  ? -1.862  -26.547 4.662   1.00 66.81  ? 2   3MY G CE1 1 
HETATM 645 C  CD1 . 3MY B 2 2  ? -1.540  -27.595 5.516   1.00 68.75  ? 2   3MY G CD1 1 
HETATM 646 C  CG  . 3MY B 2 2  ? -2.223  -27.756 6.716   1.00 66.18  ? 2   3MY G CG  1 
HETATM 647 C  CB  . 3MY B 2 2  ? -1.892  -28.806 7.560   1.00 67.45  ? 2   3MY G CB  1 
HETATM 648 C  CA  . 3MY B 2 2  ? -0.706  -28.415 8.452   1.00 64.96  ? 2   3MY G CA  1 
HETATM 649 C  C   . 3MY B 2 2  ? -1.056  -27.188 9.308   1.00 70.86  ? 2   3MY G C   1 
HETATM 650 O  O   . 3MY B 2 2  ? -1.684  -27.374 10.372  1.00 77.06  ? 2   3MY G O   1 
HETATM 651 N  N   . 3MY B 2 2  ? 0.520   -28.187 7.671   1.00 64.88  ? 2   3MY G N   1 
HETATM 652 N  N   . 3FG B 2 3  ? -0.684  -25.984 8.878   1.00 67.76  ? 3   3FG G N   1 
HETATM 653 O  OD1 . 3FG B 2 3  ? 3.926   -25.452 10.423  1.00 60.02  ? 3   3FG G OD1 1 
HETATM 654 C  CD1 . 3FG B 2 3  ? 2.758   -24.803 10.785  1.00 61.90  ? 3   3FG G CD1 1 
HETATM 655 C  CG1 . 3FG B 2 3  ? 1.593   -25.031 10.068  1.00 64.99  ? 3   3FG G CG1 1 
HETATM 656 C  CZ  . 3FG B 2 3  ? 2.711   -24.044 11.949  1.00 62.68  ? 3   3FG G CZ  1 
HETATM 657 C  CD2 . 3FG B 2 3  ? 1.497   -23.535 12.401  1.00 63.70  ? 3   3FG G CD2 1 
HETATM 658 O  OD2 . 3FG B 2 3  ? 1.446   -22.800 13.543  1.00 65.98  ? 3   3FG G OD2 1 
HETATM 659 C  CG2 . 3FG B 2 3  ? 0.332   -23.772 11.686  1.00 64.94  ? 3   3FG G CG2 1 
HETATM 660 C  CB  . 3FG B 2 3  ? 0.384   -24.522 10.518  1.00 65.68  ? 3   3FG G CB  1 
HETATM 661 C  CA  . 3FG B 2 3  ? -0.891  -24.793 9.726   1.00 65.98  ? 3   3FG G CA  1 
HETATM 662 C  C   . 3FG B 2 3  ? -1.287  -23.531 8.945   1.00 65.60  ? 3   3FG G C   1 
HETATM 663 O  O   . 3FG B 2 3  ? -2.431  -23.062 9.129   1.00 67.84  ? 3   3FG G O   1 
HETATM 664 N  N   . GHP B 2 4  ? -0.393  -22.978 8.130   1.00 64.93  ? 4   GHP G N   1 
HETATM 665 C  CA  . GHP B 2 4  ? -0.713  -21.736 7.402   1.00 63.33  ? 4   GHP G CA  1 
HETATM 666 C  C   . GHP B 2 4  ? 0.520   -20.848 7.188   1.00 63.31  ? 4   GHP G C   1 
HETATM 667 O  O   . GHP B 2 4  ? 1.483   -21.304 6.539   1.00 61.64  ? 4   GHP G O   1 
HETATM 668 C  C1  . GHP B 2 4  ? -1.333  -22.042 6.030   1.00 68.39  ? 4   GHP G C1  1 
HETATM 669 C  C2  . GHP B 2 4  ? -2.000  -23.240 5.783   1.00 67.32  ? 4   GHP G C2  1 
HETATM 670 C  C3  . GHP B 2 4  ? -2.554  -23.475 4.525   1.00 65.66  ? 4   GHP G C3  1 
HETATM 671 C  C4  . GHP B 2 4  ? -2.435  -22.524 3.525   1.00 70.58  ? 4   GHP G C4  1 
HETATM 672 O  O4  . GHP B 2 4  ? -2.988  -22.769 2.309   1.00 74.04  ? 4   GHP G O4  1 
HETATM 673 C  C5  . GHP B 2 4  ? -1.776  -21.329 3.768   1.00 67.84  ? 4   GHP G C5  1 
HETATM 674 C  C6  . GHP B 2 4  ? -1.226  -21.090 5.022   1.00 66.07  ? 4   GHP G C6  1 
HETATM 675 N  N   . GHP B 2 5  ? 0.499   -19.628 7.719   1.00 62.85  ? 5   GHP G N   1 
HETATM 676 C  CA  . GHP B 2 5  ? 1.466   -18.597 7.307   1.00 63.89  ? 5   GHP G CA  1 
HETATM 677 C  C   . GHP B 2 5  ? 0.708   -17.299 7.023   1.00 61.88  ? 5   GHP G C   1 
HETATM 678 O  O   . GHP B 2 5  ? -0.345  -17.067 7.652   1.00 65.97  ? 5   GHP G O   1 
HETATM 679 C  C1  . GHP B 2 5  ? 2.539   -18.274 8.351   1.00 69.00  ? 5   GHP G C1  1 
HETATM 680 C  C2  . GHP B 2 5  ? 3.861   -18.205 7.936   1.00 70.89  ? 5   GHP G C2  1 
HETATM 681 C  C3  . GHP B 2 5  ? 4.872   -17.885 8.828   1.00 72.28  ? 5   GHP G C3  1 
HETATM 682 C  C4  . GHP B 2 5  ? 4.561   -17.641 10.160  1.00 71.38  ? 5   GHP G C4  1 
HETATM 683 O  O4  . GHP B 2 5  ? 5.546   -17.337 11.048  1.00 72.20  ? 5   GHP G O4  1 
HETATM 684 C  C5  . GHP B 2 5  ? 3.235   -17.704 10.581  1.00 69.57  ? 5   GHP G C5  1 
HETATM 685 C  C6  . GHP B 2 5  ? 2.221   -18.014 9.678   1.00 73.41  ? 5   GHP G C6  1 
HETATM 686 N  N   . OMX B 2 6  ? 1.215   -16.477 6.112   1.00 61.42  ? 6   OMX G N   1 
HETATM 687 C  CA  . OMX B 2 6  ? 2.446   -16.797 5.374   1.00 67.32  ? 6   OMX G CA  1 
HETATM 688 C  C   . OMX B 2 6  ? 3.565   -15.907 5.914   1.00 72.22  ? 6   OMX G C   1 
HETATM 689 O  O   . OMX B 2 6  ? 3.319   -14.720 6.217   1.00 78.74  ? 6   OMX G O   1 
HETATM 690 C  CB  . OMX B 2 6  ? 2.202   -16.626 3.881   1.00 70.09  ? 6   OMX G CB  1 
HETATM 691 O  OC  . OMX B 2 6  ? 1.688   -15.317 3.649   1.00 72.28  ? 6   OMX G OC  1 
HETATM 692 C  CG  . OMX B 2 6  ? 1.218   -17.549 3.585   1.00 69.94  ? 6   OMX G CG  1 
HETATM 693 C  CD1 . OMX B 2 6  ? 1.598   -18.812 3.151   1.00 66.72  ? 6   OMX G CD1 1 
HETATM 694 C  CD2 . OMX B 2 6  ? -0.127  -17.238 3.758   1.00 73.41  ? 6   OMX G CD2 1 
HETATM 695 C  CE1 . OMX B 2 6  ? 0.633   -19.767 2.868   1.00 66.71  ? 6   OMX G CE1 1 
HETATM 696 C  CE2 . OMX B 2 6  ? -1.093  -18.193 3.477   1.00 70.23  ? 6   OMX G CE2 1 
HETATM 697 C  CZ  . OMX B 2 6  ? -0.711  -19.454 3.032   1.00 67.72  ? 6   OMX G CZ  1 
HETATM 698 O  OH  . OMX B 2 6  ? -1.657  -20.387 2.761   1.00 68.89  ? 6   OMX G OH  1 
HETATM 699 N  N   . 3FG B 2 7  ? 4.758   -16.477 6.041   1.00 69.34  ? 7   3FG G N   1 
HETATM 700 O  OD1 . 3FG B 2 7  ? 6.629   -19.598 9.858   1.00 72.99  ? 7   3FG G OD1 1 
HETATM 701 C  CD1 . 3FG B 2 7  ? 7.084   -18.794 8.826   1.00 70.36  ? 7   3FG G CD1 1 
HETATM 702 C  CG1 . 3FG B 2 7  ? 6.197   -17.829 8.383   1.00 70.45  ? 7   3FG G CG1 1 
HETATM 703 C  CZ  . 3FG B 2 7  ? 8.370   -19.042 8.391   1.00 68.25  ? 7   3FG G CZ  1 
HETATM 704 C  CD2 . 3FG B 2 7  ? 8.831   -18.190 7.396   1.00 74.46  ? 7   3FG G CD2 1 
HETATM 705 O  OD2 . 3FG B 2 7  ? 10.088  -18.334 6.897   1.00 82.72  ? 7   3FG G OD2 1 
HETATM 706 C  CG2 . 3FG B 2 7  ? 7.998   -17.181 6.909   1.00 70.61  ? 7   3FG G CG2 1 
HETATM 707 C  CB  . 3FG B 2 7  ? 6.703   -16.984 7.390   1.00 67.86  ? 7   3FG G CB  1 
HETATM 708 C  CA  . 3FG B 2 7  ? 5.855   -15.855 6.789   1.00 69.28  ? 7   3FG G CA  1 
HETATM 709 C  C   . 3FG B 2 7  ? 6.713   -14.994 5.858   1.00 79.55  ? 7   3FG G C   1 
HETATM 710 O  O   . 3FG B 2 7  ? 7.132   -13.908 6.315   1.00 83.96  ? 7   3FG G O   1 
HETATM 711 O  OXT . 3FG B 2 7  ? 6.936   -15.441 4.712   1.00 81.75  ? 7   3FG G OXT 1 
HETATM 712 C  C1  . GCS C 3 .  ? -2.166  -23.178 1.274   1.00 71.68  ? 8   GCS G C1  1 
HETATM 713 C  C2  . GCS C 3 .  ? -2.996  -23.992 0.280   1.00 67.41  ? 8   GCS G C2  1 
HETATM 714 C  C3  . GCS C 3 .  ? -2.101  -24.420 -0.872  1.00 71.55  ? 8   GCS G C3  1 
HETATM 715 C  C4  . GCS C 3 .  ? -1.552  -23.168 -1.541  1.00 81.04  ? 8   GCS G C4  1 
HETATM 716 C  C5  . GCS C 3 .  ? -0.779  -22.341 -0.511  1.00 77.89  ? 8   GCS G C5  1 
HETATM 717 C  C6  . GCS C 3 .  ? -0.249  -21.063 -1.172  1.00 74.42  ? 8   GCS G C6  1 
HETATM 718 N  N2  . GCS C 3 .  ? -3.531  -25.197 0.928   1.00 70.77  ? 8   GCS G N2  1 
HETATM 719 O  O3  . GCS C 3 .  ? -2.857  -25.173 -1.820  1.00 71.22  ? 8   GCS G O3  1 
HETATM 720 O  O4  . GCS C 3 .  ? -0.702  -23.531 -2.634  1.00 85.32  ? 8   GCS G O4  1 
HETATM 721 O  O5  . GCS C 3 .  ? -1.633  -22.010 0.607   1.00 79.10  ? 8   GCS G O5  1 
HETATM 722 O  O6  . GCS C 3 .  ? 0.472   -20.286 -0.213  1.00 74.23  ? 8   GCS G O6  1 
HETATM 723 C  CAD . T55 D 4 .  ? -8.618  -26.365 7.141   1.00 68.04  ? 9   T55 G CAD 1 
HETATM 724 C  CAE . T55 D 4 .  ? -9.245  -24.977 7.010   1.00 78.21  ? 9   T55 G CAE 1 
HETATM 725 C  CAG . T55 D 4 .  ? -9.644  -24.724 5.554   1.00 74.31  ? 9   T55 G CAG 1 
HETATM 726 C  CAH . T55 D 4 .  ? -8.422  -24.792 4.628   1.00 75.43  ? 9   T55 G CAH 1 
HETATM 727 C  CAI . T55 D 4 .  ? -8.901  -24.546 3.194   1.00 79.04  ? 9   T55 G CAI 1 
HETATM 728 C  CAJ . T55 D 4 .  ? -7.753  -24.608 2.179   1.00 74.64  ? 9   T55 G CAJ 1 
HETATM 729 C  CAK . T55 D 4 .  ? -6.687  -23.543 2.455   1.00 71.07  ? 9   T55 G CAK 1 
HETATM 730 C  CAL . T55 D 4 .  ? -5.560  -23.647 1.414   1.00 65.33  ? 9   T55 G CAL 1 
HETATM 731 C  CAF . T55 D 4 .  ? -10.490 -24.908 7.894   1.00 71.79  ? 9   T55 G CAF 1 
HETATM 732 C  C   . T55 D 4 .  ? -4.871  -25.018 1.483   1.00 72.08  ? 9   T55 G C   1 
HETATM 733 O  O   . T55 D 4 .  ? -5.430  -25.962 2.038   1.00 75.67  ? 9   T55 G O   1 
HETATM 734 C  C1  . NAG E 5 .  ? 2.420   -14.491 2.814   1.00 74.55  ? 10  NAG G C1  1 
HETATM 735 C  C2  . NAG E 5 .  ? 1.507   -13.407 2.261   1.00 71.37  ? 10  NAG G C2  1 
HETATM 736 C  C3  . NAG E 5 .  ? 2.286   -12.390 1.438   1.00 76.68  ? 10  NAG G C3  1 
HETATM 737 C  C4  . NAG E 5 .  ? 3.547   -11.935 2.166   1.00 86.34  ? 10  NAG G C4  1 
HETATM 738 C  C5  . NAG E 5 .  ? 4.325   -13.115 2.740   1.00 83.56  ? 10  NAG G C5  1 
HETATM 739 C  C6  . NAG E 5 .  ? 5.502   -12.649 3.591   1.00 85.14  ? 10  NAG G C6  1 
HETATM 740 C  C7  . NAG E 5 .  ? -0.793  -14.045 1.845   1.00 77.46  ? 10  NAG G C7  1 
HETATM 741 C  C8  . NAG E 5 .  ? -1.125  -13.265 3.083   1.00 72.29  ? 10  NAG G C8  1 
HETATM 742 N  N2  . NAG E 5 .  ? 0.476   -14.020 1.451   1.00 78.98  ? 10  NAG G N2  1 
HETATM 743 O  O3  . NAG E 5 .  ? 1.461   -11.276 1.187   1.00 74.04  ? 10  NAG G O3  1 
HETATM 744 O  O4  . NAG E 5 .  ? 4.370   -11.230 1.265   1.00 101.50 ? 10  NAG G O4  1 
HETATM 745 O  O5  . NAG E 5 .  ? 3.479   -13.908 3.541   1.00 82.86  ? 10  NAG G O5  1 
HETATM 746 O  O6  . NAG E 5 .  ? 6.535   -12.161 2.764   1.00 95.85  ? 10  NAG G O6  1 
HETATM 747 O  O7  . NAG E 5 .  ? -1.664  -14.668 1.241   1.00 80.46  ? 10  NAG G O7  1 
HETATM 748 C  C1  . MAN F 6 .  ? 7.131   -20.925 9.946   1.00 68.03  ? 11  MAN G C1  1 
HETATM 749 C  C2  . MAN F 6 .  ? 6.086   -21.726 10.711  1.00 62.64  ? 11  MAN G C2  1 
HETATM 750 C  C3  . MAN F 6 .  ? 5.855   -21.072 12.064  1.00 63.87  ? 11  MAN G C3  1 
HETATM 751 C  C4  . MAN F 6 .  ? 7.174   -21.058 12.817  1.00 69.30  ? 11  MAN G C4  1 
HETATM 752 C  C5  . MAN F 6 .  ? 8.221   -20.298 11.996  1.00 68.83  ? 11  MAN G C5  1 
HETATM 753 C  C6  . MAN F 6 .  ? 9.572   -20.309 12.722  1.00 73.96  ? 11  MAN G C6  1 
HETATM 754 O  O2  . MAN F 6 .  ? 6.564   -23.058 10.908  1.00 62.54  ? 11  MAN G O2  1 
HETATM 755 O  O3  . MAN F 6 .  ? 4.878   -21.809 12.799  1.00 67.97  ? 11  MAN G O3  1 
HETATM 756 O  O4  . MAN F 6 .  ? 7.007   -20.448 14.100  1.00 70.75  ? 11  MAN G O4  1 
HETATM 757 O  O5  . MAN F 6 .  ? 8.364   -20.899 10.690  1.00 68.87  ? 11  MAN G O5  1 
HETATM 758 O  O6  . MAN F 6 .  ? 9.445   -19.684 14.001  1.00 72.24  ? 11  MAN G O6  1 
HETATM 759 O  O   . HOH G 7 .  ? -6.874  13.868  3.987   1.00 65.58  ? 201 HOH A O   1 
HETATM 760 O  O   . HOH G 7 .  ? 10.883  12.436  7.921   1.00 72.26  ? 202 HOH A O   1 
HETATM 761 O  O   . HOH G 7 .  ? 5.619   -7.357  10.991  1.00 60.56  ? 203 HOH A O   1 
HETATM 762 O  O   . HOH G 7 .  ? 0.429   15.183  11.128  1.00 63.85  ? 204 HOH A O   1 
HETATM 763 O  O   . HOH G 7 .  ? -16.485 4.164   -4.428  1.00 62.39  ? 205 HOH A O   1 
HETATM 764 O  O   . HOH G 7 .  ? -9.632  -6.273  4.823   1.00 64.21  ? 206 HOH A O   1 
HETATM 765 O  O   . HOH G 7 .  ? 5.572   -16.676 -4.078  1.00 71.11  ? 207 HOH A O   1 
HETATM 766 O  O   . HOH G 7 .  ? -14.409 9.603   -1.578  1.00 61.92  ? 208 HOH A O   1 
HETATM 767 O  O   . HOH G 7 .  ? 7.223   12.244  6.289   1.00 48.31  ? 209 HOH A O   1 
HETATM 768 O  O   . HOH G 7 .  ? 1.209   17.680  6.324   1.00 69.78  ? 210 HOH A O   1 
# 
loop_
_pdbx_poly_seq_scheme.asym_id 
_pdbx_poly_seq_scheme.entity_id 
_pdbx_poly_seq_scheme.seq_id 
_pdbx_poly_seq_scheme.mon_id 
_pdbx_poly_seq_scheme.ndb_seq_num 
_pdbx_poly_seq_scheme.pdb_seq_num 
_pdbx_poly_seq_scheme.auth_seq_num 
_pdbx_poly_seq_scheme.pdb_mon_id 
_pdbx_poly_seq_scheme.auth_mon_id 
_pdbx_poly_seq_scheme.pdb_strand_id 
_pdbx_poly_seq_scheme.pdb_ins_code 
_pdbx_poly_seq_scheme.hetero 
A 1 1  MET 1  1  1  MET MET A . n 
A 1 2  GLN 2  2  2  GLN GLN A . n 
A 1 3  ILE 3  3  3  ILE ILE A . n 
A 1 4  PHE 4  4  4  PHE PHE A . n 
A 1 5  VAL 5  5  5  VAL VAL A . n 
A 1 6  LYS 6  6  6  LYS LYS A . n 
A 1 7  THR 7  7  7  THR THR A . n 
A 1 8  LEU 8  8  8  LEU LEU A . n 
A 1 9  THR 9  9  9  THR THR A . n 
A 1 10 GLY 10 10 10 GLY GLY A . n 
A 1 11 LYS 11 11 11 LYS LYS A . n 
A 1 12 THR 12 12 12 THR THR A . n 
A 1 13 ILE 13 13 13 ILE ILE A . n 
A 1 14 THR 14 14 14 THR THR A . n 
A 1 15 LEU 15 15 15 LEU LEU A . n 
A 1 16 GLU 16 16 16 GLU GLU A . n 
A 1 17 VAL 17 17 17 VAL VAL A . n 
A 1 18 GLU 18 18 18 GLU GLU A . n 
A 1 19 PRO 19 19 19 PRO PRO A . n 
A 1 20 SER 20 20 20 SER SER A . n 
A 1 21 ASP 21 21 21 ASP ASP A . n 
A 1 22 THR 22 22 22 THR THR A . n 
A 1 23 ILE 23 23 23 ILE ILE A . n 
A 1 24 GLU 24 24 24 GLU GLU A . n 
A 1 25 ASN 25 25 25 ASN ASN A . n 
A 1 26 VAL 26 26 26 VAL VAL A . n 
A 1 27 LYS 27 27 27 LYS LYS A . n 
A 1 28 ALA 28 28 28 ALA ALA A . n 
A 1 29 LYS 29 29 29 LYS LYS A . n 
A 1 30 ILE 30 30 30 ILE ILE A . n 
A 1 31 GLN 31 31 31 GLN GLN A . n 
A 1 32 ASP 32 32 32 ASP ASP A . n 
A 1 33 LYS 33 33 33 LYS LYS A . n 
A 1 34 GLU 34 34 34 GLU GLU A . n 
A 1 35 GLY 35 35 35 GLY GLY A . n 
A 1 36 ILE 36 36 36 ILE ILE A . n 
A 1 37 PRO 37 37 37 PRO PRO A . n 
A 1 38 PRO 38 38 38 PRO PRO A . n 
A 1 39 ASP 39 39 39 ASP ASP A . n 
A 1 40 GLN 40 40 40 GLN GLN A . n 
A 1 41 GLN 41 41 41 GLN GLN A . n 
A 1 42 ARG 42 42 42 ARG ARG A . n 
A 1 43 LEU 43 43 43 LEU LEU A . n 
A 1 44 ILE 44 44 44 ILE ILE A . n 
A 1 45 PHE 45 45 45 PHE PHE A . n 
A 1 46 ALA 46 46 46 ALA ALA A . n 
A 1 47 GLY 47 47 47 GLY GLY A . n 
A 1 48 LYS 48 48 48 LYS LYS A . n 
A 1 49 GLN 49 49 49 GLN GLN A . n 
A 1 50 LEU 50 50 50 LEU LEU A . n 
A 1 51 GLU 51 51 51 GLU GLU A . n 
A 1 52 ASP 52 52 52 ASP ASP A . n 
A 1 53 GLY 53 53 53 GLY GLY A . n 
A 1 54 ARG 54 54 54 ARG ARG A . n 
A 1 55 THR 55 55 55 THR THR A . n 
A 1 56 LEU 56 56 56 LEU LEU A . n 
A 1 57 SER 57 57 57 SER SER A . n 
A 1 58 ASP 58 58 58 ASP ASP A . n 
A 1 59 TYR 59 59 59 TYR TYR A . n 
A 1 60 ASN 60 60 60 ASN ASN A . n 
A 1 61 ILE 61 61 61 ILE ILE A . n 
A 1 62 GLN 62 62 62 GLN GLN A . n 
A 1 63 LYS 63 63 63 LYS LYS A . n 
A 1 64 GLU 64 64 64 GLU GLU A . n 
A 1 65 SER 65 65 65 SER SER A . n 
A 1 66 THR 66 66 66 THR THR A . n 
A 1 67 LEU 67 67 67 LEU LEU A . n 
A 1 68 HIS 68 68 68 HIS HIS A . n 
A 1 69 LEU 69 69 69 LEU LEU A . n 
A 1 70 VAL 70 70 70 VAL VAL A . n 
A 1 71 LEU 71 71 71 LEU LEU A . n 
A 1 72 ARG 72 72 72 ARG ARG A . n 
A 1 73 LEU 73 73 73 LEU LEU A . n 
A 1 74 ARG 74 74 74 ARG ARG A . n 
A 1 75 GLY 75 75 75 GLY GLY A . n 
A 1 76 CCS 76 76 76 CCS CCS A . n 
A 1 77 LYS 77 77 77 LYS LYS A . n 
A 1 78 DAL 78 78 78 DAL DAL A . n 
A 1 79 DAL 79 79 79 DAL DAL A . n 
B 2 1  GHP 1  1  1  GHP NTR G . n 
B 2 2  3MY 2  2  2  3MY 3MY G . n 
B 2 3  3FG 3  3  3  3FG 3FG G . n 
B 2 4  GHP 4  4  4  GHP GHP G . n 
B 2 5  GHP 5  5  5  GHP GHP G . n 
B 2 6  OMX 6  6  6  OMX OMX G . n 
B 2 7  3FG 7  7  7  3FG 3FG G . n 
# 
loop_
_pdbx_nonpoly_scheme.asym_id 
_pdbx_nonpoly_scheme.entity_id 
_pdbx_nonpoly_scheme.mon_id 
_pdbx_nonpoly_scheme.ndb_seq_num 
_pdbx_nonpoly_scheme.pdb_seq_num 
_pdbx_nonpoly_scheme.auth_seq_num 
_pdbx_nonpoly_scheme.pdb_mon_id 
_pdbx_nonpoly_scheme.auth_mon_id 
_pdbx_nonpoly_scheme.pdb_strand_id 
_pdbx_nonpoly_scheme.pdb_ins_code 
C 3 GCS 1  8   8  GCS GCS G . 
D 4 T55 1  9   9  T55 T55 G . 
E 5 NAG 1  10  10 NAG NAG G . 
F 6 MAN 1  11  11 MAN MAN G . 
G 7 HOH 1  201 1  HOH HOH A . 
G 7 HOH 2  202 2  HOH HOH A . 
G 7 HOH 3  203 3  HOH HOH A . 
G 7 HOH 4  204 4  HOH HOH A . 
G 7 HOH 5  205 5  HOH HOH A . 
G 7 HOH 6  206 6  HOH HOH A . 
G 7 HOH 7  207 7  HOH HOH A . 
G 7 HOH 8  208 8  HOH HOH A . 
G 7 HOH 9  209 9  HOH HOH A . 
G 7 HOH 10 210 10 HOH HOH A . 
# 
_pdbx_molecule_features.prd_id    PRD_000882 
_pdbx_molecule_features.name      'MonodeChloro- Teicoplanin A2-2' 
_pdbx_molecule_features.type      Glycopeptide 
_pdbx_molecule_features.class     Antibiotic 
_pdbx_molecule_features.details   ? 
# 
loop_
_pdbx_molecule.instance_id 
_pdbx_molecule.prd_id 
_pdbx_molecule.asym_id 
1 PRD_000882 B 
1 PRD_000882 C 
1 PRD_000882 D 
1 PRD_000882 E 
1 PRD_000882 F 
# 
_pdbx_struct_assembly.id                   1 
_pdbx_struct_assembly.details              author_defined_assembly 
_pdbx_struct_assembly.method_details       ? 
_pdbx_struct_assembly.oligomeric_details   dimeric 
_pdbx_struct_assembly.oligomeric_count     2 
# 
_pdbx_struct_assembly_gen.assembly_id       1 
_pdbx_struct_assembly_gen.oper_expression   1 
_pdbx_struct_assembly_gen.asym_id_list      A,B,C,D,E,F,G 
# 
_pdbx_struct_oper_list.id                   1 
_pdbx_struct_oper_list.type                 'identity operation' 
_pdbx_struct_oper_list.name                 1_555 
_pdbx_struct_oper_list.symmetry_operation   x,y,z 
_pdbx_struct_oper_list.matrix[1][1]         1.0000000000 
_pdbx_struct_oper_list.matrix[1][2]         0.0000000000 
_pdbx_struct_oper_list.matrix[1][3]         0.0000000000 
_pdbx_struct_oper_list.vector[1]            0.0000000000 
_pdbx_struct_oper_list.matrix[2][1]         0.0000000000 
_pdbx_struct_oper_list.matrix[2][2]         1.0000000000 
_pdbx_struct_oper_list.matrix[2][3]         0.0000000000 
_pdbx_struct_oper_list.vector[2]            0.0000000000 
_pdbx_struct_oper_list.matrix[3][1]         0.0000000000 
_pdbx_struct_oper_list.matrix[3][2]         0.0000000000 
_pdbx_struct_oper_list.matrix[3][3]         1.0000000000 
_pdbx_struct_oper_list.vector[3]            0.0000000000 
# 
loop_
_pdbx_audit_revision_history.ordinal 
_pdbx_audit_revision_history.data_content_type 
_pdbx_audit_revision_history.major_revision 
_pdbx_audit_revision_history.minor_revision 
_pdbx_audit_revision_history.revision_date 
1 'Structure model' 1 0 2013-01-09 
2 'Structure model' 1 1 2013-03-27 
3 'Structure model' 1 2 2013-04-03 
4 'Structure model' 1 3 2013-06-19 
5 'Structure model' 2 0 2020-07-29 
6 'Structure model' 2 1 2023-09-13 
7 'Structure model' 3 0 2023-09-27 
8 'Structure model' 3 1 2023-12-06 
# 
loop_
_pdbx_audit_revision_details.ordinal 
_pdbx_audit_revision_details.revision_ordinal 
_pdbx_audit_revision_details.data_content_type 
_pdbx_audit_revision_details.provider 
_pdbx_audit_revision_details.type 
_pdbx_audit_revision_details.description 
_pdbx_audit_revision_details.details 
1 1 'Structure model' repository 'Initial release' ?                          ? 
2 5 'Structure model' repository Remediation       'Carbohydrate remediation' ? 
# 
loop_
_pdbx_audit_revision_group.ordinal 
_pdbx_audit_revision_group.revision_ordinal 
_pdbx_audit_revision_group.data_content_type 
_pdbx_audit_revision_group.group 
1  2 'Structure model' 'Structure summary'      
2  3 'Structure model' 'Derived calculations'   
3  4 'Structure model' 'Database references'    
4  5 'Structure model' 'Data collection'        
5  5 'Structure model' 'Derived calculations'   
6  5 'Structure model' 'Polymer sequence'       
7  5 'Structure model' 'Structure summary'      
8  6 'Structure model' 'Data collection'        
9  6 'Structure model' 'Database references'    
10 6 'Structure model' 'Refinement description' 
11 6 'Structure model' 'Structure summary'      
12 7 'Structure model' 'Polymer sequence'       
13 8 'Structure model' 'Data collection'        
14 8 'Structure model' 'Derived calculations'   
# 
loop_
_pdbx_audit_revision_category.ordinal 
_pdbx_audit_revision_category.revision_ordinal 
_pdbx_audit_revision_category.data_content_type 
_pdbx_audit_revision_category.category 
1  5 'Structure model' chem_comp                     
2  5 'Structure model' entity                        
3  5 'Structure model' entity_poly                   
4  5 'Structure model' pdbx_chem_comp_identifier     
5  5 'Structure model' pdbx_entity_nonpoly           
6  5 'Structure model' struct_conn                   
7  5 'Structure model' struct_site                   
8  5 'Structure model' struct_site_gen               
9  6 'Structure model' chem_comp                     
10 6 'Structure model' chem_comp_atom                
11 6 'Structure model' chem_comp_bond                
12 6 'Structure model' database_2                    
13 6 'Structure model' pdbx_initial_refinement_model 
14 7 'Structure model' entity_poly                   
15 8 'Structure model' chem_comp_atom                
16 8 'Structure model' chem_comp_bond                
17 8 'Structure model' struct_conn                   
# 
loop_
_pdbx_audit_revision_item.ordinal 
_pdbx_audit_revision_item.revision_ordinal 
_pdbx_audit_revision_item.data_content_type 
_pdbx_audit_revision_item.item 
1  5 'Structure model' '_chem_comp.name'                           
2  5 'Structure model' '_chem_comp.type'                           
3  5 'Structure model' '_entity.pdbx_description'                  
4  5 'Structure model' '_entity_poly.pdbx_seq_one_letter_code_can' 
5  5 'Structure model' '_pdbx_entity_nonpoly.name'                 
6  5 'Structure model' '_struct_conn.pdbx_dist_value'              
7  5 'Structure model' '_struct_conn.pdbx_leaving_atom_flag'       
8  5 'Structure model' '_struct_conn.ptnr1_auth_comp_id'           
9  5 'Structure model' '_struct_conn.ptnr1_auth_seq_id'            
10 5 'Structure model' '_struct_conn.ptnr1_label_atom_id'          
11 5 'Structure model' '_struct_conn.ptnr1_label_comp_id'          
12 5 'Structure model' '_struct_conn.ptnr1_label_seq_id'           
13 5 'Structure model' '_struct_conn.ptnr2_auth_comp_id'           
14 5 'Structure model' '_struct_conn.ptnr2_auth_seq_id'            
15 5 'Structure model' '_struct_conn.ptnr2_label_asym_id'          
16 5 'Structure model' '_struct_conn.ptnr2_label_atom_id'          
17 5 'Structure model' '_struct_conn.ptnr2_label_comp_id'          
18 5 'Structure model' '_struct_conn.ptnr2_label_seq_id'           
19 6 'Structure model' '_chem_comp.pdbx_synonyms'                  
20 6 'Structure model' '_database_2.pdbx_DOI'                      
21 6 'Structure model' '_database_2.pdbx_database_accession'       
22 7 'Structure model' '_entity_poly.type'                         
23 8 'Structure model' '_chem_comp_atom.atom_id'                   
24 8 'Structure model' '_chem_comp_bond.atom_id_2'                 
25 8 'Structure model' '_struct_conn.pdbx_leaving_atom_flag'       
# 
loop_
_software.name 
_software.classification 
_software.version 
_software.citation_id 
_software.pdbx_ordinal 
MOLREP phasing          .                            ? 1 
PHENIX refinement       '(phenix.refine: 1.6.2_432)' ? 2 
XDS    'data reduction' .                            ? 3 
XSCALE 'data scaling'   .                            ? 4 
# 
_pdbx_entry_details.entry_id                 3VFK 
_pdbx_entry_details.nonpolymer_details       ? 
_pdbx_entry_details.sequence_details         'C-TERMINAL FUSED BY MODIFIED CYS-LYS-D-ALA-D-ALA' 
_pdbx_entry_details.compound_details         
;AUTHORS STATED THE FOLLOWING: THE STARTING MATERIAL HAD TEICOPLANIN A2-2 THAT CONTAINED TWO CHLORINE ATOMS. THE ACTUAL CRYSTALS CONTAINED BOTH CHLORINE ATOMS BEFORE THEY WERE EXPOSED TO X-RAYS. ONE CHLORINE WAS REMOVED FROM TEICOPLANIN BY X-IRRADIATION DAMAGE EARLY IN THE DIFFRACTION EXPERIMENT
TEICOPLANIN IS A FAMILY OF TETRACYCLIC GLYCOPEPTIDE ANTIBIOTICS. THE SCAFFOLD IS A HEPTAPEPTIDE FURTHER GLYCOSYLATED BY THREE MONO SACCHARIDES: MANNOSE, N-ACETYLGLUCOSAMINE AND BETA-D-GLUCOSAMINE AND ONLY DIFFER BY THE SIDE CHAIN ATTACHED TO THE LATTER. TEICOPLANIN A2-2 HAS 8-METHYLNONANOIC ACID ATTACHED TO GLUCOSAMINE. HERE, TEICOPLANIN A2-2 WAS UNDER RADIATION DAMAGE, WHICH CAUSES THE LOSS OF ONE CHLORINE ATOM.
;
_pdbx_entry_details.source_details           ? 
_pdbx_entry_details.has_ligand_of_interest   ? 
# 
loop_
_pdbx_validate_torsion.id 
_pdbx_validate_torsion.PDB_model_num 
_pdbx_validate_torsion.auth_comp_id 
_pdbx_validate_torsion.auth_asym_id 
_pdbx_validate_torsion.auth_seq_id 
_pdbx_validate_torsion.PDB_ins_code 
_pdbx_validate_torsion.label_alt_id 
_pdbx_validate_torsion.phi 
_pdbx_validate_torsion.psi 
1 1 ARG A 54 ? ? -175.15 127.86 
2 1 3FG G 3  ? ? -143.02 -67.54 
# 
loop_
_chem_comp_atom.comp_id 
_chem_comp_atom.atom_id 
_chem_comp_atom.type_symbol 
_chem_comp_atom.pdbx_aromatic_flag 
_chem_comp_atom.pdbx_stereo_config 
_chem_comp_atom.pdbx_ordinal 
3FG N    N  N N 1   
3FG OD1  O  N N 2   
3FG CD1  C  Y N 3   
3FG CG1  C  Y N 4   
3FG CZ   C  Y N 5   
3FG CD2  C  Y N 6   
3FG OD2  O  N N 7   
3FG CG2  C  Y N 8   
3FG CB   C  Y N 9   
3FG CA   C  N S 10  
3FG C    C  N N 11  
3FG O    O  N N 12  
3FG OXT  O  N N 13  
3FG H    H  N N 14  
3FG H2   H  N N 15  
3FG HA   H  N N 16  
3FG HD1  H  N N 17  
3FG HG1  H  N N 18  
3FG HZ   H  N N 19  
3FG HD2  H  N N 20  
3FG HG2  H  N N 21  
3FG HXT  H  N N 22  
3MY OBD  O  N N 23  
3MY CZ   C  Y N 24  
3MY CE2  C  Y N 25  
3MY CD2  C  Y N 26  
3MY CL   CL N N 27  
3MY CE1  C  Y N 28  
3MY CD1  C  Y N 29  
3MY CG   C  Y N 30  
3MY CB   C  N N 31  
3MY CA   C  N R 32  
3MY C    C  N N 33  
3MY O    O  N N 34  
3MY N    N  N N 35  
3MY OXT  O  N N 36  
3MY HBD  H  N N 37  
3MY HE1  H  N N 38  
3MY HD2  H  N N 39  
3MY HD1  H  N N 40  
3MY HB1C H  N N 41  
3MY HB2C H  N N 42  
3MY HA   H  N N 43  
3MY H    H  N N 44  
3MY H2   H  N N 45  
3MY HXT  H  N N 46  
ALA N    N  N N 47  
ALA CA   C  N S 48  
ALA C    C  N N 49  
ALA O    O  N N 50  
ALA CB   C  N N 51  
ALA OXT  O  N N 52  
ALA H    H  N N 53  
ALA H2   H  N N 54  
ALA HA   H  N N 55  
ALA HB1  H  N N 56  
ALA HB2  H  N N 57  
ALA HB3  H  N N 58  
ALA HXT  H  N N 59  
ARG N    N  N N 60  
ARG CA   C  N S 61  
ARG C    C  N N 62  
ARG O    O  N N 63  
ARG CB   C  N N 64  
ARG CG   C  N N 65  
ARG CD   C  N N 66  
ARG NE   N  N N 67  
ARG CZ   C  N N 68  
ARG NH1  N  N N 69  
ARG NH2  N  N N 70  
ARG OXT  O  N N 71  
ARG H    H  N N 72  
ARG H2   H  N N 73  
ARG HA   H  N N 74  
ARG HB2  H  N N 75  
ARG HB3  H  N N 76  
ARG HG2  H  N N 77  
ARG HG3  H  N N 78  
ARG HD2  H  N N 79  
ARG HD3  H  N N 80  
ARG HE   H  N N 81  
ARG HH11 H  N N 82  
ARG HH12 H  N N 83  
ARG HH21 H  N N 84  
ARG HH22 H  N N 85  
ARG HXT  H  N N 86  
ASN N    N  N N 87  
ASN CA   C  N S 88  
ASN C    C  N N 89  
ASN O    O  N N 90  
ASN CB   C  N N 91  
ASN CG   C  N N 92  
ASN OD1  O  N N 93  
ASN ND2  N  N N 94  
ASN OXT  O  N N 95  
ASN H    H  N N 96  
ASN H2   H  N N 97  
ASN HA   H  N N 98  
ASN HB2  H  N N 99  
ASN HB3  H  N N 100 
ASN HD21 H  N N 101 
ASN HD22 H  N N 102 
ASN HXT  H  N N 103 
ASP N    N  N N 104 
ASP CA   C  N S 105 
ASP C    C  N N 106 
ASP O    O  N N 107 
ASP CB   C  N N 108 
ASP CG   C  N N 109 
ASP OD1  O  N N 110 
ASP OD2  O  N N 111 
ASP OXT  O  N N 112 
ASP H    H  N N 113 
ASP H2   H  N N 114 
ASP HA   H  N N 115 
ASP HB2  H  N N 116 
ASP HB3  H  N N 117 
ASP HD2  H  N N 118 
ASP HXT  H  N N 119 
CCS N    N  N N 120 
CCS CA   C  N R 121 
CCS CB   C  N N 122 
CCS SG   S  N N 123 
CCS CD   C  N N 124 
CCS CE   C  N N 125 
CCS OZ1  O  N N 126 
CCS OZ2  O  N N 127 
CCS C    C  N N 128 
CCS O    O  N N 129 
CCS OXT  O  N N 130 
CCS H    H  N N 131 
CCS H2   H  N N 132 
CCS HA   H  N N 133 
CCS HB2  H  N N 134 
CCS HB3  H  N N 135 
CCS HD2  H  N N 136 
CCS HD3  H  N N 137 
CCS HZ2  H  N N 138 
CCS HXT  H  N N 139 
DAL N    N  N N 140 
DAL CA   C  N R 141 
DAL CB   C  N N 142 
DAL C    C  N N 143 
DAL O    O  N N 144 
DAL OXT  O  N N 145 
DAL H    H  N N 146 
DAL H2   H  N N 147 
DAL HA   H  N N 148 
DAL HB1  H  N N 149 
DAL HB2  H  N N 150 
DAL HB3  H  N N 151 
DAL HXT  H  N N 152 
GCS C1   C  N R 153 
GCS C2   C  N R 154 
GCS C3   C  N R 155 
GCS C4   C  N S 156 
GCS C5   C  N R 157 
GCS C6   C  N N 158 
GCS N2   N  N N 159 
GCS O1   O  N N 160 
GCS O3   O  N N 161 
GCS O4   O  N N 162 
GCS O5   O  N N 163 
GCS O6   O  N N 164 
GCS H1   H  N N 165 
GCS H2   H  N N 166 
GCS H3   H  N N 167 
GCS H4   H  N N 168 
GCS H5   H  N N 169 
GCS H61  H  N N 170 
GCS H62  H  N N 171 
GCS HN21 H  N N 172 
GCS HN22 H  N N 173 
GCS HO1  H  N N 174 
GCS HO3  H  N N 175 
GCS HO4  H  N N 176 
GCS HO6  H  N N 177 
GHP N    N  N N 178 
GHP CA   C  N R 179 
GHP C    C  N N 180 
GHP O    O  N N 181 
GHP OXT  O  N N 182 
GHP C1   C  Y N 183 
GHP C2   C  Y N 184 
GHP C3   C  Y N 185 
GHP C4   C  Y N 186 
GHP O4   O  N N 187 
GHP C5   C  Y N 188 
GHP C6   C  Y N 189 
GHP H    H  N N 190 
GHP H2   H  N N 191 
GHP HA   H  N N 192 
GHP HXT  H  N N 193 
GHP HC2  H  N N 194 
GHP H3   H  N N 195 
GHP HO4  H  N N 196 
GHP H5   H  N N 197 
GHP H6   H  N N 198 
GLN N    N  N N 199 
GLN CA   C  N S 200 
GLN C    C  N N 201 
GLN O    O  N N 202 
GLN CB   C  N N 203 
GLN CG   C  N N 204 
GLN CD   C  N N 205 
GLN OE1  O  N N 206 
GLN NE2  N  N N 207 
GLN OXT  O  N N 208 
GLN H    H  N N 209 
GLN H2   H  N N 210 
GLN HA   H  N N 211 
GLN HB2  H  N N 212 
GLN HB3  H  N N 213 
GLN HG2  H  N N 214 
GLN HG3  H  N N 215 
GLN HE21 H  N N 216 
GLN HE22 H  N N 217 
GLN HXT  H  N N 218 
GLU N    N  N N 219 
GLU CA   C  N S 220 
GLU C    C  N N 221 
GLU O    O  N N 222 
GLU CB   C  N N 223 
GLU CG   C  N N 224 
GLU CD   C  N N 225 
GLU OE1  O  N N 226 
GLU OE2  O  N N 227 
GLU OXT  O  N N 228 
GLU H    H  N N 229 
GLU H2   H  N N 230 
GLU HA   H  N N 231 
GLU HB2  H  N N 232 
GLU HB3  H  N N 233 
GLU HG2  H  N N 234 
GLU HG3  H  N N 235 
GLU HE2  H  N N 236 
GLU HXT  H  N N 237 
GLY N    N  N N 238 
GLY CA   C  N N 239 
GLY C    C  N N 240 
GLY O    O  N N 241 
GLY OXT  O  N N 242 
GLY H    H  N N 243 
GLY H2   H  N N 244 
GLY HA2  H  N N 245 
GLY HA3  H  N N 246 
GLY HXT  H  N N 247 
HIS N    N  N N 248 
HIS CA   C  N S 249 
HIS C    C  N N 250 
HIS O    O  N N 251 
HIS CB   C  N N 252 
HIS CG   C  Y N 253 
HIS ND1  N  Y N 254 
HIS CD2  C  Y N 255 
HIS CE1  C  Y N 256 
HIS NE2  N  Y N 257 
HIS OXT  O  N N 258 
HIS H    H  N N 259 
HIS H2   H  N N 260 
HIS HA   H  N N 261 
HIS HB2  H  N N 262 
HIS HB3  H  N N 263 
HIS HD1  H  N N 264 
HIS HD2  H  N N 265 
HIS HE1  H  N N 266 
HIS HE2  H  N N 267 
HIS HXT  H  N N 268 
HOH O    O  N N 269 
HOH H1   H  N N 270 
HOH H2   H  N N 271 
ILE N    N  N N 272 
ILE CA   C  N S 273 
ILE C    C  N N 274 
ILE O    O  N N 275 
ILE CB   C  N S 276 
ILE CG1  C  N N 277 
ILE CG2  C  N N 278 
ILE CD1  C  N N 279 
ILE OXT  O  N N 280 
ILE H    H  N N 281 
ILE H2   H  N N 282 
ILE HA   H  N N 283 
ILE HB   H  N N 284 
ILE HG12 H  N N 285 
ILE HG13 H  N N 286 
ILE HG21 H  N N 287 
ILE HG22 H  N N 288 
ILE HG23 H  N N 289 
ILE HD11 H  N N 290 
ILE HD12 H  N N 291 
ILE HD13 H  N N 292 
ILE HXT  H  N N 293 
LEU N    N  N N 294 
LEU CA   C  N S 295 
LEU C    C  N N 296 
LEU O    O  N N 297 
LEU CB   C  N N 298 
LEU CG   C  N N 299 
LEU CD1  C  N N 300 
LEU CD2  C  N N 301 
LEU OXT  O  N N 302 
LEU H    H  N N 303 
LEU H2   H  N N 304 
LEU HA   H  N N 305 
LEU HB2  H  N N 306 
LEU HB3  H  N N 307 
LEU HG   H  N N 308 
LEU HD11 H  N N 309 
LEU HD12 H  N N 310 
LEU HD13 H  N N 311 
LEU HD21 H  N N 312 
LEU HD22 H  N N 313 
LEU HD23 H  N N 314 
LEU HXT  H  N N 315 
LYS N    N  N N 316 
LYS CA   C  N S 317 
LYS C    C  N N 318 
LYS O    O  N N 319 
LYS CB   C  N N 320 
LYS CG   C  N N 321 
LYS CD   C  N N 322 
LYS CE   C  N N 323 
LYS NZ   N  N N 324 
LYS OXT  O  N N 325 
LYS H    H  N N 326 
LYS H2   H  N N 327 
LYS HA   H  N N 328 
LYS HB2  H  N N 329 
LYS HB3  H  N N 330 
LYS HG2  H  N N 331 
LYS HG3  H  N N 332 
LYS HD2  H  N N 333 
LYS HD3  H  N N 334 
LYS HE2  H  N N 335 
LYS HE3  H  N N 336 
LYS HZ1  H  N N 337 
LYS HZ2  H  N N 338 
LYS HZ3  H  N N 339 
LYS HXT  H  N N 340 
MAN C1   C  N S 341 
MAN C2   C  N S 342 
MAN C3   C  N S 343 
MAN C4   C  N S 344 
MAN C5   C  N R 345 
MAN C6   C  N N 346 
MAN O1   O  N N 347 
MAN O2   O  N N 348 
MAN O3   O  N N 349 
MAN O4   O  N N 350 
MAN O5   O  N N 351 
MAN O6   O  N N 352 
MAN H1   H  N N 353 
MAN H2   H  N N 354 
MAN H3   H  N N 355 
MAN H4   H  N N 356 
MAN H5   H  N N 357 
MAN H61  H  N N 358 
MAN H62  H  N N 359 
MAN HO1  H  N N 360 
MAN HO2  H  N N 361 
MAN HO3  H  N N 362 
MAN HO4  H  N N 363 
MAN HO6  H  N N 364 
MET N    N  N N 365 
MET CA   C  N S 366 
MET C    C  N N 367 
MET O    O  N N 368 
MET CB   C  N N 369 
MET CG   C  N N 370 
MET SD   S  N N 371 
MET CE   C  N N 372 
MET OXT  O  N N 373 
MET H    H  N N 374 
MET H2   H  N N 375 
MET HA   H  N N 376 
MET HB2  H  N N 377 
MET HB3  H  N N 378 
MET HG2  H  N N 379 
MET HG3  H  N N 380 
MET HE1  H  N N 381 
MET HE2  H  N N 382 
MET HE3  H  N N 383 
MET HXT  H  N N 384 
NAG C1   C  N R 385 
NAG C2   C  N R 386 
NAG C3   C  N R 387 
NAG C4   C  N S 388 
NAG C5   C  N R 389 
NAG C6   C  N N 390 
NAG C7   C  N N 391 
NAG C8   C  N N 392 
NAG N2   N  N N 393 
NAG O1   O  N N 394 
NAG O3   O  N N 395 
NAG O4   O  N N 396 
NAG O5   O  N N 397 
NAG O6   O  N N 398 
NAG O7   O  N N 399 
NAG H1   H  N N 400 
NAG H2   H  N N 401 
NAG H3   H  N N 402 
NAG H4   H  N N 403 
NAG H5   H  N N 404 
NAG H61  H  N N 405 
NAG H62  H  N N 406 
NAG H81  H  N N 407 
NAG H82  H  N N 408 
NAG H83  H  N N 409 
NAG HN2  H  N N 410 
NAG HO1  H  N N 411 
NAG HO3  H  N N 412 
NAG HO4  H  N N 413 
NAG HO6  H  N N 414 
OMX N    N  N N 415 
OMX CA   C  N S 416 
OMX C    C  N N 417 
OMX O    O  N N 418 
OMX CB   C  N R 419 
OMX OC   O  N N 420 
OMX CG   C  Y N 421 
OMX CD1  C  Y N 422 
OMX CD2  C  Y N 423 
OMX CE1  C  Y N 424 
OMX CE2  C  Y N 425 
OMX CZ   C  Y N 426 
OMX OH   O  N N 427 
OMX OXT  O  N N 428 
OMX H    H  N N 429 
OMX H2   H  N N 430 
OMX HA   H  N N 431 
OMX HB   H  N N 432 
OMX HXT  H  N N 433 
OMX HC   H  N N 434 
OMX HD1  H  N N 435 
OMX HD2  H  N N 436 
OMX HE1  H  N N 437 
OMX HE2  H  N N 438 
OMX HH   H  N N 439 
PHE N    N  N N 440 
PHE CA   C  N S 441 
PHE C    C  N N 442 
PHE O    O  N N 443 
PHE CB   C  N N 444 
PHE CG   C  Y N 445 
PHE CD1  C  Y N 446 
PHE CD2  C  Y N 447 
PHE CE1  C  Y N 448 
PHE CE2  C  Y N 449 
PHE CZ   C  Y N 450 
PHE OXT  O  N N 451 
PHE H    H  N N 452 
PHE H2   H  N N 453 
PHE HA   H  N N 454 
PHE HB2  H  N N 455 
PHE HB3  H  N N 456 
PHE HD1  H  N N 457 
PHE HD2  H  N N 458 
PHE HE1  H  N N 459 
PHE HE2  H  N N 460 
PHE HZ   H  N N 461 
PHE HXT  H  N N 462 
PRO N    N  N N 463 
PRO CA   C  N S 464 
PRO C    C  N N 465 
PRO O    O  N N 466 
PRO CB   C  N N 467 
PRO CG   C  N N 468 
PRO CD   C  N N 469 
PRO OXT  O  N N 470 
PRO H    H  N N 471 
PRO HA   H  N N 472 
PRO HB2  H  N N 473 
PRO HB3  H  N N 474 
PRO HG2  H  N N 475 
PRO HG3  H  N N 476 
PRO HD2  H  N N 477 
PRO HD3  H  N N 478 
PRO HXT  H  N N 479 
SER N    N  N N 480 
SER CA   C  N S 481 
SER C    C  N N 482 
SER O    O  N N 483 
SER CB   C  N N 484 
SER OG   O  N N 485 
SER OXT  O  N N 486 
SER H    H  N N 487 
SER H2   H  N N 488 
SER HA   H  N N 489 
SER HB2  H  N N 490 
SER HB3  H  N N 491 
SER HG   H  N N 492 
SER HXT  H  N N 493 
T55 CAD  C  N N 494 
T55 CAE  C  N N 495 
T55 CAG  C  N N 496 
T55 CAH  C  N N 497 
T55 CAI  C  N N 498 
T55 CAJ  C  N N 499 
T55 CAK  C  N N 500 
T55 CAL  C  N N 501 
T55 CAF  C  N N 502 
T55 C    C  N N 503 
T55 O    O  N N 504 
T55 OXT  O  N N 505 
T55 HXT  H  N N 506 
T55 HAL1 H  N N 507 
T55 HAL2 H  N N 508 
T55 HAK1 H  N N 509 
T55 HAK2 H  N N 510 
T55 HAJ1 H  N N 511 
T55 HAJ2 H  N N 512 
T55 HAI1 H  N N 513 
T55 HAI2 H  N N 514 
T55 HAH1 H  N N 515 
T55 HAH2 H  N N 516 
T55 HAG1 H  N N 517 
T55 HAG2 H  N N 518 
T55 HAE  H  N N 519 
T55 HAD1 H  N N 520 
T55 HAD2 H  N N 521 
T55 HAD3 H  N N 522 
T55 HAF1 H  N N 523 
T55 HAF2 H  N N 524 
T55 HAF3 H  N N 525 
THR N    N  N N 526 
THR CA   C  N S 527 
THR C    C  N N 528 
THR O    O  N N 529 
THR CB   C  N R 530 
THR OG1  O  N N 531 
THR CG2  C  N N 532 
THR OXT  O  N N 533 
THR H    H  N N 534 
THR H2   H  N N 535 
THR HA   H  N N 536 
THR HB   H  N N 537 
THR HG1  H  N N 538 
THR HG21 H  N N 539 
THR HG22 H  N N 540 
THR HG23 H  N N 541 
THR HXT  H  N N 542 
TYR N    N  N N 543 
TYR CA   C  N S 544 
TYR C    C  N N 545 
TYR O    O  N N 546 
TYR CB   C  N N 547 
TYR CG   C  Y N 548 
TYR CD1  C  Y N 549 
TYR CD2  C  Y N 550 
TYR CE1  C  Y N 551 
TYR CE2  C  Y N 552 
TYR CZ   C  Y N 553 
TYR OH   O  N N 554 
TYR OXT  O  N N 555 
TYR H    H  N N 556 
TYR H2   H  N N 557 
TYR HA   H  N N 558 
TYR HB2  H  N N 559 
TYR HB3  H  N N 560 
TYR HD1  H  N N 561 
TYR HD2  H  N N 562 
TYR HE1  H  N N 563 
TYR HE2  H  N N 564 
TYR HH   H  N N 565 
TYR HXT  H  N N 566 
VAL N    N  N N 567 
VAL CA   C  N S 568 
VAL C    C  N N 569 
VAL O    O  N N 570 
VAL CB   C  N N 571 
VAL CG1  C  N N 572 
VAL CG2  C  N N 573 
VAL OXT  O  N N 574 
VAL H    H  N N 575 
VAL H2   H  N N 576 
VAL HA   H  N N 577 
VAL HB   H  N N 578 
VAL HG11 H  N N 579 
VAL HG12 H  N N 580 
VAL HG13 H  N N 581 
VAL HG21 H  N N 582 
VAL HG22 H  N N 583 
VAL HG23 H  N N 584 
VAL HXT  H  N N 585 
# 
loop_
_chem_comp_bond.comp_id 
_chem_comp_bond.atom_id_1 
_chem_comp_bond.atom_id_2 
_chem_comp_bond.value_order 
_chem_comp_bond.pdbx_aromatic_flag 
_chem_comp_bond.pdbx_stereo_config 
_chem_comp_bond.pdbx_ordinal 
3FG N   CA   sing N N 1   
3FG OD1 CD1  sing N N 2   
3FG CD1 CG1  sing Y N 3   
3FG CD1 CZ   doub Y N 4   
3FG CG1 CB   doub Y N 5   
3FG CZ  CD2  sing Y N 6   
3FG CD2 OD2  sing N N 7   
3FG CD2 CG2  doub Y N 8   
3FG CG2 CB   sing Y N 9   
3FG CB  CA   sing N N 10  
3FG CA  C    sing N N 11  
3FG C   O    doub N N 12  
3FG C   OXT  sing N N 13  
3FG N   H    sing N N 14  
3FG N   H2   sing N N 15  
3FG CA  HA   sing N N 16  
3FG OD1 HD1  sing N N 17  
3FG CG1 HG1  sing N N 18  
3FG CZ  HZ   sing N N 19  
3FG OD2 HD2  sing N N 20  
3FG CG2 HG2  sing N N 21  
3FG OXT HXT  sing N N 22  
3MY OBD CZ   sing N N 23  
3MY CZ  CE2  sing Y N 24  
3MY CZ  CE1  doub Y N 25  
3MY CE2 CD2  doub Y N 26  
3MY CE2 CL   sing N N 27  
3MY CD2 CG   sing Y N 28  
3MY CE1 CD1  sing Y N 29  
3MY CD1 CG   doub Y N 30  
3MY CG  CB   sing N N 31  
3MY CB  CA   sing N N 32  
3MY CA  C    sing N N 33  
3MY CA  N    sing N N 34  
3MY C   O    doub N N 35  
3MY C   OXT  sing N N 36  
3MY OBD HBD  sing N N 37  
3MY CE1 HE1  sing N N 38  
3MY CD2 HD2  sing N N 39  
3MY CD1 HD1  sing N N 40  
3MY CB  HB1C sing N N 41  
3MY CB  HB2C sing N N 42  
3MY CA  HA   sing N N 43  
3MY N   H    sing N N 44  
3MY N   H2   sing N N 45  
3MY OXT HXT  sing N N 46  
ALA N   CA   sing N N 47  
ALA N   H    sing N N 48  
ALA N   H2   sing N N 49  
ALA CA  C    sing N N 50  
ALA CA  CB   sing N N 51  
ALA CA  HA   sing N N 52  
ALA C   O    doub N N 53  
ALA C   OXT  sing N N 54  
ALA CB  HB1  sing N N 55  
ALA CB  HB2  sing N N 56  
ALA CB  HB3  sing N N 57  
ALA OXT HXT  sing N N 58  
ARG N   CA   sing N N 59  
ARG N   H    sing N N 60  
ARG N   H2   sing N N 61  
ARG CA  C    sing N N 62  
ARG CA  CB   sing N N 63  
ARG CA  HA   sing N N 64  
ARG C   O    doub N N 65  
ARG C   OXT  sing N N 66  
ARG CB  CG   sing N N 67  
ARG CB  HB2  sing N N 68  
ARG CB  HB3  sing N N 69  
ARG CG  CD   sing N N 70  
ARG CG  HG2  sing N N 71  
ARG CG  HG3  sing N N 72  
ARG CD  NE   sing N N 73  
ARG CD  HD2  sing N N 74  
ARG CD  HD3  sing N N 75  
ARG NE  CZ   sing N N 76  
ARG NE  HE   sing N N 77  
ARG CZ  NH1  sing N N 78  
ARG CZ  NH2  doub N N 79  
ARG NH1 HH11 sing N N 80  
ARG NH1 HH12 sing N N 81  
ARG NH2 HH21 sing N N 82  
ARG NH2 HH22 sing N N 83  
ARG OXT HXT  sing N N 84  
ASN N   CA   sing N N 85  
ASN N   H    sing N N 86  
ASN N   H2   sing N N 87  
ASN CA  C    sing N N 88  
ASN CA  CB   sing N N 89  
ASN CA  HA   sing N N 90  
ASN C   O    doub N N 91  
ASN C   OXT  sing N N 92  
ASN CB  CG   sing N N 93  
ASN CB  HB2  sing N N 94  
ASN CB  HB3  sing N N 95  
ASN CG  OD1  doub N N 96  
ASN CG  ND2  sing N N 97  
ASN ND2 HD21 sing N N 98  
ASN ND2 HD22 sing N N 99  
ASN OXT HXT  sing N N 100 
ASP N   CA   sing N N 101 
ASP N   H    sing N N 102 
ASP N   H2   sing N N 103 
ASP CA  C    sing N N 104 
ASP CA  CB   sing N N 105 
ASP CA  HA   sing N N 106 
ASP C   O    doub N N 107 
ASP C   OXT  sing N N 108 
ASP CB  CG   sing N N 109 
ASP CB  HB2  sing N N 110 
ASP CB  HB3  sing N N 111 
ASP CG  OD1  doub N N 112 
ASP CG  OD2  sing N N 113 
ASP OD2 HD2  sing N N 114 
ASP OXT HXT  sing N N 115 
CCS N   CA   sing N N 116 
CCS N   H    sing N N 117 
CCS N   H2   sing N N 118 
CCS CA  CB   sing N N 119 
CCS CA  C    sing N N 120 
CCS CA  HA   sing N N 121 
CCS CB  SG   sing N N 122 
CCS CB  HB2  sing N N 123 
CCS CB  HB3  sing N N 124 
CCS SG  CD   sing N N 125 
CCS CD  CE   sing N N 126 
CCS CD  HD2  sing N N 127 
CCS CD  HD3  sing N N 128 
CCS CE  OZ1  doub N N 129 
CCS CE  OZ2  sing N N 130 
CCS OZ2 HZ2  sing N N 131 
CCS C   O    doub N N 132 
CCS C   OXT  sing N N 133 
CCS OXT HXT  sing N N 134 
DAL N   CA   sing N N 135 
DAL N   H    sing N N 136 
DAL N   H2   sing N N 137 
DAL CA  CB   sing N N 138 
DAL CA  C    sing N N 139 
DAL CA  HA   sing N N 140 
DAL CB  HB1  sing N N 141 
DAL CB  HB2  sing N N 142 
DAL CB  HB3  sing N N 143 
DAL C   O    doub N N 144 
DAL C   OXT  sing N N 145 
DAL OXT HXT  sing N N 146 
GCS C1  C2   sing N N 147 
GCS C1  O1   sing N N 148 
GCS C1  O5   sing N N 149 
GCS C1  H1   sing N N 150 
GCS C2  C3   sing N N 151 
GCS C2  N2   sing N N 152 
GCS C2  H2   sing N N 153 
GCS C3  C4   sing N N 154 
GCS C3  O3   sing N N 155 
GCS C3  H3   sing N N 156 
GCS C4  C5   sing N N 157 
GCS C4  O4   sing N N 158 
GCS C4  H4   sing N N 159 
GCS C5  C6   sing N N 160 
GCS C5  O5   sing N N 161 
GCS C5  H5   sing N N 162 
GCS C6  O6   sing N N 163 
GCS C6  H61  sing N N 164 
GCS C6  H62  sing N N 165 
GCS N2  HN21 sing N N 166 
GCS N2  HN22 sing N N 167 
GCS O1  HO1  sing N N 168 
GCS O3  HO3  sing N N 169 
GCS O4  HO4  sing N N 170 
GCS O6  HO6  sing N N 171 
GHP N   CA   sing N N 172 
GHP N   H    sing N N 173 
GHP N   H2   sing N N 174 
GHP CA  C    sing N N 175 
GHP CA  C1   sing N N 176 
GHP CA  HA   sing N N 177 
GHP C   O    doub N N 178 
GHP C   OXT  sing N N 179 
GHP OXT HXT  sing N N 180 
GHP C1  C2   doub Y N 181 
GHP C1  C6   sing Y N 182 
GHP C2  C3   sing Y N 183 
GHP C2  HC2  sing N N 184 
GHP C3  C4   doub Y N 185 
GHP C3  H3   sing N N 186 
GHP C4  O4   sing N N 187 
GHP C4  C5   sing Y N 188 
GHP O4  HO4  sing N N 189 
GHP C5  C6   doub Y N 190 
GHP C5  H5   sing N N 191 
GHP C6  H6   sing N N 192 
GLN N   CA   sing N N 193 
GLN N   H    sing N N 194 
GLN N   H2   sing N N 195 
GLN CA  C    sing N N 196 
GLN CA  CB   sing N N 197 
GLN CA  HA   sing N N 198 
GLN C   O    doub N N 199 
GLN C   OXT  sing N N 200 
GLN CB  CG   sing N N 201 
GLN CB  HB2  sing N N 202 
GLN CB  HB3  sing N N 203 
GLN CG  CD   sing N N 204 
GLN CG  HG2  sing N N 205 
GLN CG  HG3  sing N N 206 
GLN CD  OE1  doub N N 207 
GLN CD  NE2  sing N N 208 
GLN NE2 HE21 sing N N 209 
GLN NE2 HE22 sing N N 210 
GLN OXT HXT  sing N N 211 
GLU N   CA   sing N N 212 
GLU N   H    sing N N 213 
GLU N   H2   sing N N 214 
GLU CA  C    sing N N 215 
GLU CA  CB   sing N N 216 
GLU CA  HA   sing N N 217 
GLU C   O    doub N N 218 
GLU C   OXT  sing N N 219 
GLU CB  CG   sing N N 220 
GLU CB  HB2  sing N N 221 
GLU CB  HB3  sing N N 222 
GLU CG  CD   sing N N 223 
GLU CG  HG2  sing N N 224 
GLU CG  HG3  sing N N 225 
GLU CD  OE1  doub N N 226 
GLU CD  OE2  sing N N 227 
GLU OE2 HE2  sing N N 228 
GLU OXT HXT  sing N N 229 
GLY N   CA   sing N N 230 
GLY N   H    sing N N 231 
GLY N   H2   sing N N 232 
GLY CA  C    sing N N 233 
GLY CA  HA2  sing N N 234 
GLY CA  HA3  sing N N 235 
GLY C   O    doub N N 236 
GLY C   OXT  sing N N 237 
GLY OXT HXT  sing N N 238 
HIS N   CA   sing N N 239 
HIS N   H    sing N N 240 
HIS N   H2   sing N N 241 
HIS CA  C    sing N N 242 
HIS CA  CB   sing N N 243 
HIS CA  HA   sing N N 244 
HIS C   O    doub N N 245 
HIS C   OXT  sing N N 246 
HIS CB  CG   sing N N 247 
HIS CB  HB2  sing N N 248 
HIS CB  HB3  sing N N 249 
HIS CG  ND1  sing Y N 250 
HIS CG  CD2  doub Y N 251 
HIS ND1 CE1  doub Y N 252 
HIS ND1 HD1  sing N N 253 
HIS CD2 NE2  sing Y N 254 
HIS CD2 HD2  sing N N 255 
HIS CE1 NE2  sing Y N 256 
HIS CE1 HE1  sing N N 257 
HIS NE2 HE2  sing N N 258 
HIS OXT HXT  sing N N 259 
HOH O   H1   sing N N 260 
HOH O   H2   sing N N 261 
ILE N   CA   sing N N 262 
ILE N   H    sing N N 263 
ILE N   H2   sing N N 264 
ILE CA  C    sing N N 265 
ILE CA  CB   sing N N 266 
ILE CA  HA   sing N N 267 
ILE C   O    doub N N 268 
ILE C   OXT  sing N N 269 
ILE CB  CG1  sing N N 270 
ILE CB  CG2  sing N N 271 
ILE CB  HB   sing N N 272 
ILE CG1 CD1  sing N N 273 
ILE CG1 HG12 sing N N 274 
ILE CG1 HG13 sing N N 275 
ILE CG2 HG21 sing N N 276 
ILE CG2 HG22 sing N N 277 
ILE CG2 HG23 sing N N 278 
ILE CD1 HD11 sing N N 279 
ILE CD1 HD12 sing N N 280 
ILE CD1 HD13 sing N N 281 
ILE OXT HXT  sing N N 282 
LEU N   CA   sing N N 283 
LEU N   H    sing N N 284 
LEU N   H2   sing N N 285 
LEU CA  C    sing N N 286 
LEU CA  CB   sing N N 287 
LEU CA  HA   sing N N 288 
LEU C   O    doub N N 289 
LEU C   OXT  sing N N 290 
LEU CB  CG   sing N N 291 
LEU CB  HB2  sing N N 292 
LEU CB  HB3  sing N N 293 
LEU CG  CD1  sing N N 294 
LEU CG  CD2  sing N N 295 
LEU CG  HG   sing N N 296 
LEU CD1 HD11 sing N N 297 
LEU CD1 HD12 sing N N 298 
LEU CD1 HD13 sing N N 299 
LEU CD2 HD21 sing N N 300 
LEU CD2 HD22 sing N N 301 
LEU CD2 HD23 sing N N 302 
LEU OXT HXT  sing N N 303 
LYS N   CA   sing N N 304 
LYS N   H    sing N N 305 
LYS N   H2   sing N N 306 
LYS CA  C    sing N N 307 
LYS CA  CB   sing N N 308 
LYS CA  HA   sing N N 309 
LYS C   O    doub N N 310 
LYS C   OXT  sing N N 311 
LYS CB  CG   sing N N 312 
LYS CB  HB2  sing N N 313 
LYS CB  HB3  sing N N 314 
LYS CG  CD   sing N N 315 
LYS CG  HG2  sing N N 316 
LYS CG  HG3  sing N N 317 
LYS CD  CE   sing N N 318 
LYS CD  HD2  sing N N 319 
LYS CD  HD3  sing N N 320 
LYS CE  NZ   sing N N 321 
LYS CE  HE2  sing N N 322 
LYS CE  HE3  sing N N 323 
LYS NZ  HZ1  sing N N 324 
LYS NZ  HZ2  sing N N 325 
LYS NZ  HZ3  sing N N 326 
LYS OXT HXT  sing N N 327 
MAN C1  C2   sing N N 328 
MAN C1  O1   sing N N 329 
MAN C1  O5   sing N N 330 
MAN C1  H1   sing N N 331 
MAN C2  C3   sing N N 332 
MAN C2  O2   sing N N 333 
MAN C2  H2   sing N N 334 
MAN C3  C4   sing N N 335 
MAN C3  O3   sing N N 336 
MAN C3  H3   sing N N 337 
MAN C4  C5   sing N N 338 
MAN C4  O4   sing N N 339 
MAN C4  H4   sing N N 340 
MAN C5  C6   sing N N 341 
MAN C5  O5   sing N N 342 
MAN C5  H5   sing N N 343 
MAN C6  O6   sing N N 344 
MAN C6  H61  sing N N 345 
MAN C6  H62  sing N N 346 
MAN O1  HO1  sing N N 347 
MAN O2  HO2  sing N N 348 
MAN O3  HO3  sing N N 349 
MAN O4  HO4  sing N N 350 
MAN O6  HO6  sing N N 351 
MET N   CA   sing N N 352 
MET N   H    sing N N 353 
MET N   H2   sing N N 354 
MET CA  C    sing N N 355 
MET CA  CB   sing N N 356 
MET CA  HA   sing N N 357 
MET C   O    doub N N 358 
MET C   OXT  sing N N 359 
MET CB  CG   sing N N 360 
MET CB  HB2  sing N N 361 
MET CB  HB3  sing N N 362 
MET CG  SD   sing N N 363 
MET CG  HG2  sing N N 364 
MET CG  HG3  sing N N 365 
MET SD  CE   sing N N 366 
MET CE  HE1  sing N N 367 
MET CE  HE2  sing N N 368 
MET CE  HE3  sing N N 369 
MET OXT HXT  sing N N 370 
NAG C1  C2   sing N N 371 
NAG C1  O1   sing N N 372 
NAG C1  O5   sing N N 373 
NAG C1  H1   sing N N 374 
NAG C2  C3   sing N N 375 
NAG C2  N2   sing N N 376 
NAG C2  H2   sing N N 377 
NAG C3  C4   sing N N 378 
NAG C3  O3   sing N N 379 
NAG C3  H3   sing N N 380 
NAG C4  C5   sing N N 381 
NAG C4  O4   sing N N 382 
NAG C4  H4   sing N N 383 
NAG C5  C6   sing N N 384 
NAG C5  O5   sing N N 385 
NAG C5  H5   sing N N 386 
NAG C6  O6   sing N N 387 
NAG C6  H61  sing N N 388 
NAG C6  H62  sing N N 389 
NAG C7  C8   sing N N 390 
NAG C7  N2   sing N N 391 
NAG C7  O7   doub N N 392 
NAG C8  H81  sing N N 393 
NAG C8  H82  sing N N 394 
NAG C8  H83  sing N N 395 
NAG N2  HN2  sing N N 396 
NAG O1  HO1  sing N N 397 
NAG O3  HO3  sing N N 398 
NAG O4  HO4  sing N N 399 
NAG O6  HO6  sing N N 400 
OMX N   CA   sing N N 401 
OMX CA  C    sing N N 402 
OMX CA  CB   sing N N 403 
OMX C   O    doub N N 404 
OMX C   OXT  sing N N 405 
OMX CB  OC   sing N N 406 
OMX CB  CG   sing N N 407 
OMX CG  CD1  sing Y N 408 
OMX CG  CD2  doub Y N 409 
OMX CD1 CE1  doub Y N 410 
OMX CD2 CE2  sing Y N 411 
OMX CE1 CZ   sing Y N 412 
OMX CE2 CZ   doub Y N 413 
OMX CZ  OH   sing N N 414 
OMX N   H    sing N N 415 
OMX N   H2   sing N N 416 
OMX CA  HA   sing N N 417 
OMX CB  HB   sing N N 418 
OMX OXT HXT  sing N N 419 
OMX OC  HC   sing N N 420 
OMX CD1 HD1  sing N N 421 
OMX CD2 HD2  sing N N 422 
OMX CE1 HE1  sing N N 423 
OMX CE2 HE2  sing N N 424 
OMX OH  HH   sing N N 425 
PHE N   CA   sing N N 426 
PHE N   H    sing N N 427 
PHE N   H2   sing N N 428 
PHE CA  C    sing N N 429 
PHE CA  CB   sing N N 430 
PHE CA  HA   sing N N 431 
PHE C   O    doub N N 432 
PHE C   OXT  sing N N 433 
PHE CB  CG   sing N N 434 
PHE CB  HB2  sing N N 435 
PHE CB  HB3  sing N N 436 
PHE CG  CD1  doub Y N 437 
PHE CG  CD2  sing Y N 438 
PHE CD1 CE1  sing Y N 439 
PHE CD1 HD1  sing N N 440 
PHE CD2 CE2  doub Y N 441 
PHE CD2 HD2  sing N N 442 
PHE CE1 CZ   doub Y N 443 
PHE CE1 HE1  sing N N 444 
PHE CE2 CZ   sing Y N 445 
PHE CE2 HE2  sing N N 446 
PHE CZ  HZ   sing N N 447 
PHE OXT HXT  sing N N 448 
PRO N   CA   sing N N 449 
PRO N   CD   sing N N 450 
PRO N   H    sing N N 451 
PRO CA  C    sing N N 452 
PRO CA  CB   sing N N 453 
PRO CA  HA   sing N N 454 
PRO C   O    doub N N 455 
PRO C   OXT  sing N N 456 
PRO CB  CG   sing N N 457 
PRO CB  HB2  sing N N 458 
PRO CB  HB3  sing N N 459 
PRO CG  CD   sing N N 460 
PRO CG  HG2  sing N N 461 
PRO CG  HG3  sing N N 462 
PRO CD  HD2  sing N N 463 
PRO CD  HD3  sing N N 464 
PRO OXT HXT  sing N N 465 
SER N   CA   sing N N 466 
SER N   H    sing N N 467 
SER N   H2   sing N N 468 
SER CA  C    sing N N 469 
SER CA  CB   sing N N 470 
SER CA  HA   sing N N 471 
SER C   O    doub N N 472 
SER C   OXT  sing N N 473 
SER CB  OG   sing N N 474 
SER CB  HB2  sing N N 475 
SER CB  HB3  sing N N 476 
SER OG  HG   sing N N 477 
SER OXT HXT  sing N N 478 
T55 OXT C    sing N N 479 
T55 CAL C    sing N N 480 
T55 CAL CAK  sing N N 481 
T55 C   O    doub N N 482 
T55 CAK CAJ  sing N N 483 
T55 CAJ CAI  sing N N 484 
T55 CAI CAH  sing N N 485 
T55 CAH CAG  sing N N 486 
T55 CAG CAE  sing N N 487 
T55 CAE CAD  sing N N 488 
T55 CAE CAF  sing N N 489 
T55 OXT HXT  sing N N 490 
T55 CAL HAL1 sing N N 491 
T55 CAL HAL2 sing N N 492 
T55 CAK HAK1 sing N N 493 
T55 CAK HAK2 sing N N 494 
T55 CAJ HAJ1 sing N N 495 
T55 CAJ HAJ2 sing N N 496 
T55 CAI HAI1 sing N N 497 
T55 CAI HAI2 sing N N 498 
T55 CAH HAH1 sing N N 499 
T55 CAH HAH2 sing N N 500 
T55 CAG HAG1 sing N N 501 
T55 CAG HAG2 sing N N 502 
T55 CAE HAE  sing N N 503 
T55 CAD HAD1 sing N N 504 
T55 CAD HAD2 sing N N 505 
T55 CAD HAD3 sing N N 506 
T55 CAF HAF1 sing N N 507 
T55 CAF HAF2 sing N N 508 
T55 CAF HAF3 sing N N 509 
THR N   CA   sing N N 510 
THR N   H    sing N N 511 
THR N   H2   sing N N 512 
THR CA  C    sing N N 513 
THR CA  CB   sing N N 514 
THR CA  HA   sing N N 515 
THR C   O    doub N N 516 
THR C   OXT  sing N N 517 
THR CB  OG1  sing N N 518 
THR CB  CG2  sing N N 519 
THR CB  HB   sing N N 520 
THR OG1 HG1  sing N N 521 
THR CG2 HG21 sing N N 522 
THR CG2 HG22 sing N N 523 
THR CG2 HG23 sing N N 524 
THR OXT HXT  sing N N 525 
TYR N   CA   sing N N 526 
TYR N   H    sing N N 527 
TYR N   H2   sing N N 528 
TYR CA  C    sing N N 529 
TYR CA  CB   sing N N 530 
TYR CA  HA   sing N N 531 
TYR C   O    doub N N 532 
TYR C   OXT  sing N N 533 
TYR CB  CG   sing N N 534 
TYR CB  HB2  sing N N 535 
TYR CB  HB3  sing N N 536 
TYR CG  CD1  doub Y N 537 
TYR CG  CD2  sing Y N 538 
TYR CD1 CE1  sing Y N 539 
TYR CD1 HD1  sing N N 540 
TYR CD2 CE2  doub Y N 541 
TYR CD2 HD2  sing N N 542 
TYR CE1 CZ   doub Y N 543 
TYR CE1 HE1  sing N N 544 
TYR CE2 CZ   sing Y N 545 
TYR CE2 HE2  sing N N 546 
TYR CZ  OH   sing N N 547 
TYR OH  HH   sing N N 548 
TYR OXT HXT  sing N N 549 
VAL N   CA   sing N N 550 
VAL N   H    sing N N 551 
VAL N   H2   sing N N 552 
VAL CA  C    sing N N 553 
VAL CA  CB   sing N N 554 
VAL CA  HA   sing N N 555 
VAL C   O    doub N N 556 
VAL C   OXT  sing N N 557 
VAL CB  CG1  sing N N 558 
VAL CB  CG2  sing N N 559 
VAL CB  HB   sing N N 560 
VAL CG1 HG11 sing N N 561 
VAL CG1 HG12 sing N N 562 
VAL CG1 HG13 sing N N 563 
VAL CG2 HG21 sing N N 564 
VAL CG2 HG22 sing N N 565 
VAL CG2 HG23 sing N N 566 
VAL OXT HXT  sing N N 567 
# 
loop_
_pdbx_chem_comp_identifier.comp_id 
_pdbx_chem_comp_identifier.type 
_pdbx_chem_comp_identifier.program 
_pdbx_chem_comp_identifier.program_version 
_pdbx_chem_comp_identifier.identifier 
GCS 'CONDENSED IUPAC CARBOHYDRATE SYMBOL' GMML     1.0 DGlcpNb                        
GCS 'COMMON NAME'                         GMML     1.0 b-D-glucopyranosamine          
GCS 'IUPAC CARBOHYDRATE SYMBOL'           PDB-CARE 1.0 b-D-GlcpN                      
GCS 'SNFG CARBOHYDRATE SYMBOL'            GMML     1.0 GlcN                           
MAN 'CONDENSED IUPAC CARBOHYDRATE SYMBOL' GMML     1.0 DManpa                         
MAN 'COMMON NAME'                         GMML     1.0 a-D-mannopyranose              
MAN 'IUPAC CARBOHYDRATE SYMBOL'           PDB-CARE 1.0 a-D-Manp                       
MAN 'SNFG CARBOHYDRATE SYMBOL'            GMML     1.0 Man                            
NAG 'CONDENSED IUPAC CARBOHYDRATE SYMBOL' GMML     1.0 DGlcpNAcb                      
NAG 'COMMON NAME'                         GMML     1.0 N-acetyl-b-D-glucopyranosamine 
NAG 'IUPAC CARBOHYDRATE SYMBOL'           PDB-CARE 1.0 b-D-GlcpNAc                    
NAG 'SNFG CARBOHYDRATE SYMBOL'            GMML     1.0 GlcNAc                         
# 
loop_
_pdbx_entity_nonpoly.entity_id 
_pdbx_entity_nonpoly.name 
_pdbx_entity_nonpoly.comp_id 
3 2-amino-2-deoxy-beta-D-glucopyranose     GCS 
4 '8-METHYLNONANOIC ACID'                  T55 
5 2-acetamido-2-deoxy-beta-D-glucopyranose NAG 
6 alpha-D-mannopyranose                    MAN 
7 water                                    HOH 
# 
_pdbx_initial_refinement_model.id               1 
_pdbx_initial_refinement_model.entity_id_list   ? 
_pdbx_initial_refinement_model.type             'experimental model' 
_pdbx_initial_refinement_model.source_name      PDB 
_pdbx_initial_refinement_model.accession_code   1UBQ 
_pdbx_initial_refinement_model.details          'PDB entry 1UBQ' 
# 
